data_2EB8
# 
_entry.id   2EB8 
# 
_audit_conform.dict_name       mmcif_pdbx.dic 
_audit_conform.dict_version    5.380 
_audit_conform.dict_location   http://mmcif.pdb.org/dictionaries/ascii/mmcif_pdbx.dic 
# 
loop_
_database_2.database_id 
_database_2.database_code 
_database_2.pdbx_database_accession 
_database_2.pdbx_DOI 
PDB   2EB8         pdb_00002eb8 10.2210/pdb2eb8/pdb 
RCSB  RCSB026456   ?            ?                   
WWPDB D_1000026456 ?            ?                   
# 
_pdbx_database_related.db_name        PDB 
_pdbx_database_related.db_id          2EB9 
_pdbx_database_related.details        . 
_pdbx_database_related.content_type   unspecified 
# 
_pdbx_database_status.status_code                     REL 
_pdbx_database_status.entry_id                        2EB8 
_pdbx_database_status.recvd_initial_deposition_date   2007-02-07 
_pdbx_database_status.deposit_site                    PDBJ 
_pdbx_database_status.process_site                    PDBJ 
_pdbx_database_status.status_code_sf                  REL 
_pdbx_database_status.status_code_mr                  ? 
_pdbx_database_status.SG_entry                        ? 
_pdbx_database_status.pdb_format_compatible           Y 
_pdbx_database_status.status_code_cs                  ? 
_pdbx_database_status.status_code_nmr_data            ? 
_pdbx_database_status.methods_development_category    ? 
# 
loop_
_audit_author.name 
_audit_author.pdbx_ordinal 
'Abe, S.'      1 
'Okazaki, S.'  2 
'Ueno, T.'     3 
'Hikage, T.'   4 
'Suzuki, A.'   5 
'Yamane, T.'   6 
'Watanabe, Y.' 7 
# 
_citation.id                        primary 
_citation.title                     
;Design and Structure Analysis of Artificial Metalloproteins: Selective Coordination of His64 to Copper Complexes with Square-Planar Structure in the apo-Myoglobin Scaffold
;
_citation.journal_abbrev            Inorg.Chem. 
_citation.journal_volume            46 
_citation.page_first                5137 
_citation.page_last                 5139 
_citation.year                      2007 
_citation.journal_id_ASTM           INOCAJ 
_citation.country                   US 
_citation.journal_id_ISSN           0020-1669 
_citation.journal_id_CSD            0009 
_citation.book_publisher            ? 
_citation.pdbx_database_id_PubMed   17523632 
_citation.pdbx_database_id_DOI      10.1021/ic070289m 
# 
loop_
_citation_author.citation_id 
_citation_author.name 
_citation_author.ordinal 
_citation_author.identifier_ORCID 
primary 'Abe, S.'       1 ? 
primary 'Ueno, T.'      2 ? 
primary 'Reddy, P.A.N.' 3 ? 
primary 'Okazaki, S.'   4 ? 
primary 'Hikage, T.'    5 ? 
primary 'Suzuki, A.'    6 ? 
primary 'Yamane, T.'    7 ? 
primary 'Nakajima, H.'  8 ? 
primary 'Watanabe, Y.'  9 ? 
# 
_cell.entry_id           2EB8 
_cell.length_a           32.691 
_cell.length_b           59.132 
_cell.length_c           74.188 
_cell.angle_alpha        90.00 
_cell.angle_beta         90.00 
_cell.angle_gamma        90.00 
_cell.Z_PDB              4 
_cell.pdbx_unique_axis   ? 
_cell.length_a_esd       ? 
_cell.length_b_esd       ? 
_cell.length_c_esd       ? 
_cell.angle_alpha_esd    ? 
_cell.angle_beta_esd     ? 
_cell.angle_gamma_esd    ? 
# 
_symmetry.entry_id                         2EB8 
_symmetry.space_group_name_H-M             'P 21 21 21' 
_symmetry.pdbx_full_space_group_name_H-M   ? 
_symmetry.cell_setting                     ? 
_symmetry.Int_Tables_number                19 
_symmetry.space_group_name_Hall            ? 
# 
loop_
_entity.id 
_entity.type 
_entity.src_method 
_entity.pdbx_description 
_entity.formula_weight 
_entity.pdbx_number_of_molecules 
_entity.pdbx_ec 
_entity.pdbx_mutation 
_entity.pdbx_fragment 
_entity.details 
1 polymer     man Myoglobin                                    17366.148 1   ? ? ? ? 
2 non-polymer syn 'PHOSPHATE ION'                              94.971    5   ? ? ? ? 
3 non-polymer syn '(N-SALICYLIDEN-L-PHENYLALANATO)-COPPER(II)' 330.825   1   ? ? ? ? 
4 water       nat water                                        18.015    136 ? ? ? ? 
# 
_entity_poly.entity_id                      1 
_entity_poly.type                           'polypeptide(L)' 
_entity_poly.nstd_linkage                   no 
_entity_poly.nstd_monomer                   no 
_entity_poly.pdbx_seq_one_letter_code       
;MVLSEGEWQLVLHVWAKVEADVAGHGQDILIRLFKSHPETLEKFDRFKHLKTEAEMKASEDLKKHGVTVLTALGAILKKK
GHHEAELKPLAQSHATKHKIPIKYLEFISEAIIHVLHSRHPGDFGADAQGAMNKALELFRKDIAAKYKELGYQG
;
_entity_poly.pdbx_seq_one_letter_code_can   
;MVLSEGEWQLVLHVWAKVEADVAGHGQDILIRLFKSHPETLEKFDRFKHLKTEAEMKASEDLKKHGVTVLTALGAILKKK
GHHEAELKPLAQSHATKHKIPIKYLEFISEAIIHVLHSRHPGDFGADAQGAMNKALELFRKDIAAKYKELGYQG
;
_entity_poly.pdbx_strand_id                 A 
_entity_poly.pdbx_target_identifier         ? 
# 
loop_
_entity_poly_seq.entity_id 
_entity_poly_seq.num 
_entity_poly_seq.mon_id 
_entity_poly_seq.hetero 
1 1   MET n 
1 2   VAL n 
1 3   LEU n 
1 4   SER n 
1 5   GLU n 
1 6   GLY n 
1 7   GLU n 
1 8   TRP n 
1 9   GLN n 
1 10  LEU n 
1 11  VAL n 
1 12  LEU n 
1 13  HIS n 
1 14  VAL n 
1 15  TRP n 
1 16  ALA n 
1 17  LYS n 
1 18  VAL n 
1 19  GLU n 
1 20  ALA n 
1 21  ASP n 
1 22  VAL n 
1 23  ALA n 
1 24  GLY n 
1 25  HIS n 
1 26  GLY n 
1 27  GLN n 
1 28  ASP n 
1 29  ILE n 
1 30  LEU n 
1 31  ILE n 
1 32  ARG n 
1 33  LEU n 
1 34  PHE n 
1 35  LYS n 
1 36  SER n 
1 37  HIS n 
1 38  PRO n 
1 39  GLU n 
1 40  THR n 
1 41  LEU n 
1 42  GLU n 
1 43  LYS n 
1 44  PHE n 
1 45  ASP n 
1 46  ARG n 
1 47  PHE n 
1 48  LYS n 
1 49  HIS n 
1 50  LEU n 
1 51  LYS n 
1 52  THR n 
1 53  GLU n 
1 54  ALA n 
1 55  GLU n 
1 56  MET n 
1 57  LYS n 
1 58  ALA n 
1 59  SER n 
1 60  GLU n 
1 61  ASP n 
1 62  LEU n 
1 63  LYS n 
1 64  LYS n 
1 65  HIS n 
1 66  GLY n 
1 67  VAL n 
1 68  THR n 
1 69  VAL n 
1 70  LEU n 
1 71  THR n 
1 72  ALA n 
1 73  LEU n 
1 74  GLY n 
1 75  ALA n 
1 76  ILE n 
1 77  LEU n 
1 78  LYS n 
1 79  LYS n 
1 80  LYS n 
1 81  GLY n 
1 82  HIS n 
1 83  HIS n 
1 84  GLU n 
1 85  ALA n 
1 86  GLU n 
1 87  LEU n 
1 88  LYS n 
1 89  PRO n 
1 90  LEU n 
1 91  ALA n 
1 92  GLN n 
1 93  SER n 
1 94  HIS n 
1 95  ALA n 
1 96  THR n 
1 97  LYS n 
1 98  HIS n 
1 99  LYS n 
1 100 ILE n 
1 101 PRO n 
1 102 ILE n 
1 103 LYS n 
1 104 TYR n 
1 105 LEU n 
1 106 GLU n 
1 107 PHE n 
1 108 ILE n 
1 109 SER n 
1 110 GLU n 
1 111 ALA n 
1 112 ILE n 
1 113 ILE n 
1 114 HIS n 
1 115 VAL n 
1 116 LEU n 
1 117 HIS n 
1 118 SER n 
1 119 ARG n 
1 120 HIS n 
1 121 PRO n 
1 122 GLY n 
1 123 ASP n 
1 124 PHE n 
1 125 GLY n 
1 126 ALA n 
1 127 ASP n 
1 128 ALA n 
1 129 GLN n 
1 130 GLY n 
1 131 ALA n 
1 132 MET n 
1 133 ASN n 
1 134 LYS n 
1 135 ALA n 
1 136 LEU n 
1 137 GLU n 
1 138 LEU n 
1 139 PHE n 
1 140 ARG n 
1 141 LYS n 
1 142 ASP n 
1 143 ILE n 
1 144 ALA n 
1 145 ALA n 
1 146 LYS n 
1 147 TYR n 
1 148 LYS n 
1 149 GLU n 
1 150 LEU n 
1 151 GLY n 
1 152 TYR n 
1 153 GLN n 
1 154 GLY n 
# 
_entity_src_gen.entity_id                          1 
_entity_src_gen.pdbx_src_id                        1 
_entity_src_gen.pdbx_alt_source_flag               sample 
_entity_src_gen.pdbx_seq_type                      ? 
_entity_src_gen.pdbx_beg_seq_num                   ? 
_entity_src_gen.pdbx_end_seq_num                   ? 
_entity_src_gen.gene_src_common_name               'sperm whale' 
_entity_src_gen.gene_src_genus                     Physeter 
_entity_src_gen.pdbx_gene_src_gene                 ? 
_entity_src_gen.gene_src_species                   ? 
_entity_src_gen.gene_src_strain                    ? 
_entity_src_gen.gene_src_tissue                    ? 
_entity_src_gen.gene_src_tissue_fraction           ? 
_entity_src_gen.gene_src_details                   ? 
_entity_src_gen.pdbx_gene_src_fragment             ? 
_entity_src_gen.pdbx_gene_src_scientific_name      'Physeter catodon' 
_entity_src_gen.pdbx_gene_src_ncbi_taxonomy_id     9755 
_entity_src_gen.pdbx_gene_src_variant              ? 
_entity_src_gen.pdbx_gene_src_cell_line            ? 
_entity_src_gen.pdbx_gene_src_atcc                 ? 
_entity_src_gen.pdbx_gene_src_organ                ? 
_entity_src_gen.pdbx_gene_src_organelle            ? 
_entity_src_gen.pdbx_gene_src_cell                 ? 
_entity_src_gen.pdbx_gene_src_cellular_location    ? 
_entity_src_gen.host_org_common_name               ? 
_entity_src_gen.pdbx_host_org_scientific_name      'Escherichia coli' 
_entity_src_gen.pdbx_host_org_ncbi_taxonomy_id     562 
_entity_src_gen.host_org_genus                     Escherichia 
_entity_src_gen.pdbx_host_org_gene                 ? 
_entity_src_gen.pdbx_host_org_organ                ? 
_entity_src_gen.host_org_species                   ? 
_entity_src_gen.pdbx_host_org_tissue               ? 
_entity_src_gen.pdbx_host_org_tissue_fraction      ? 
_entity_src_gen.pdbx_host_org_strain               TB-1 
_entity_src_gen.pdbx_host_org_variant              ? 
_entity_src_gen.pdbx_host_org_cell_line            ? 
_entity_src_gen.pdbx_host_org_atcc                 ? 
_entity_src_gen.pdbx_host_org_culture_collection   ? 
_entity_src_gen.pdbx_host_org_cell                 ? 
_entity_src_gen.pdbx_host_org_organelle            ? 
_entity_src_gen.pdbx_host_org_cellular_location    ? 
_entity_src_gen.pdbx_host_org_vector_type          PLASMID 
_entity_src_gen.pdbx_host_org_vector               ? 
_entity_src_gen.host_org_details                   ? 
_entity_src_gen.expression_system_id               ? 
_entity_src_gen.plasmid_name                       PUC19 
_entity_src_gen.plasmid_details                    ? 
_entity_src_gen.pdbx_description                   ? 
# 
_struct_ref.id                         1 
_struct_ref.db_name                    UNP 
_struct_ref.db_code                    MYG_PHYCA 
_struct_ref.pdbx_db_accession          P02185 
_struct_ref.entity_id                  1 
_struct_ref.pdbx_seq_one_letter_code   
;MVLSEGEWQLVLHVWAKVEADVAGHGQDILIRLFKSHPETLEKFDRFKHLKTEAEMKASEDLKKHGVTVLTALGAILKKK
GHHEAELKPLAQSHATKHKIPIKYLEFISEAIIHVLHSRHPGDFGADAQGAMNKALELFRKDIAAKYKELGYQG
;
_struct_ref.pdbx_align_begin           1 
_struct_ref.pdbx_db_isoform            ? 
# 
_struct_ref_seq.align_id                      1 
_struct_ref_seq.ref_id                        1 
_struct_ref_seq.pdbx_PDB_id_code              2EB8 
_struct_ref_seq.pdbx_strand_id                A 
_struct_ref_seq.seq_align_beg                 1 
_struct_ref_seq.pdbx_seq_align_beg_ins_code   ? 
_struct_ref_seq.seq_align_end                 154 
_struct_ref_seq.pdbx_seq_align_end_ins_code   ? 
_struct_ref_seq.pdbx_db_accession             P02185 
_struct_ref_seq.db_align_beg                  1 
_struct_ref_seq.pdbx_db_align_beg_ins_code    ? 
_struct_ref_seq.db_align_end                  154 
_struct_ref_seq.pdbx_db_align_end_ins_code    ? 
_struct_ref_seq.pdbx_auth_seq_align_beg       0 
_struct_ref_seq.pdbx_auth_seq_align_end       153 
# 
loop_
_chem_comp.id 
_chem_comp.type 
_chem_comp.mon_nstd_flag 
_chem_comp.name 
_chem_comp.pdbx_synonyms 
_chem_comp.formula 
_chem_comp.formula_weight 
ALA 'L-peptide linking' y ALANINE                                      ? 'C3 H7 N O2'      89.093  
ARG 'L-peptide linking' y ARGININE                                     ? 'C6 H15 N4 O2 1'  175.209 
ASN 'L-peptide linking' y ASPARAGINE                                   ? 'C4 H8 N2 O3'     132.118 
ASP 'L-peptide linking' y 'ASPARTIC ACID'                              ? 'C4 H7 N O4'      133.103 
CUP non-polymer         . '(N-SALICYLIDEN-L-PHENYLALANATO)-COPPER(II)' ? 'C16 H13 Cu N O3' 330.825 
GLN 'L-peptide linking' y GLUTAMINE                                    ? 'C5 H10 N2 O3'    146.144 
GLU 'L-peptide linking' y 'GLUTAMIC ACID'                              ? 'C5 H9 N O4'      147.129 
GLY 'peptide linking'   y GLYCINE                                      ? 'C2 H5 N O2'      75.067  
HIS 'L-peptide linking' y HISTIDINE                                    ? 'C6 H10 N3 O2 1'  156.162 
HOH non-polymer         . WATER                                        ? 'H2 O'            18.015  
ILE 'L-peptide linking' y ISOLEUCINE                                   ? 'C6 H13 N O2'     131.173 
LEU 'L-peptide linking' y LEUCINE                                      ? 'C6 H13 N O2'     131.173 
LYS 'L-peptide linking' y LYSINE                                       ? 'C6 H15 N2 O2 1'  147.195 
MET 'L-peptide linking' y METHIONINE                                   ? 'C5 H11 N O2 S'   149.211 
PHE 'L-peptide linking' y PHENYLALANINE                                ? 'C9 H11 N O2'     165.189 
PO4 non-polymer         . 'PHOSPHATE ION'                              ? 'O4 P -3'         94.971  
PRO 'L-peptide linking' y PROLINE                                      ? 'C5 H9 N O2'      115.130 
SER 'L-peptide linking' y SERINE                                       ? 'C3 H7 N O3'      105.093 
THR 'L-peptide linking' y THREONINE                                    ? 'C4 H9 N O3'      119.119 
TRP 'L-peptide linking' y TRYPTOPHAN                                   ? 'C11 H12 N2 O2'   204.225 
TYR 'L-peptide linking' y TYROSINE                                     ? 'C9 H11 N O3'     181.189 
VAL 'L-peptide linking' y VALINE                                       ? 'C5 H11 N O2'     117.146 
# 
_exptl.entry_id          2EB8 
_exptl.method            'X-RAY DIFFRACTION' 
_exptl.crystals_number   1 
# 
_exptl_crystal.id                    1 
_exptl_crystal.density_meas          ? 
_exptl_crystal.density_Matthews      2.06 
_exptl_crystal.density_percent_sol   40.41 
_exptl_crystal.description           ? 
_exptl_crystal.F_000                 ? 
_exptl_crystal.preparation           ? 
# 
_exptl_crystal_grow.crystal_id      1 
_exptl_crystal_grow.method          'VAPOR DIFFUSION, HANGING DROP' 
_exptl_crystal_grow.temp            277 
_exptl_crystal_grow.temp_details    ? 
_exptl_crystal_grow.pH              6.8 
_exptl_crystal_grow.pdbx_details    '1.3M Sodium, Pottasium Phosphate, pH 6.8, VAPOR DIFFUSION, HANGING DROP, temperature 277K' 
_exptl_crystal_grow.pdbx_pH_range   . 
# 
_diffrn.id                     1 
_diffrn.ambient_temp           100 
_diffrn.ambient_temp_details   ? 
_diffrn.crystal_id             1 
# 
_diffrn_detector.diffrn_id              1 
_diffrn_detector.detector               'IMAGE PLATE' 
_diffrn_detector.type                   'RIGAKU RAXIS VII' 
_diffrn_detector.pdbx_collection_date   2005-07-29 
_diffrn_detector.details                ? 
# 
_diffrn_radiation.diffrn_id                        1 
_diffrn_radiation.wavelength_id                    1 
_diffrn_radiation.pdbx_monochromatic_or_laue_m_l   M 
_diffrn_radiation.monochromator                    'CONFOCAL MIRRORS' 
_diffrn_radiation.pdbx_diffrn_protocol             'SINGLE WAVELENGTH' 
_diffrn_radiation.pdbx_scattering_type             x-ray 
# 
_diffrn_radiation_wavelength.id           1 
_diffrn_radiation_wavelength.wavelength   1.5418 
_diffrn_radiation_wavelength.wt           1.0 
# 
_diffrn_source.diffrn_id                   1 
_diffrn_source.source                      'ROTATING ANODE' 
_diffrn_source.type                        RIGAKU 
_diffrn_source.pdbx_synchrotron_site       ? 
_diffrn_source.pdbx_synchrotron_beamline   ? 
_diffrn_source.pdbx_wavelength             ? 
_diffrn_source.pdbx_wavelength_list        1.5418 
# 
_reflns.entry_id                     2EB8 
_reflns.observed_criterion_sigma_F   ? 
_reflns.observed_criterion_sigma_I   0.0 
_reflns.d_resolution_high            1.65 
_reflns.d_resolution_low             50.0 
_reflns.number_all                   ? 
_reflns.number_obs                   17781 
_reflns.percent_possible_obs         98.8 
_reflns.pdbx_Rmerge_I_obs            0.092 
_reflns.pdbx_Rsym_value              ? 
_reflns.pdbx_netI_over_sigmaI        40.59 
_reflns.B_iso_Wilson_estimate        21.168 
_reflns.pdbx_redundancy              9.4 
_reflns.R_free_details               ? 
_reflns.limit_h_max                  ? 
_reflns.limit_h_min                  ? 
_reflns.limit_k_max                  ? 
_reflns.limit_k_min                  ? 
_reflns.limit_l_max                  ? 
_reflns.limit_l_min                  ? 
_reflns.observed_criterion_F_max     ? 
_reflns.observed_criterion_F_min     ? 
_reflns.pdbx_chi_squared             ? 
_reflns.pdbx_scaling_rejects         ? 
_reflns.pdbx_diffrn_id               1 
_reflns.pdbx_ordinal                 1 
# 
_reflns_shell.d_res_high             1.65 
_reflns_shell.d_res_low              1.71 
_reflns_shell.percent_possible_all   96.4 
_reflns_shell.Rmerge_I_obs           0.293 
_reflns_shell.pdbx_Rsym_value        ? 
_reflns_shell.meanI_over_sigI_obs    ? 
_reflns_shell.pdbx_redundancy        ? 
_reflns_shell.percent_possible_obs   ? 
_reflns_shell.number_unique_all      ? 
_reflns_shell.number_measured_all    ? 
_reflns_shell.number_measured_obs    ? 
_reflns_shell.number_unique_obs      ? 
_reflns_shell.pdbx_chi_squared       ? 
_reflns_shell.pdbx_diffrn_id         ? 
_reflns_shell.pdbx_ordinal           1 
# 
_refine.entry_id                                 2EB8 
_refine.ls_number_reflns_obs                     16850 
_refine.ls_number_reflns_all                     ? 
_refine.pdbx_ls_sigma_I                          ? 
_refine.pdbx_ls_sigma_F                          ? 
_refine.pdbx_data_cutoff_high_absF               ? 
_refine.pdbx_data_cutoff_low_absF                ? 
_refine.pdbx_data_cutoff_high_rms_absF           ? 
_refine.ls_d_res_low                             26.70 
_refine.ls_d_res_high                            1.65 
_refine.ls_percent_reflns_obs                    98.83 
_refine.ls_R_factor_obs                          0.20546 
_refine.ls_R_factor_all                          ? 
_refine.ls_R_factor_R_work                       0.2034 
_refine.ls_R_factor_R_free                       0.24636 
_refine.ls_R_factor_R_free_error                 ? 
_refine.ls_R_factor_R_free_error_details         ? 
_refine.ls_percent_reflns_R_free                 5.1 
_refine.ls_number_reflns_R_free                  906 
_refine.ls_number_parameters                     ? 
_refine.ls_number_restraints                     ? 
_refine.occupancy_min                            ? 
_refine.occupancy_max                            ? 
_refine.correlation_coeff_Fo_to_Fc               0.951 
_refine.correlation_coeff_Fo_to_Fc_free          0.929 
_refine.B_iso_mean                               20.433 
_refine.aniso_B[1][1]                            0.00 
_refine.aniso_B[2][2]                            0.00 
_refine.aniso_B[3][3]                            0.00 
_refine.aniso_B[1][2]                            0.00 
_refine.aniso_B[1][3]                            0.00 
_refine.aniso_B[2][3]                            0.00 
_refine.solvent_model_details                    MASK 
_refine.solvent_model_param_ksol                 ? 
_refine.solvent_model_param_bsol                 ? 
_refine.pdbx_solvent_vdw_probe_radii             1.20 
_refine.pdbx_solvent_ion_probe_radii             0.80 
_refine.pdbx_solvent_shrinkage_radii             0.80 
_refine.pdbx_ls_cross_valid_method               THROUGHOUT 
_refine.details                                  ? 
_refine.pdbx_starting_model                      1V9Q 
_refine.pdbx_method_to_determine_struct          'MOLECULAR REPLACEMENT' 
_refine.pdbx_isotropic_thermal_model             ? 
_refine.pdbx_stereochemistry_target_values       'MAXIMUM LIKELIHOOD' 
_refine.pdbx_stereochem_target_val_spec_case     ? 
_refine.pdbx_R_Free_selection_details            RANDOM 
_refine.pdbx_overall_ESU_R                       0.122 
_refine.pdbx_overall_ESU_R_Free                  0.121 
_refine.overall_SU_ML                            0.072 
_refine.overall_SU_B                             2.062 
_refine.ls_redundancy_reflns_obs                 ? 
_refine.B_iso_min                                ? 
_refine.B_iso_max                                ? 
_refine.overall_SU_R_Cruickshank_DPI             ? 
_refine.overall_SU_R_free                        ? 
_refine.ls_wR_factor_R_free                      ? 
_refine.ls_wR_factor_R_work                      ? 
_refine.overall_FOM_free_R_set                   ? 
_refine.overall_FOM_work_R_set                   ? 
_refine.pdbx_refine_id                           'X-RAY DIFFRACTION' 
_refine.pdbx_diffrn_id                           1 
_refine.pdbx_TLS_residual_ADP_flag               ? 
_refine.pdbx_overall_phase_error                 ? 
_refine.pdbx_overall_SU_R_free_Cruickshank_DPI   ? 
_refine.pdbx_overall_SU_R_Blow_DPI               ? 
_refine.pdbx_overall_SU_R_free_Blow_DPI          ? 
# 
_refine_hist.pdbx_refine_id                   'X-RAY DIFFRACTION' 
_refine_hist.cycle_id                         LAST 
_refine_hist.pdbx_number_atoms_protein        1240 
_refine_hist.pdbx_number_atoms_nucleic_acid   0 
_refine_hist.pdbx_number_atoms_ligand         46 
_refine_hist.number_atoms_solvent             136 
_refine_hist.number_atoms_total               1422 
_refine_hist.d_res_high                       1.65 
_refine_hist.d_res_low                        26.70 
# 
loop_
_refine_ls_restr.type 
_refine_ls_restr.dev_ideal 
_refine_ls_restr.dev_ideal_target 
_refine_ls_restr.weight 
_refine_ls_restr.number 
_refine_ls_restr.pdbx_refine_id 
_refine_ls_restr.pdbx_restraint_function 
r_bond_refined_d         0.013  0.022  ? 1315 'X-RAY DIFFRACTION' ? 
r_angle_refined_deg      1.483  1.994  ? 1776 'X-RAY DIFFRACTION' ? 
r_dihedral_angle_1_deg   4.543  5.000  ? 159  'X-RAY DIFFRACTION' ? 
r_dihedral_angle_2_deg   34.400 24.259 ? 54   'X-RAY DIFFRACTION' ? 
r_dihedral_angle_3_deg   14.203 15.000 ? 246  'X-RAY DIFFRACTION' ? 
r_dihedral_angle_4_deg   16.889 15.000 ? 4    'X-RAY DIFFRACTION' ? 
r_chiral_restr           0.089  0.200  ? 189  'X-RAY DIFFRACTION' ? 
r_gen_planes_refined     0.005  0.020  ? 953  'X-RAY DIFFRACTION' ? 
r_nbd_refined            0.216  0.200  ? 640  'X-RAY DIFFRACTION' ? 
r_nbtor_refined          0.311  0.200  ? 873  'X-RAY DIFFRACTION' ? 
r_xyhbond_nbd_refined    0.135  0.200  ? 99   'X-RAY DIFFRACTION' ? 
r_metal_ion_refined      0.102  0.200  ? 1    'X-RAY DIFFRACTION' ? 
r_symmetry_vdw_refined   0.219  0.200  ? 47   'X-RAY DIFFRACTION' ? 
r_symmetry_hbond_refined 0.181  0.200  ? 18   'X-RAY DIFFRACTION' ? 
r_mcbond_it              0.969  1.500  ? 789  'X-RAY DIFFRACTION' ? 
r_mcangle_it             1.637  2.000  ? 1234 'X-RAY DIFFRACTION' ? 
r_scbond_it              2.684  3.000  ? 578  'X-RAY DIFFRACTION' ? 
r_scangle_it             4.289  4.500  ? 538  'X-RAY DIFFRACTION' ? 
r_sphericity_bonded      7.610  3.000  ? 1    'X-RAY DIFFRACTION' ? 
# 
_refine_ls_shell.pdbx_total_number_of_bins_used   20 
_refine_ls_shell.d_res_high                       1.649 
_refine_ls_shell.d_res_low                        1.692 
_refine_ls_shell.number_reflns_R_work             1146 
_refine_ls_shell.R_factor_R_work                  0.286 
_refine_ls_shell.percent_reflns_obs               94.45 
_refine_ls_shell.R_factor_R_free                  0.316 
_refine_ls_shell.R_factor_R_free_error            ? 
_refine_ls_shell.percent_reflns_R_free            ? 
_refine_ls_shell.number_reflns_R_free             80 
_refine_ls_shell.number_reflns_all                ? 
_refine_ls_shell.R_factor_all                     ? 
_refine_ls_shell.number_reflns_obs                ? 
_refine_ls_shell.redundancy_reflns_obs            ? 
_refine_ls_shell.pdbx_refine_id                   'X-RAY DIFFRACTION' 
# 
_struct.entry_id                  2EB8 
_struct.title                     'Crystal Structure of Cu(II)(Sal-Phe)/apo-Myoglobin' 
_struct.pdbx_model_details        ? 
_struct.pdbx_CASP_flag            ? 
_struct.pdbx_model_type_details   ? 
# 
_struct_keywords.entry_id        2EB8 
_struct_keywords.pdbx_keywords   'OXYGEN STORAGE/TRANSPORT' 
_struct_keywords.text            'OXYGEN STORAGE/TRANSPORT, OXYGEN STORAGE-TRANSPORT complex' 
# 
loop_
_struct_asym.id 
_struct_asym.pdbx_blank_PDB_chainid_flag 
_struct_asym.pdbx_modified 
_struct_asym.entity_id 
_struct_asym.details 
A N N 1 ? 
B N N 2 ? 
C N N 2 ? 
D N N 2 ? 
E N N 2 ? 
F N N 2 ? 
G N N 3 ? 
H N N 4 ? 
# 
loop_
_struct_conf.conf_type_id 
_struct_conf.id 
_struct_conf.pdbx_PDB_helix_id 
_struct_conf.beg_label_comp_id 
_struct_conf.beg_label_asym_id 
_struct_conf.beg_label_seq_id 
_struct_conf.pdbx_beg_PDB_ins_code 
_struct_conf.end_label_comp_id 
_struct_conf.end_label_asym_id 
_struct_conf.end_label_seq_id 
_struct_conf.pdbx_end_PDB_ins_code 
_struct_conf.beg_auth_comp_id 
_struct_conf.beg_auth_asym_id 
_struct_conf.beg_auth_seq_id 
_struct_conf.end_auth_comp_id 
_struct_conf.end_auth_asym_id 
_struct_conf.end_auth_seq_id 
_struct_conf.pdbx_PDB_helix_class 
_struct_conf.details 
_struct_conf.pdbx_PDB_helix_length 
HELX_P HELX_P1 1 SER A 4   ? GLU A 19  ? SER A 3   GLU A 18  1 ? 16 
HELX_P HELX_P2 2 ASP A 21  ? SER A 36  ? ASP A 20  SER A 35  1 ? 16 
HELX_P HELX_P3 3 PRO A 38  ? PHE A 44  ? PRO A 37  PHE A 43  5 ? 7  
HELX_P HELX_P4 4 THR A 52  ? ALA A 58  ? THR A 51  ALA A 57  1 ? 7  
HELX_P HELX_P5 5 GLU A 60  ? LYS A 78  ? GLU A 59  LYS A 77  1 ? 19 
HELX_P HELX_P6 6 GLU A 84  ? LYS A 88  ? GLU A 83  LYS A 87  5 ? 5  
HELX_P HELX_P7 7 PRO A 101 ? HIS A 120 ? PRO A 100 HIS A 119 1 ? 20 
HELX_P HELX_P8 8 GLY A 125 ? GLY A 151 ? GLY A 124 GLY A 150 1 ? 27 
# 
_struct_conf_type.id          HELX_P 
_struct_conf_type.criteria    ? 
_struct_conf_type.reference   ? 
# 
loop_
_struct_site.id 
_struct_site.pdbx_evidence_code 
_struct_site.pdbx_auth_asym_id 
_struct_site.pdbx_auth_comp_id 
_struct_site.pdbx_auth_seq_id 
_struct_site.pdbx_auth_ins_code 
_struct_site.pdbx_num_residues 
_struct_site.details 
AC1 Software A PO4 2001 ? 6  'BINDING SITE FOR RESIDUE PO4 A 2001' 
AC2 Software A PO4 2002 ? 3  'BINDING SITE FOR RESIDUE PO4 A 2002' 
AC3 Software A PO4 2003 ? 10 'BINDING SITE FOR RESIDUE PO4 A 2003' 
AC4 Software A PO4 2004 ? 4  'BINDING SITE FOR RESIDUE PO4 A 2004' 
AC5 Software A PO4 2005 ? 4  'BINDING SITE FOR RESIDUE PO4 A 2005' 
AC6 Software A CUP 1001 ? 9  'BINDING SITE FOR RESIDUE CUP A 1001' 
# 
loop_
_struct_site_gen.id 
_struct_site_gen.site_id 
_struct_site_gen.pdbx_num_res 
_struct_site_gen.label_comp_id 
_struct_site_gen.label_asym_id 
_struct_site_gen.label_seq_id 
_struct_site_gen.pdbx_auth_ins_code 
_struct_site_gen.auth_comp_id 
_struct_site_gen.auth_asym_id 
_struct_site_gen.auth_seq_id 
_struct_site_gen.label_atom_id 
_struct_site_gen.label_alt_id 
_struct_site_gen.symmetry 
_struct_site_gen.details 
1  AC1 6  ARG A 46  ? ARG A 45   . ? 1_555 ? 
2  AC1 6  LYS A 64  ? LYS A 63   . ? 1_555 ? 
3  AC1 6  HIS A 94  ? HIS A 93   . ? 1_555 ? 
4  AC1 6  HIS A 117 ? HIS A 116  . ? 2_554 ? 
5  AC1 6  PO4 D .   ? PO4 A 2003 . ? 1_555 ? 
6  AC1 6  HOH H .   ? HOH A 2049 . ? 1_555 ? 
7  AC2 3  LYS A 17  ? LYS A 16   . ? 1_555 ? 
8  AC2 3  HIS A 120 ? HIS A 119  . ? 1_555 ? 
9  AC2 3  HOH H .   ? HOH A 2037 . ? 1_555 ? 
10 AC3 10 ARG A 46  ? ARG A 45   . ? 1_555 ? 
11 AC3 10 LYS A 64  ? LYS A 63   . ? 1_555 ? 
12 AC3 10 HIS A 65  ? HIS A 64   . ? 1_555 ? 
13 AC3 10 THR A 68  ? THR A 67   . ? 1_555 ? 
14 AC3 10 LYS A 88  ? LYS A 87   . ? 4_555 ? 
15 AC3 10 SER A 93  ? SER A 92   . ? 1_555 ? 
16 AC3 10 GLU A 149 ? GLU A 148  . ? 4_555 ? 
17 AC3 10 PO4 B .   ? PO4 A 2001 . ? 1_555 ? 
18 AC3 10 HOH H .   ? HOH A 2024 . ? 1_555 ? 
19 AC3 10 HOH H .   ? HOH A 2049 . ? 1_555 ? 
20 AC4 4  HIS A 114 ? HIS A 113  . ? 1_555 ? 
21 AC4 4  SER A 118 ? SER A 117  . ? 1_555 ? 
22 AC4 4  HOH H .   ? HOH A 2076 . ? 1_555 ? 
23 AC4 4  HOH H .   ? HOH A 2124 . ? 1_555 ? 
24 AC5 4  HIS A 94  ? HIS A 93   . ? 1_555 ? 
25 AC5 4  LYS A 148 ? LYS A 147  . ? 4_555 ? 
26 AC5 4  HOH H .   ? HOH A 2067 . ? 4_455 ? 
27 AC5 4  HOH H .   ? HOH A 2129 . ? 1_555 ? 
28 AC6 9  PHE A 44  ? PHE A 43   . ? 1_555 ? 
29 AC6 9  HIS A 65  ? HIS A 64   . ? 1_555 ? 
30 AC6 9  VAL A 69  ? VAL A 68   . ? 1_555 ? 
31 AC6 9  GLN A 92  ? GLN A 91   . ? 1_555 ? 
32 AC6 9  SER A 93  ? SER A 92   . ? 1_555 ? 
33 AC6 9  THR A 96  ? THR A 95   . ? 1_555 ? 
34 AC6 9  ILE A 100 ? ILE A 99   . ? 1_555 ? 
35 AC6 9  LEU A 105 ? LEU A 104  . ? 1_555 ? 
36 AC6 9  HOH H .   ? HOH A 2135 . ? 4_555 ? 
# 
_atom_sites.entry_id                    2EB8 
_atom_sites.fract_transf_matrix[1][1]   0.01378922 
_atom_sites.fract_transf_matrix[1][2]   0.01067582 
_atom_sites.fract_transf_matrix[1][3]   -0.02513108 
_atom_sites.fract_transf_matrix[2][1]   0.01476443 
_atom_sites.fract_transf_matrix[2][2]   -0.00615611 
_atom_sites.fract_transf_matrix[2][3]   0.00548597 
_atom_sites.fract_transf_matrix[3][1]   -0.00250518 
_atom_sites.fract_transf_matrix[3][2]   -0.01163945 
_atom_sites.fract_transf_matrix[3][3]   -0.00631907 
_atom_sites.fract_transf_vector[1]      0.102419 
_atom_sites.fract_transf_vector[2]      0.073151 
_atom_sites.fract_transf_vector[3]      0.123322 
# 
loop_
_atom_type.symbol 
C  
CU 
N  
O  
P  
S  
# 
loop_
_atom_site.group_PDB 
_atom_site.id 
_atom_site.type_symbol 
_atom_site.label_atom_id 
_atom_site.label_alt_id 
_atom_site.label_comp_id 
_atom_site.label_asym_id 
_atom_site.label_entity_id 
_atom_site.label_seq_id 
_atom_site.pdbx_PDB_ins_code 
_atom_site.Cartn_x 
_atom_site.Cartn_y 
_atom_site.Cartn_z 
_atom_site.occupancy 
_atom_site.B_iso_or_equiv 
_atom_site.pdbx_formal_charge 
_atom_site.auth_seq_id 
_atom_site.auth_comp_id 
_atom_site.auth_asym_id 
_atom_site.auth_atom_id 
_atom_site.pdbx_PDB_model_num 
ATOM   1    N  N   . MET A 1 1   ? 2.188   -18.781 5.585   1.00 29.06 ? 0    MET A N   1 
ATOM   2    C  CA  . MET A 1 1   ? 2.206   -17.979 4.338   1.00 28.42 ? 0    MET A CA  1 
ATOM   3    C  C   . MET A 1 1   ? 3.596   -17.978 3.689   1.00 26.63 ? 0    MET A C   1 
ATOM   4    O  O   . MET A 1 1   ? 4.552   -17.438 4.241   1.00 26.59 ? 0    MET A O   1 
ATOM   5    C  CB  . MET A 1 1   ? 1.801   -16.541 4.631   1.00 29.93 ? 0    MET A CB  1 
ATOM   6    C  CG  . MET A 1 1   ? 1.458   -15.734 3.389   1.00 33.54 ? 0    MET A CG  1 
ATOM   7    S  SD  . MET A 1 1   ? -0.285  -15.906 2.989   1.00 42.13 ? 0    MET A SD  1 
ATOM   8    C  CE  . MET A 1 1   ? -0.295  -17.457 2.065   1.00 40.24 ? 0    MET A CE  1 
ATOM   9    N  N   . VAL A 1 2   ? 3.698   -18.553 2.497   1.00 24.90 ? 1    VAL A N   1 
ATOM   10   C  CA  . VAL A 1 2   ? 4.952   -18.502 1.749   1.00 22.54 ? 1    VAL A CA  1 
ATOM   11   C  C   . VAL A 1 2   ? 4.672   -18.369 0.249   1.00 19.85 ? 1    VAL A C   1 
ATOM   12   O  O   . VAL A 1 2   ? 3.729   -18.974 -0.265  1.00 20.24 ? 1    VAL A O   1 
ATOM   13   C  CB  . VAL A 1 2   ? 5.943   -19.702 2.126   1.00 23.62 ? 1    VAL A CB  1 
ATOM   14   C  CG1 . VAL A 1 2   ? 5.250   -20.771 2.909   1.00 24.47 ? 1    VAL A CG1 1 
ATOM   15   C  CG2 . VAL A 1 2   ? 6.662   -20.284 0.940   1.00 23.46 ? 1    VAL A CG2 1 
ATOM   16   N  N   . LEU A 1 3   ? 5.474   -17.556 -0.431  1.00 16.93 ? 2    LEU A N   1 
ATOM   17   C  CA  . LEU A 1 3   ? 5.431   -17.481 -1.895  1.00 15.36 ? 2    LEU A CA  1 
ATOM   18   C  C   . LEU A 1 3   ? 6.574   -18.291 -2.456  1.00 14.45 ? 2    LEU A C   1 
ATOM   19   O  O   . LEU A 1 3   ? 7.690   -18.234 -1.907  1.00 15.03 ? 2    LEU A O   1 
ATOM   20   C  CB  . LEU A 1 3   ? 5.633   -16.042 -2.378  1.00 14.91 ? 2    LEU A CB  1 
ATOM   21   C  CG  . LEU A 1 3   ? 4.488   -15.015 -2.253  1.00 12.88 ? 2    LEU A CG  1 
ATOM   22   C  CD1 . LEU A 1 3   ? 4.299   -14.670 -0.779  1.00 14.08 ? 2    LEU A CD1 1 
ATOM   23   C  CD2 . LEU A 1 3   ? 4.809   -13.779 -3.082  1.00 15.28 ? 2    LEU A CD2 1 
ATOM   24   N  N   . SER A 1 4   ? 6.319   -18.997 -3.567  1.00 13.54 ? 3    SER A N   1 
ATOM   25   C  CA  . SER A 1 4   ? 7.407   -19.625 -4.319  1.00 13.96 ? 3    SER A CA  1 
ATOM   26   C  C   . SER A 1 4   ? 8.294   -18.534 -4.910  1.00 13.84 ? 3    SER A C   1 
ATOM   27   O  O   . SER A 1 4   ? 7.850   -17.383 -5.040  1.00 13.20 ? 3    SER A O   1 
ATOM   28   C  CB  . SER A 1 4   ? 6.830   -20.475 -5.449  1.00 14.27 ? 3    SER A CB  1 
ATOM   29   O  OG  . SER A 1 4   ? 6.214   -19.647 -6.436  1.00 13.87 ? 3    SER A OG  1 
ATOM   30   N  N   . GLU A 1 5   ? 9.526   -18.888 -5.284  1.00 14.32 ? 4    GLU A N   1 
ATOM   31   C  CA  . GLU A 1 5   ? 10.404  -17.927 -5.992  1.00 14.98 ? 4    GLU A CA  1 
ATOM   32   C  C   . GLU A 1 5   ? 9.708   -17.406 -7.275  1.00 14.61 ? 4    GLU A C   1 
ATOM   33   O  O   . GLU A 1 5   ? 9.805   -16.199 -7.599  1.00 14.00 ? 4    GLU A O   1 
ATOM   34   C  CB  . GLU A 1 5   ? 11.770  -18.575 -6.299  1.00 16.37 ? 4    GLU A CB  1 
ATOM   35   C  CG  . GLU A 1 5   ? 12.691  -17.785 -7.211  1.00 18.90 ? 4    GLU A CG  1 
ATOM   36   C  CD  . GLU A 1 5   ? 13.144  -16.443 -6.657  1.00 24.91 ? 4    GLU A CD  1 
ATOM   37   O  OE1 . GLU A 1 5   ? 13.213  -16.265 -5.425  1.00 27.14 ? 4    GLU A OE1 1 
ATOM   38   O  OE2 . GLU A 1 5   ? 13.458  -15.548 -7.486  1.00 29.86 ? 4    GLU A OE2 1 
ATOM   39   N  N   . GLY A 1 6   ? 9.012   -18.298 -7.992  1.00 14.08 ? 5    GLY A N   1 
ATOM   40   C  CA  . GLY A 1 6   ? 8.220   -17.899 -9.173  1.00 14.31 ? 5    GLY A CA  1 
ATOM   41   C  C   . GLY A 1 6   ? 7.167   -16.854 -8.838  1.00 14.48 ? 5    GLY A C   1 
ATOM   42   O  O   . GLY A 1 6   ? 6.973   -15.882 -9.594  1.00 14.83 ? 5    GLY A O   1 
ATOM   43   N  N   . GLU A 1 7   ? 6.489   -17.015 -7.705  1.00 13.41 ? 6    GLU A N   1 
ATOM   44   C  CA  . GLU A 1 7   ? 5.509   -16.006 -7.274  1.00 13.12 ? 6    GLU A CA  1 
ATOM   45   C  C   . GLU A 1 7   ? 6.173   -14.668 -6.911  1.00 12.90 ? 6    GLU A C   1 
ATOM   46   O  O   . GLU A 1 7   ? 5.657   -13.607 -7.286  1.00 12.86 ? 6    GLU A O   1 
ATOM   47   C  CB  . GLU A 1 7   ? 4.643   -16.512 -6.125  1.00 13.46 ? 6    GLU A CB  1 
ATOM   48   C  CG  . GLU A 1 7   ? 3.659   -17.583 -6.529  1.00 14.60 ? 6    GLU A CG  1 
ATOM   49   C  CD  . GLU A 1 7   ? 2.884   -18.106 -5.353  1.00 17.19 ? 6    GLU A CD  1 
ATOM   50   O  OE1 . GLU A 1 7   ? 3.513   -18.605 -4.396  1.00 18.21 ? 6    GLU A OE1 1 
ATOM   51   O  OE2 . GLU A 1 7   ? 1.636   -18.042 -5.379  1.00 21.12 ? 6    GLU A OE2 1 
ATOM   52   N  N   . TRP A 1 8   ? 7.308   -14.714 -6.215  1.00 12.22 ? 7    TRP A N   1 
ATOM   53   C  CA  . TRP A 1 8   ? 8.053   -13.477 -5.922  1.00 12.70 ? 7    TRP A CA  1 
ATOM   54   C  C   . TRP A 1 8   ? 8.452   -12.753 -7.205  1.00 13.01 ? 7    TRP A C   1 
ATOM   55   O  O   . TRP A 1 8   ? 8.341   -11.517 -7.302  1.00 13.69 ? 7    TRP A O   1 
ATOM   56   C  CB  . TRP A 1 8   ? 9.281   -13.743 -5.064  1.00 12.68 ? 7    TRP A CB  1 
ATOM   57   C  CG  . TRP A 1 8   ? 8.953   -13.913 -3.627  1.00 13.67 ? 7    TRP A CG  1 
ATOM   58   C  CD1 . TRP A 1 8   ? 9.187   -15.020 -2.842  1.00 14.22 ? 7    TRP A CD1 1 
ATOM   59   C  CD2 . TRP A 1 8   ? 8.337   -12.937 -2.776  1.00 14.51 ? 7    TRP A CD2 1 
ATOM   60   N  NE1 . TRP A 1 8   ? 8.764   -14.782 -1.549  1.00 13.86 ? 7    TRP A NE1 1 
ATOM   61   C  CE2 . TRP A 1 8   ? 8.230   -13.517 -1.483  1.00 14.76 ? 7    TRP A CE2 1 
ATOM   62   C  CE3 . TRP A 1 8   ? 7.868   -11.624 -2.981  1.00 14.31 ? 7    TRP A CE3 1 
ATOM   63   C  CZ2 . TRP A 1 8   ? 7.641   -12.837 -0.397  1.00 15.25 ? 7    TRP A CZ2 1 
ATOM   64   C  CZ3 . TRP A 1 8   ? 7.294   -10.947 -1.897  1.00 13.25 ? 7    TRP A CZ3 1 
ATOM   65   C  CH2 . TRP A 1 8   ? 7.184   -11.560 -0.621  1.00 14.50 ? 7    TRP A CH2 1 
ATOM   66   N  N   . GLN A 1 9   ? 8.868   -13.518 -8.212  1.00 13.37 ? 8    GLN A N   1 
ATOM   67   C  CA  . GLN A 1 9   ? 9.197   -12.886 -9.500  1.00 15.07 ? 8    GLN A CA  1 
ATOM   68   C  C   . GLN A 1 9   ? 7.972   -12.243 -10.176 1.00 14.52 ? 8    GLN A C   1 
ATOM   69   O  O   . GLN A 1 9   ? 8.092   -11.152 -10.774 1.00 15.15 ? 8    GLN A O   1 
ATOM   70   C  CB  . GLN A 1 9   ? 9.919   -13.855 -10.438 1.00 15.39 ? 8    GLN A CB  1 
ATOM   71   C  CG  . GLN A 1 9   ? 11.333  -14.234 -9.939  1.00 19.23 ? 8    GLN A CG  1 
ATOM   72   C  CD  . GLN A 1 9   ? 12.211  -13.012 -9.581  1.00 24.28 ? 8    GLN A CD  1 
ATOM   73   O  OE1 . GLN A 1 9   ? 12.190  -11.978 -10.262 1.00 28.43 ? 8    GLN A OE1 1 
ATOM   74   N  NE2 . GLN A 1 9   ? 12.985  -13.141 -8.514  1.00 25.58 ? 8    GLN A NE2 1 
ATOM   75   N  N   . LEU A 1 10  ? 6.785   -12.858 -10.047 1.00 13.16 ? 9    LEU A N   1 
ATOM   76   C  CA  . LEU A 1 10  ? 5.552   -12.205 -10.540 1.00 13.28 ? 9    LEU A CA  1 
ATOM   77   C  C   . LEU A 1 10  ? 5.306   -10.853 -9.833  1.00 13.57 ? 9    LEU A C   1 
ATOM   78   O  O   . LEU A 1 10  ? 4.994   -9.847  -10.473 1.00 13.66 ? 9    LEU A O   1 
ATOM   79   C  CB  . LEU A 1 10  ? 4.341   -13.119 -10.354 1.00 12.33 ? 9    LEU A CB  1 
ATOM   80   C  CG  . LEU A 1 10  ? 4.300   -14.409 -11.186 1.00 14.98 ? 9    LEU A CG  1 
ATOM   81   C  CD1 . LEU A 1 10  ? 3.004   -15.177 -10.894 1.00 13.45 ? 9    LEU A CD1 1 
ATOM   82   C  CD2 . LEU A 1 10  ? 4.388   -14.114 -12.703 1.00 18.13 ? 9    LEU A CD2 1 
ATOM   83   N  N   . VAL A 1 11  ? 5.493   -10.846 -8.518  1.00 12.09 ? 10   VAL A N   1 
ATOM   84   C  CA  . VAL A 1 11  ? 5.305   -9.642  -7.695  1.00 13.05 ? 10   VAL A CA  1 
ATOM   85   C  C   . VAL A 1 11  ? 6.331   -8.576  -8.092  1.00 12.69 ? 10   VAL A C   1 
ATOM   86   O  O   . VAL A 1 11  ? 5.966   -7.421  -8.300  1.00 13.15 ? 10   VAL A O   1 
ATOM   87   C  CB  . VAL A 1 11  ? 5.430   -9.984  -6.198  1.00 12.51 ? 10   VAL A CB  1 
ATOM   88   C  CG1 . VAL A 1 11  ? 5.473   -8.709  -5.364  1.00 13.81 ? 10   VAL A CG1 1 
ATOM   89   C  CG2 . VAL A 1 11  ? 4.252   -10.825 -5.773  1.00 11.93 ? 10   VAL A CG2 1 
ATOM   90   N  N   . LEU A 1 12  ? 7.582   -8.976  -8.257  1.00 13.32 ? 11   LEU A N   1 
ATOM   91   C  CA  . LEU A 1 12  ? 8.625   -7.999  -8.588  1.00 15.24 ? 11   LEU A CA  1 
ATOM   92   C  C   . LEU A 1 12  ? 8.500   -7.481  -10.025 1.00 15.65 ? 11   LEU A C   1 
ATOM   93   O  O   . LEU A 1 12  ? 8.804   -6.288  -10.288 1.00 16.23 ? 11   LEU A O   1 
ATOM   94   C  CB  . LEU A 1 12  ? 10.018  -8.519  -8.224  1.00 15.28 ? 11   LEU A CB  1 
ATOM   95   C  CG  . LEU A 1 12  ? 10.198  -8.848  -6.730  1.00 17.03 ? 11   LEU A CG  1 
ATOM   96   C  CD1 . LEU A 1 12  ? 11.606  -9.309  -6.452  1.00 21.03 ? 11   LEU A CD1 1 
ATOM   97   C  CD2 . LEU A 1 12  ? 9.808   -7.697  -5.788  1.00 20.65 ? 11   LEU A CD2 1 
ATOM   98   N  N   . HIS A 1 13  ? 8.028   -8.325  -10.939 1.00 15.69 ? 12   HIS A N   1 
ATOM   99   C  CA  . HIS A 1 13  ? 7.788   -7.902  -12.329 1.00 17.01 ? 12   HIS A CA  1 
ATOM   100  C  C   . HIS A 1 13  ? 6.704   -6.817  -12.416 1.00 16.79 ? 12   HIS A C   1 
ATOM   101  O  O   . HIS A 1 13  ? 6.931   -5.751  -13.021 1.00 17.25 ? 12   HIS A O   1 
ATOM   102  C  CB  . HIS A 1 13  ? 7.448   -9.098  -13.219 1.00 18.16 ? 12   HIS A CB  1 
ATOM   103  C  CG  . HIS A 1 13  ? 7.358   -8.760  -14.675 1.00 22.03 ? 12   HIS A CG  1 
ATOM   104  N  ND1 . HIS A 1 13  ? 8.472   -8.656  -15.485 1.00 26.05 ? 12   HIS A ND1 1 
ATOM   105  C  CD2 . HIS A 1 13  ? 6.290   -8.511  -15.470 1.00 25.57 ? 12   HIS A CD2 1 
ATOM   106  C  CE1 . HIS A 1 13  ? 8.092   -8.346  -16.713 1.00 24.82 ? 12   HIS A CE1 1 
ATOM   107  N  NE2 . HIS A 1 13  ? 6.776   -8.253  -16.731 1.00 25.69 ? 12   HIS A NE2 1 
ATOM   108  N  N   . VAL A 1 14  ? 5.548   -7.053  -11.801 1.00 16.02 ? 13   VAL A N   1 
ATOM   109  C  CA  . VAL A 1 14  ? 4.519   -5.989  -11.773 1.00 15.12 ? 13   VAL A CA  1 
ATOM   110  C  C   . VAL A 1 14  ? 4.998   -4.778  -10.920 1.00 15.06 ? 13   VAL A C   1 
ATOM   111  O  O   . VAL A 1 14  ? 4.674   -3.624  -11.240 1.00 14.94 ? 13   VAL A O   1 
ATOM   112  C  CB  . VAL A 1 14  ? 3.117   -6.512  -11.357 1.00 15.81 ? 13   VAL A CB  1 
ATOM   113  C  CG1 . VAL A 1 14  ? 3.028   -6.679  -9.861  1.00 17.31 ? 13   VAL A CG1 1 
ATOM   114  C  CG2 . VAL A 1 14  ? 2.010   -5.557  -11.848 1.00 14.66 ? 13   VAL A CG2 1 
ATOM   115  N  N   . TRP A 1 15  ? 5.798   -4.993  -9.869  1.00 14.27 ? 14   TRP A N   1 
ATOM   116  C  CA  . TRP A 1 15  ? 6.282   -3.821  -9.103  1.00 14.58 ? 14   TRP A CA  1 
ATOM   117  C  C   . TRP A 1 15  ? 7.148   -2.897  -9.973  1.00 15.43 ? 14   TRP A C   1 
ATOM   118  O  O   . TRP A 1 15  ? 7.079   -1.672  -9.851  1.00 15.01 ? 14   TRP A O   1 
ATOM   119  C  CB  . TRP A 1 15  ? 7.007   -4.174  -7.799  1.00 15.84 ? 14   TRP A CB  1 
ATOM   120  C  CG  . TRP A 1 15  ? 6.793   -3.067  -6.810  1.00 15.72 ? 14   TRP A CG  1 
ATOM   121  C  CD1 . TRP A 1 15  ? 7.690   -2.115  -6.398  1.00 18.12 ? 14   TRP A CD1 1 
ATOM   122  C  CD2 . TRP A 1 15  ? 5.556   -2.759  -6.177  1.00 15.15 ? 14   TRP A CD2 1 
ATOM   123  N  NE1 . TRP A 1 15  ? 7.081   -1.260  -5.512  1.00 17.20 ? 14   TRP A NE1 1 
ATOM   124  C  CE2 . TRP A 1 15  ? 5.767   -1.624  -5.368  1.00 18.14 ? 14   TRP A CE2 1 
ATOM   125  C  CE3 . TRP A 1 15  ? 4.285   -3.348  -6.203  1.00 16.10 ? 14   TRP A CE3 1 
ATOM   126  C  CZ2 . TRP A 1 15  ? 4.747   -1.071  -4.586  1.00 16.22 ? 14   TRP A CZ2 1 
ATOM   127  C  CZ3 . TRP A 1 15  ? 3.267   -2.793  -5.439  1.00 18.94 ? 14   TRP A CZ3 1 
ATOM   128  C  CH2 . TRP A 1 15  ? 3.509   -1.661  -4.637  1.00 16.58 ? 14   TRP A CH2 1 
ATOM   129  N  N   . ALA A 1 16  ? 7.929   -3.486  -10.875 1.00 14.67 ? 15   ALA A N   1 
ATOM   130  C  CA  . ALA A 1 16  ? 8.718   -2.676  -11.804 1.00 16.27 ? 15   ALA A CA  1 
ATOM   131  C  C   . ALA A 1 16  ? 7.814   -1.753  -12.638 1.00 16.86 ? 15   ALA A C   1 
ATOM   132  O  O   . ALA A 1 16  ? 8.147   -0.568  -12.892 1.00 16.96 ? 15   ALA A O   1 
ATOM   133  C  CB  . ALA A 1 16  ? 9.558   -3.591  -12.695 1.00 16.31 ? 15   ALA A CB  1 
ATOM   134  N  N   . LYS A 1 17  ? 6.645   -2.254  -13.020 1.00 15.22 ? 16   LYS A N   1 
ATOM   135  C  CA  . LYS A 1 17  ? 5.657   -1.427  -13.744 1.00 16.21 ? 16   LYS A CA  1 
ATOM   136  C  C   . LYS A 1 17  ? 5.155   -0.287  -12.860 1.00 15.34 ? 16   LYS A C   1 
ATOM   137  O  O   . LYS A 1 17  ? 4.969   0.859   -13.306 1.00 15.91 ? 16   LYS A O   1 
ATOM   138  C  CB  . LYS A 1 17  ? 4.508   -2.272  -14.272 1.00 16.44 ? 16   LYS A CB  1 
ATOM   139  C  CG  . LYS A 1 17  ? 4.972   -3.354  -15.255 1.00 19.76 ? 16   LYS A CG  1 
ATOM   140  C  CD  . LYS A 1 17  ? 3.815   -4.162  -15.741 1.00 23.66 ? 16   LYS A CD  1 
ATOM   141  C  CE  . LYS A 1 17  ? 4.289   -5.243  -16.698 1.00 28.51 ? 16   LYS A CE  1 
ATOM   142  N  NZ  . LYS A 1 17  ? 4.800   -4.683  -17.996 1.00 30.81 ? 16   LYS A NZ  1 
ATOM   143  N  N   . VAL A 1 18  ? 4.946   -0.598  -11.584 1.00 14.08 ? 17   VAL A N   1 
ATOM   144  C  CA  . VAL A 1 18  ? 4.491   0.412   -10.621 1.00 13.97 ? 17   VAL A CA  1 
ATOM   145  C  C   . VAL A 1 18  ? 5.536   1.512   -10.559 1.00 14.40 ? 17   VAL A C   1 
ATOM   146  O  O   . VAL A 1 18  ? 5.199   2.721   -10.560 1.00 14.79 ? 17   VAL A O   1 
ATOM   147  C  CB  . VAL A 1 18  ? 4.291   -0.194  -9.223  1.00 13.76 ? 17   VAL A CB  1 
ATOM   148  C  CG1 . VAL A 1 18  ? 3.960   0.874   -8.233  1.00 13.35 ? 17   VAL A CG1 1 
ATOM   149  C  CG2 . VAL A 1 18  ? 3.196   -1.266  -9.284  1.00 12.10 ? 17   VAL A CG2 1 
ATOM   150  N  N   . GLU A 1 19  ? 6.799   1.090   -10.478 1.00 14.73 ? 18   GLU A N   1 
ATOM   151  C  CA  . GLU A 1 19  ? 7.921   2.008   -10.343 1.00 15.71 ? 18   GLU A CA  1 
ATOM   152  C  C   . GLU A 1 19  ? 8.126   2.885   -11.571 1.00 15.88 ? 18   GLU A C   1 
ATOM   153  O  O   . GLU A 1 19  ? 8.740   3.964   -11.466 1.00 16.96 ? 18   GLU A O   1 
ATOM   154  C  CB  . GLU A 1 19  ? 9.181   1.226   -9.998  1.00 16.89 ? 18   GLU A CB  1 
ATOM   155  C  CG  . GLU A 1 19  ? 9.119   0.725   -8.559  1.00 17.00 ? 18   GLU A CG  1 
ATOM   156  C  CD  . GLU A 1 19  ? 10.409  0.072   -8.088  1.00 21.66 ? 18   GLU A CD  1 
ATOM   157  O  OE1 . GLU A 1 19  ? 10.512  -0.182  -6.868  1.00 23.69 ? 18   GLU A OE1 1 
ATOM   158  O  OE2 . GLU A 1 19  ? 11.310  -0.166  -8.921  1.00 23.54 ? 18   GLU A OE2 1 
ATOM   159  N  N   . ALA A 1 20  ? 7.605   2.457   -12.715 1.00 14.91 ? 19   ALA A N   1 
ATOM   160  C  CA  . ALA A 1 20  ? 7.633   3.314   -13.916 1.00 15.09 ? 19   ALA A CA  1 
ATOM   161  C  C   . ALA A 1 20  ? 6.693   4.503   -13.836 1.00 14.54 ? 19   ALA A C   1 
ATOM   162  O  O   . ALA A 1 20  ? 6.834   5.431   -14.618 1.00 14.40 ? 19   ALA A O   1 
ATOM   163  C  CB  . ALA A 1 20  ? 7.341   2.524   -15.169 1.00 17.00 ? 19   ALA A CB  1 
ATOM   164  N  N   . ASP A 1 21  ? 5.705   4.459   -12.930 1.00 12.70 ? 20   ASP A N   1 
ATOM   165  C  CA  . ASP A 1 21  ? 4.773   5.577   -12.785 1.00 11.88 ? 20   ASP A CA  1 
ATOM   166  C  C   . ASP A 1 21  ? 4.240   5.513   -11.361 1.00 10.89 ? 20   ASP A C   1 
ATOM   167  O  O   . ASP A 1 21  ? 3.048   5.261   -11.138 1.00 11.44 ? 20   ASP A O   1 
ATOM   168  C  CB  . ASP A 1 21  ? 3.626   5.545   -13.809 1.00 12.92 ? 20   ASP A CB  1 
ATOM   169  C  CG  . ASP A 1 21  ? 2.651   6.726   -13.660 1.00 13.35 ? 20   ASP A CG  1 
ATOM   170  O  OD1 . ASP A 1 21  ? 2.936   7.722   -12.963 1.00 11.95 ? 20   ASP A OD1 1 
ATOM   171  O  OD2 . ASP A 1 21  ? 1.562   6.625   -14.242 1.00 16.66 ? 20   ASP A OD2 1 
ATOM   172  N  N   . VAL A 1 22  ? 5.124   5.767   -10.416 1.00 10.86 ? 21   VAL A N   1 
ATOM   173  C  CA  A VAL A 1 22  ? 4.739   5.565   -9.024  0.50 10.01 ? 21   VAL A CA  1 
ATOM   174  C  CA  B VAL A 1 22  ? 4.778   5.603   -9.002  0.50 10.50 ? 21   VAL A CA  1 
ATOM   175  C  C   . VAL A 1 22  ? 3.673   6.577   -8.620  1.00 10.50 ? 21   VAL A C   1 
ATOM   176  O  O   . VAL A 1 22  ? 2.678   6.199   -7.975  1.00 10.84 ? 21   VAL A O   1 
ATOM   177  C  CB  A VAL A 1 22  ? 5.941   5.466   -8.053  0.50 9.92  ? 21   VAL A CB  1 
ATOM   178  C  CB  B VAL A 1 22  ? 5.994   5.782   -8.079  0.50 10.58 ? 21   VAL A CB  1 
ATOM   179  C  CG1 A VAL A 1 22  ? 6.723   6.780   -7.976  0.50 8.28  ? 21   VAL A CG1 1 
ATOM   180  C  CG1 B VAL A 1 22  ? 5.612   5.466   -6.636  0.50 11.00 ? 21   VAL A CG1 1 
ATOM   181  C  CG2 A VAL A 1 22  ? 5.474   4.998   -6.662  0.50 9.87  ? 21   VAL A CG2 1 
ATOM   182  C  CG2 B VAL A 1 22  ? 7.146   4.894   -8.526  0.50 11.13 ? 21   VAL A CG2 1 
ATOM   183  N  N   . ALA A 1 23  ? 3.840   7.847   -8.999  1.00 10.85 ? 22   ALA A N   1 
ATOM   184  C  CA  . ALA A 1 23  ? 2.819   8.846   -8.626  1.00 11.05 ? 22   ALA A CA  1 
ATOM   185  C  C   . ALA A 1 23  ? 1.431   8.521   -9.195  1.00 10.29 ? 22   ALA A C   1 
ATOM   186  O  O   . ALA A 1 23  ? 0.426   8.665   -8.494  1.00 10.44 ? 22   ALA A O   1 
ATOM   187  C  CB  . ALA A 1 23  ? 3.280   10.276  -9.029  1.00 11.98 ? 22   ALA A CB  1 
ATOM   188  N  N   . GLY A 1 24  ? 1.346   8.064   -10.454 1.00 10.66 ? 23   GLY A N   1 
ATOM   189  C  CA  . GLY A 1 24  ? 0.036   7.707   -11.024 1.00 10.55 ? 23   GLY A CA  1 
ATOM   190  C  C   . GLY A 1 24  ? -0.577  6.491   -10.334 1.00 10.61 ? 23   GLY A C   1 
ATOM   191  O  O   . GLY A 1 24  ? -1.799  6.487   -10.058 1.00 11.85 ? 23   GLY A O   1 
ATOM   192  N  N   . HIS A 1 25  ? 0.239   5.459   -10.089 1.00 10.16 ? 24   HIS A N   1 
ATOM   193  C  CA  . HIS A 1 25  ? -0.305  4.273   -9.390  1.00 9.40  ? 24   HIS A CA  1 
ATOM   194  C  C   . HIS A 1 25  ? -0.722  4.699   -7.963  1.00 10.24 ? 24   HIS A C   1 
ATOM   195  O  O   . HIS A 1 25  ? -1.783  4.259   -7.477  1.00 9.92  ? 24   HIS A O   1 
ATOM   196  C  CB  . HIS A 1 25  ? 0.728   3.166   -9.303  1.00 10.48 ? 24   HIS A CB  1 
ATOM   197  C  CG  . HIS A 1 25  ? 0.898   2.395   -10.571 1.00 9.16  ? 24   HIS A CG  1 
ATOM   198  N  ND1 . HIS A 1 25  ? 1.699   2.839   -11.606 1.00 11.53 ? 24   HIS A ND1 1 
ATOM   199  C  CD2 . HIS A 1 25  ? 0.388   1.202   -10.967 1.00 11.04 ? 24   HIS A CD2 1 
ATOM   200  C  CE1 . HIS A 1 25  ? 1.672   1.946   -12.583 1.00 11.71 ? 24   HIS A CE1 1 
ATOM   201  N  NE2 . HIS A 1 25  ? 0.893   0.940   -12.216 1.00 11.89 ? 24   HIS A NE2 1 
ATOM   202  N  N   . GLY A 1 26  ? 0.097   5.536   -7.306  1.00 10.75 ? 25   GLY A N   1 
ATOM   203  C  CA  . GLY A 1 26  ? -0.215  5.950   -5.913  1.00 11.06 ? 25   GLY A CA  1 
ATOM   204  C  C   . GLY A 1 26  ? -1.516  6.736   -5.845  1.00 11.79 ? 25   GLY A C   1 
ATOM   205  O  O   . GLY A 1 26  ? -2.371  6.516   -4.953  1.00 10.82 ? 25   GLY A O   1 
ATOM   206  N  N   . GLN A 1 27  ? -1.697  7.656   -6.804  1.00 10.45 ? 26   GLN A N   1 
ATOM   207  C  CA  . GLN A 1 27  ? -2.956  8.398   -6.886  1.00 12.50 ? 26   GLN A CA  1 
ATOM   208  C  C   . GLN A 1 27  ? -4.148  7.492   -7.108  1.00 11.86 ? 26   GLN A C   1 
ATOM   209  O  O   . GLN A 1 27  ? -5.154  7.597   -6.393  1.00 12.43 ? 26   GLN A O   1 
ATOM   210  C  CB  . GLN A 1 27  ? -2.925  9.414   -8.017  1.00 13.17 ? 26   GLN A CB  1 
ATOM   211  C  CG  . GLN A 1 27  ? -2.019  10.548  -7.779  1.00 18.49 ? 26   GLN A CG  1 
ATOM   212  C  CD  . GLN A 1 27  ? -2.080  11.470  -8.955  1.00 22.88 ? 26   GLN A CD  1 
ATOM   213  O  OE1 . GLN A 1 27  ? -1.620  11.112  -10.040 1.00 24.07 ? 26   GLN A OE1 1 
ATOM   214  N  NE2 . GLN A 1 27  ? -2.726  12.634  -8.782  1.00 23.97 ? 26   GLN A NE2 1 
ATOM   215  N  N   . ASP A 1 28  ? -4.047  6.593   -8.097  1.00 10.67 ? 27   ASP A N   1 
ATOM   216  C  CA  . ASP A 1 28  ? -5.138  5.674   -8.399  1.00 11.43 ? 27   ASP A CA  1 
ATOM   217  C  C   . ASP A 1 28  ? -5.497  4.816   -7.177  1.00 10.28 ? 27   ASP A C   1 
ATOM   218  O  O   . ASP A 1 28  ? -6.680  4.621   -6.867  1.00 10.53 ? 27   ASP A O   1 
ATOM   219  C  CB  . ASP A 1 28  ? -4.758  4.775   -9.564  1.00 11.91 ? 27   ASP A CB  1 
ATOM   220  C  CG  . ASP A 1 28  ? -4.724  5.511   -10.906 1.00 16.13 ? 27   ASP A CG  1 
ATOM   221  O  OD1 . ASP A 1 28  ? -4.367  4.837   -11.902 1.00 17.99 ? 27   ASP A OD1 1 
ATOM   222  O  OD2 . ASP A 1 28  ? -5.015  6.723   -10.960 1.00 17.23 ? 27   ASP A OD2 1 
ATOM   223  N  N   . ILE A 1 29  ? -4.470  4.328   -6.488  1.00 8.71  ? 28   ILE A N   1 
ATOM   224  C  CA  . ILE A 1 29  ? -4.685  3.448   -5.312  1.00 8.36  ? 28   ILE A CA  1 
ATOM   225  C  C   . ILE A 1 29  ? -5.369  4.187   -4.149  1.00 9.59  ? 28   ILE A C   1 
ATOM   226  O  O   . ILE A 1 29  ? -6.347  3.694   -3.559  1.00 10.37 ? 28   ILE A O   1 
ATOM   227  C  CB  . ILE A 1 29  ? -3.349  2.800   -4.897  1.00 8.18  ? 28   ILE A CB  1 
ATOM   228  C  CG1 . ILE A 1 29  ? -2.990  1.740   -5.978  1.00 8.35  ? 28   ILE A CG1 1 
ATOM   229  C  CG2 . ILE A 1 29  ? -3.424  2.236   -3.490  1.00 8.55  ? 28   ILE A CG2 1 
ATOM   230  C  CD1 . ILE A 1 29  ? -1.572  1.257   -5.961  1.00 10.07 ? 28   ILE A CD1 1 
ATOM   231  N  N   . LEU A 1 30  ? -4.873  5.371   -3.799  1.00 9.64  ? 29   LEU A N   1 
ATOM   232  C  CA  . LEU A 1 30  ? -5.497  6.132   -2.682  1.00 8.88  ? 29   LEU A CA  1 
ATOM   233  C  C   . LEU A 1 30  ? -6.901  6.623   -3.024  1.00 8.74  ? 29   LEU A C   1 
ATOM   234  O  O   . LEU A 1 30  ? -7.787  6.651   -2.169  1.00 9.28  ? 29   LEU A O   1 
ATOM   235  C  CB  . LEU A 1 30  ? -4.568  7.270   -2.213  1.00 8.89  ? 29   LEU A CB  1 
ATOM   236  C  CG  . LEU A 1 30  ? -3.281  6.839   -1.492  1.00 8.61  ? 29   LEU A CG  1 
ATOM   237  C  CD1 . LEU A 1 30  ? -2.483  8.097   -0.999  1.00 10.65 ? 29   LEU A CD1 1 
ATOM   238  C  CD2 . LEU A 1 30  ? -3.538  5.884   -0.305  1.00 9.93  ? 29   LEU A CD2 1 
ATOM   239  N  N   . ILE A 1 31  ? -7.120  7.023   -4.279  1.00 8.37  ? 30   ILE A N   1 
ATOM   240  C  CA  . ILE A 1 31  ? -8.465  7.443   -4.682  1.00 10.47 ? 30   ILE A CA  1 
ATOM   241  C  C   . ILE A 1 31  ? -9.411  6.250   -4.566  1.00 10.51 ? 30   ILE A C   1 
ATOM   242  O  O   . ILE A 1 31  ? -10.521 6.403   -4.070  1.00 11.28 ? 30   ILE A O   1 
ATOM   243  C  CB  . ILE A 1 31  ? -8.464  8.050   -6.089  1.00 11.12 ? 30   ILE A CB  1 
ATOM   244  C  CG1 . ILE A 1 31  ? -7.774  9.413   -6.064  1.00 12.60 ? 30   ILE A CG1 1 
ATOM   245  C  CG2 . ILE A 1 31  ? -9.895  8.224   -6.615  1.00 13.05 ? 30   ILE A CG2 1 
ATOM   246  C  CD1 . ILE A 1 31  ? -7.532  9.983   -7.464  1.00 14.06 ? 30   ILE A CD1 1 
ATOM   247  N  N   . ARG A 1 32  ? -8.975  5.080   -5.028  1.00 10.77 ? 31   ARG A N   1 
ATOM   248  C  CA  . ARG A 1 32  ? -9.813  3.876   -4.930  1.00 10.60 ? 31   ARG A CA  1 
ATOM   249  C  C   . ARG A 1 32  ? -10.080 3.571   -3.445  1.00 9.70  ? 31   ARG A C   1 
ATOM   250  O  O   . ARG A 1 32  ? -11.225 3.251   -3.070  1.00 10.68 ? 31   ARG A O   1 
ATOM   251  C  CB  . ARG A 1 32  ? -9.123  2.701   -5.617  1.00 11.63 ? 31   ARG A CB  1 
ATOM   252  C  CG  . ARG A 1 32  ? -9.806  1.363   -5.433  1.00 13.21 ? 31   ARG A CG  1 
ATOM   253  C  CD  . ARG A 1 32  ? -10.875 1.094   -6.405  1.00 16.40 ? 31   ARG A CD  1 
ATOM   254  N  NE  . ARG A 1 32  ? -11.486 -0.223  -6.127  1.00 19.37 ? 31   ARG A NE  1 
ATOM   255  C  CZ  . ARG A 1 32  ? -12.476 -0.770  -6.833  1.00 21.78 ? 31   ARG A CZ  1 
ATOM   256  N  NH1 . ARG A 1 32  ? -12.956 -1.959  -6.478  1.00 20.58 ? 31   ARG A NH1 1 
ATOM   257  N  NH2 . ARG A 1 32  ? -12.969 -0.153  -7.896  1.00 22.12 ? 31   ARG A NH2 1 
ATOM   258  N  N   . LEU A 1 33  ? -9.046  3.627   -2.616  1.00 9.10  ? 32   LEU A N   1 
ATOM   259  C  CA  . LEU A 1 33  ? -9.201  3.408   -1.172  1.00 9.37  ? 32   LEU A CA  1 
ATOM   260  C  C   . LEU A 1 33  ? -10.235 4.353   -0.576  1.00 10.06 ? 32   LEU A C   1 
ATOM   261  O  O   . LEU A 1 33  ? -11.151 3.924   0.150   1.00 10.73 ? 32   LEU A O   1 
ATOM   262  C  CB  . LEU A 1 33  ? -7.846  3.581   -0.459  1.00 9.98  ? 32   LEU A CB  1 
ATOM   263  C  CG  . LEU A 1 33  ? -7.914  3.625   1.070   1.00 9.42  ? 32   LEU A CG  1 
ATOM   264  C  CD1 . LEU A 1 33  ? -8.472  2.353   1.674   1.00 12.17 ? 32   LEU A CD1 1 
ATOM   265  C  CD2 . LEU A 1 33  ? -6.513  3.959   1.616   1.00 10.36 ? 32   LEU A CD2 1 
ATOM   266  N  N   . PHE A 1 34  ? -10.092 5.650   -0.855  1.00 9.10  ? 33   PHE A N   1 
ATOM   267  C  CA  . PHE A 1 34  ? -10.961 6.634   -0.195  1.00 10.34 ? 33   PHE A CA  1 
ATOM   268  C  C   . PHE A 1 34  ? -12.384 6.627   -0.753  1.00 10.40 ? 33   PHE A C   1 
ATOM   269  O  O   . PHE A 1 34  ? -13.321 6.963   -0.018  1.00 13.09 ? 33   PHE A O   1 
ATOM   270  C  CB  . PHE A 1 34  ? -10.343 8.021   -0.239  1.00 11.33 ? 33   PHE A CB  1 
ATOM   271  C  CG  . PHE A 1 34  ? -9.048  8.112   0.520   1.00 11.49 ? 33   PHE A CG  1 
ATOM   272  C  CD1 . PHE A 1 34  ? -8.936  7.559   1.804   1.00 15.38 ? 33   PHE A CD1 1 
ATOM   273  C  CD2 . PHE A 1 34  ? -7.968  8.798   -0.013  1.00 15.78 ? 33   PHE A CD2 1 
ATOM   274  C  CE1 . PHE A 1 34  ? -7.713  7.646   2.505   1.00 16.27 ? 33   PHE A CE1 1 
ATOM   275  C  CE2 . PHE A 1 34  ? -6.768  8.900   0.692   1.00 17.14 ? 33   PHE A CE2 1 
ATOM   276  C  CZ  . PHE A 1 34  ? -6.646  8.318   1.939   1.00 15.65 ? 33   PHE A CZ  1 
ATOM   277  N  N   . LYS A 1 35  ? -12.550 6.203   -2.008  1.00 10.51 ? 34   LYS A N   1 
ATOM   278  C  CA  . LYS A 1 35  ? -13.893 6.061   -2.601  1.00 11.27 ? 34   LYS A CA  1 
ATOM   279  C  C   . LYS A 1 35  ? -14.569 4.794   -2.033  1.00 11.68 ? 34   LYS A C   1 
ATOM   280  O  O   . LYS A 1 35  ? -15.788 4.794   -1.747  1.00 13.15 ? 34   LYS A O   1 
ATOM   281  C  CB  . LYS A 1 35  ? -13.834 6.005   -4.131  1.00 11.78 ? 34   LYS A CB  1 
ATOM   282  C  CG  . LYS A 1 35  ? -13.644 7.376   -4.762  1.00 14.25 ? 34   LYS A CG  1 
ATOM   283  C  CD  . LYS A 1 35  ? -13.268 7.299   -6.236  1.00 21.75 ? 34   LYS A CD  1 
ATOM   284  C  CE  . LYS A 1 35  ? -14.374 6.847   -7.159  1.00 26.03 ? 34   LYS A CE  1 
ATOM   285  N  NZ  . LYS A 1 35  ? -13.725 6.411   -8.454  1.00 28.37 ? 34   LYS A NZ  1 
ATOM   286  N  N   . SER A 1 36  ? -13.778 3.748   -1.813  1.00 10.53 ? 35   SER A N   1 
ATOM   287  C  CA  . SER A 1 36  ? -14.308 2.475   -1.290  1.00 11.70 ? 35   SER A CA  1 
ATOM   288  C  C   . SER A 1 36  ? -14.594 2.583   0.208   1.00 11.88 ? 35   SER A C   1 
ATOM   289  O  O   . SER A 1 36  ? -15.514 1.946   0.711   1.00 11.96 ? 35   SER A O   1 
ATOM   290  C  CB  . SER A 1 36  ? -13.320 1.335   -1.544  1.00 11.80 ? 35   SER A CB  1 
ATOM   291  O  OG  . SER A 1 36  ? -13.119 1.105   -2.925  1.00 15.86 ? 35   SER A OG  1 
ATOM   292  N  N   . HIS A 1 37  ? -13.783 3.370   0.908   1.00 11.35 ? 36   HIS A N   1 
ATOM   293  C  CA  . HIS A 1 37  ? -13.798 3.433   2.369   1.00 12.57 ? 36   HIS A CA  1 
ATOM   294  C  C   . HIS A 1 37  ? -13.616 4.897   2.797   1.00 13.33 ? 36   HIS A C   1 
ATOM   295  O  O   . HIS A 1 37  ? -12.564 5.278   3.370   1.00 13.74 ? 36   HIS A O   1 
ATOM   296  C  CB  . HIS A 1 37  ? -12.713 2.502   2.952   1.00 13.27 ? 36   HIS A CB  1 
ATOM   297  C  CG  . HIS A 1 37  ? -12.965 1.059   2.661   1.00 13.80 ? 36   HIS A CG  1 
ATOM   298  N  ND1 . HIS A 1 37  ? -13.875 0.306   3.376   1.00 18.67 ? 36   HIS A ND1 1 
ATOM   299  C  CD2 . HIS A 1 37  ? -12.483 0.252   1.692   1.00 17.33 ? 36   HIS A CD2 1 
ATOM   300  C  CE1 . HIS A 1 37  ? -13.922 -0.911  2.868   1.00 17.96 ? 36   HIS A CE1 1 
ATOM   301  N  NE2 . HIS A 1 37  ? -13.086 -0.974  1.850   1.00 19.83 ? 36   HIS A NE2 1 
ATOM   302  N  N   . PRO A 1 38  ? -14.650 5.725   2.534   1.00 13.18 ? 37   PRO A N   1 
ATOM   303  C  CA  . PRO A 1 38  ? -14.547 7.174   2.800   1.00 13.90 ? 37   PRO A CA  1 
ATOM   304  C  C   . PRO A 1 38  ? -14.374 7.457   4.290   1.00 14.83 ? 37   PRO A C   1 
ATOM   305  O  O   . PRO A 1 38  ? -13.888 8.527   4.657   1.00 16.44 ? 37   PRO A O   1 
ATOM   306  C  CB  . PRO A 1 38  ? -15.862 7.769   2.256   1.00 14.59 ? 37   PRO A CB  1 
ATOM   307  C  CG  . PRO A 1 38  ? -16.783 6.594   1.999   1.00 14.02 ? 37   PRO A CG  1 
ATOM   308  C  CD  . PRO A 1 38  ? -15.964 5.318   1.977   1.00 13.97 ? 37   PRO A CD  1 
ATOM   309  N  N   . GLU A 1 39  ? -14.740 6.505   5.136   1.00 16.52 ? 38   GLU A N   1 
ATOM   310  C  CA  . GLU A 1 39  ? -14.524 6.641   6.583   1.00 19.51 ? 38   GLU A CA  1 
ATOM   311  C  C   . GLU A 1 39  ? -13.030 6.734   6.969   1.00 20.47 ? 38   GLU A C   1 
ATOM   312  O  O   . GLU A 1 39  ? -12.672 7.329   8.001   1.00 22.37 ? 38   GLU A O   1 
ATOM   313  C  CB  . GLU A 1 39  ? -15.212 5.478   7.318   1.00 20.09 ? 38   GLU A CB  1 
ATOM   314  C  CG  . GLU A 1 39  ? -14.483 4.109   7.237   1.00 22.48 ? 38   GLU A CG  1 
ATOM   315  C  CD  . GLU A 1 39  ? -14.829 3.299   5.991   1.00 24.44 ? 38   GLU A CD  1 
ATOM   316  O  OE1 . GLU A 1 39  ? -15.474 3.827   5.053   1.00 23.16 ? 38   GLU A OE1 1 
ATOM   317  O  OE2 . GLU A 1 39  ? -14.465 2.102   5.954   1.00 28.21 ? 38   GLU A OE2 1 
ATOM   318  N  N   . THR A 1 40  ? -12.156 6.169   6.138   1.00 19.65 ? 39   THR A N   1 
ATOM   319  C  CA  . THR A 1 40  ? -10.718 6.185   6.403   1.00 19.38 ? 39   THR A CA  1 
ATOM   320  C  C   . THR A 1 40  ? -10.135 7.589   6.232   1.00 19.55 ? 39   THR A C   1 
ATOM   321  O  O   . THR A 1 40  ? -9.038  7.862   6.720   1.00 19.38 ? 39   THR A O   1 
ATOM   322  C  CB  . THR A 1 40  ? -9.939  5.225   5.487   1.00 19.35 ? 39   THR A CB  1 
ATOM   323  O  OG1 . THR A 1 40  ? -10.022 5.693   4.152   1.00 17.60 ? 39   THR A OG1 1 
ATOM   324  C  CG2 . THR A 1 40  ? -10.489 3.784   5.567   1.00 21.17 ? 39   THR A CG2 1 
ATOM   325  N  N   . LEU A 1 41  ? -10.856 8.476   5.536   1.00 19.85 ? 40   LEU A N   1 
ATOM   326  C  CA  . LEU A 1 41  ? -10.326 9.832   5.289   1.00 20.88 ? 40   LEU A CA  1 
ATOM   327  C  C   . LEU A 1 41  ? -10.146 10.601  6.586   1.00 21.74 ? 40   LEU A C   1 
ATOM   328  O  O   . LEU A 1 41  ? -9.253  11.432  6.682   1.00 20.94 ? 40   LEU A O   1 
ATOM   329  C  CB  . LEU A 1 41  ? -11.214 10.643  4.350   1.00 20.82 ? 40   LEU A CB  1 
ATOM   330  C  CG  . LEU A 1 41  ? -11.075 10.459  2.835   1.00 22.79 ? 40   LEU A CG  1 
ATOM   331  C  CD1 . LEU A 1 41  ? -12.319 10.995  2.151   1.00 23.40 ? 40   LEU A CD1 1 
ATOM   332  C  CD2 . LEU A 1 41  ? -9.799  11.113  2.268   1.00 23.62 ? 40   LEU A CD2 1 
ATOM   333  N  N   . GLU A 1 42  ? -10.993 10.289  7.569   1.00 22.33 ? 41   GLU A N   1 
ATOM   334  C  CA  . GLU A 1 42  ? -11.033 11.003  8.847   1.00 24.36 ? 41   GLU A CA  1 
ATOM   335  C  C   . GLU A 1 42  ? -9.765  10.847  9.670   1.00 24.13 ? 41   GLU A C   1 
ATOM   336  O  O   . GLU A 1 42  ? -9.483  11.683  10.540  1.00 24.46 ? 41   GLU A O   1 
ATOM   337  C  CB  . GLU A 1 42  ? -12.224 10.519  9.684   1.00 24.70 ? 41   GLU A CB  1 
ATOM   338  C  CG  . GLU A 1 42  ? -12.623 11.479  10.785  1.00 29.61 ? 41   GLU A CG  1 
ATOM   339  C  CD  . GLU A 1 42  ? -14.067 11.337  11.186  1.00 35.42 ? 41   GLU A CD  1 
ATOM   340  O  OE1 . GLU A 1 42  ? -14.614 10.205  11.118  1.00 39.12 ? 41   GLU A OE1 1 
ATOM   341  O  OE2 . GLU A 1 42  ? -14.660 12.363  11.582  1.00 37.95 ? 41   GLU A OE2 1 
ATOM   342  N  N   . LYS A 1 43  ? -9.029  9.765   9.427   1.00 23.83 ? 42   LYS A N   1 
ATOM   343  C  CA  . LYS A 1 43  ? -7.826  9.455   10.193  1.00 24.62 ? 42   LYS A CA  1 
ATOM   344  C  C   . LYS A 1 43  ? -6.626  10.249  9.706   1.00 23.98 ? 42   LYS A C   1 
ATOM   345  O  O   . LYS A 1 43  ? -5.560  10.219  10.337  1.00 24.14 ? 42   LYS A O   1 
ATOM   346  C  CB  . LYS A 1 43  ? -7.488  7.958   10.098  1.00 25.07 ? 42   LYS A CB  1 
ATOM   347  C  CG  . LYS A 1 43  ? -8.653  7.038   10.360  1.00 28.92 ? 42   LYS A CG  1 
ATOM   348  C  CD  . LYS A 1 43  ? -9.081  7.003   11.817  1.00 31.94 ? 42   LYS A CD  1 
ATOM   349  C  CE  . LYS A 1 43  ? -8.131  6.199   12.678  1.00 34.25 ? 42   LYS A CE  1 
ATOM   350  N  NZ  . LYS A 1 43  ? -8.694  6.094   14.056  1.00 35.93 ? 42   LYS A NZ  1 
ATOM   351  N  N   . PHE A 1 44  ? -6.795  10.947  8.588   1.00 22.53 ? 43   PHE A N   1 
ATOM   352  C  CA  . PHE A 1 44  ? -5.694  11.602  7.927   1.00 22.97 ? 43   PHE A CA  1 
ATOM   353  C  C   . PHE A 1 44  ? -5.865  13.113  7.964   1.00 23.79 ? 43   PHE A C   1 
ATOM   354  O  O   . PHE A 1 44  ? -6.663  13.671  7.220   1.00 22.21 ? 43   PHE A O   1 
ATOM   355  C  CB  . PHE A 1 44  ? -5.573  11.091  6.486   1.00 22.93 ? 43   PHE A CB  1 
ATOM   356  C  CG  . PHE A 1 44  ? -5.092  9.660   6.383   1.00 21.55 ? 43   PHE A CG  1 
ATOM   357  C  CD1 . PHE A 1 44  ? -3.720  9.375   6.349   1.00 22.41 ? 43   PHE A CD1 1 
ATOM   358  C  CD2 . PHE A 1 44  ? -6.000  8.611   6.291   1.00 21.01 ? 43   PHE A CD2 1 
ATOM   359  C  CE1 . PHE A 1 44  ? -3.277  8.064   6.233   1.00 22.79 ? 43   PHE A CE1 1 
ATOM   360  C  CE2 . PHE A 1 44  ? -5.579  7.299   6.182   1.00 21.63 ? 43   PHE A CE2 1 
ATOM   361  C  CZ  . PHE A 1 44  ? -4.199  7.019   6.158   1.00 22.55 ? 43   PHE A CZ  1 
ATOM   362  N  N   . ASP A 1 45  ? -5.128  13.768  8.867   1.00 25.88 ? 44   ASP A N   1 
ATOM   363  C  CA  . ASP A 1 45  ? -5.106  15.237  8.924   1.00 27.79 ? 44   ASP A CA  1 
ATOM   364  C  C   . ASP A 1 45  ? -4.927  15.890  7.561   1.00 27.58 ? 44   ASP A C   1 
ATOM   365  O  O   . ASP A 1 45  ? -5.663  16.811  7.219   1.00 28.08 ? 44   ASP A O   1 
ATOM   366  C  CB  . ASP A 1 45  ? -3.986  15.736  9.833   1.00 28.75 ? 44   ASP A CB  1 
ATOM   367  C  CG  . ASP A 1 45  ? -4.254  15.468  11.289  1.00 32.26 ? 44   ASP A CG  1 
ATOM   368  O  OD1 . ASP A 1 45  ? -5.333  15.874  11.794  1.00 36.15 ? 44   ASP A OD1 1 
ATOM   369  O  OD2 . ASP A 1 45  ? -3.364  14.859  11.929  1.00 37.19 ? 44   ASP A OD2 1 
ATOM   370  N  N   . ARG A 1 46  ? -3.958  15.411  6.783   1.00 28.08 ? 45   ARG A N   1 
ATOM   371  C  CA  . ARG A 1 46  ? -3.684  16.020  5.475   1.00 28.11 ? 45   ARG A CA  1 
ATOM   372  C  C   . ARG A 1 46  ? -4.687  15.705  4.372   1.00 28.60 ? 45   ARG A C   1 
ATOM   373  O  O   . ARG A 1 46  ? -4.543  16.229  3.256   1.00 29.10 ? 45   ARG A O   1 
ATOM   374  C  CB  . ARG A 1 46  ? -2.266  15.708  4.995   1.00 28.37 ? 45   ARG A CB  1 
ATOM   375  C  CG  . ARG A 1 46  ? -1.277  16.735  5.459   1.00 28.29 ? 45   ARG A CG  1 
ATOM   376  C  CD  . ARG A 1 46  ? 0.123   16.264  5.290   1.00 26.74 ? 45   ARG A CD  1 
ATOM   377  N  NE  . ARG A 1 46  ? 1.036   17.167  5.960   1.00 28.90 ? 45   ARG A NE  1 
ATOM   378  C  CZ  . ARG A 1 46  ? 2.359   17.133  5.851   1.00 28.31 ? 45   ARG A CZ  1 
ATOM   379  N  NH1 . ARG A 1 46  ? 2.954   16.217  5.089   1.00 32.70 ? 45   ARG A NH1 1 
ATOM   380  N  NH2 . ARG A 1 46  ? 3.088   18.025  6.506   1.00 32.31 ? 45   ARG A NH2 1 
ATOM   381  N  N   . PHE A 1 47  ? -5.682  14.855  4.656   1.00 27.22 ? 46   PHE A N   1 
ATOM   382  C  CA  . PHE A 1 47  ? -6.674  14.502  3.632   1.00 27.29 ? 46   PHE A CA  1 
ATOM   383  C  C   . PHE A 1 47  ? -8.105  14.843  3.979   1.00 27.43 ? 46   PHE A C   1 
ATOM   384  O  O   . PHE A 1 47  ? -8.961  14.738  3.102   1.00 27.07 ? 46   PHE A O   1 
ATOM   385  C  CB  . PHE A 1 47  ? -6.644  13.007  3.259   1.00 26.89 ? 46   PHE A CB  1 
ATOM   386  C  CG  . PHE A 1 47  ? -5.288  12.485  2.897   1.00 27.64 ? 46   PHE A CG  1 
ATOM   387  C  CD1 . PHE A 1 47  ? -4.442  13.201  2.047   1.00 27.41 ? 46   PHE A CD1 1 
ATOM   388  C  CD2 . PHE A 1 47  ? -4.871  11.253  3.375   1.00 27.21 ? 46   PHE A CD2 1 
ATOM   389  C  CE1 . PHE A 1 47  ? -3.198  12.708  1.732   1.00 28.98 ? 46   PHE A CE1 1 
ATOM   390  C  CE2 . PHE A 1 47  ? -3.610  10.748  3.055   1.00 28.99 ? 46   PHE A CE2 1 
ATOM   391  C  CZ  . PHE A 1 47  ? -2.780  11.478  2.235   1.00 26.87 ? 46   PHE A CZ  1 
ATOM   392  N  N   . LYS A 1 48  ? -8.382  15.233  5.228   1.00 27.39 ? 47   LYS A N   1 
ATOM   393  C  CA  A LYS A 1 48  ? -9.754  15.512  5.689   0.50 28.01 ? 47   LYS A CA  1 
ATOM   394  C  CA  B LYS A 1 48  ? -9.781  15.426  5.618   0.50 27.91 ? 47   LYS A CA  1 
ATOM   395  C  C   . LYS A 1 48  ? -10.513 16.521  4.830   1.00 27.99 ? 47   LYS A C   1 
ATOM   396  O  O   . LYS A 1 48  ? -11.736 16.501  4.772   1.00 28.18 ? 47   LYS A O   1 
ATOM   397  C  CB  A LYS A 1 48  ? -9.755  16.006  7.138   0.50 28.14 ? 47   LYS A CB  1 
ATOM   398  C  CB  B LYS A 1 48  ? -9.993  15.547  7.140   0.50 27.87 ? 47   LYS A CB  1 
ATOM   399  C  CG  A LYS A 1 48  ? -9.946  14.922  8.177   0.50 28.97 ? 47   LYS A CG  1 
ATOM   400  C  CG  B LYS A 1 48  ? -8.934  16.295  7.933   0.50 28.23 ? 47   LYS A CG  1 
ATOM   401  C  CD  A LYS A 1 48  ? -10.343 15.546  9.502   0.50 30.32 ? 47   LYS A CD  1 
ATOM   402  C  CD  B LYS A 1 48  ? -9.174  16.061  9.422   0.50 28.16 ? 47   LYS A CD  1 
ATOM   403  C  CE  A LYS A 1 48  ? -10.271 14.543  10.634  0.50 29.70 ? 47   LYS A CE  1 
ATOM   404  C  CE  B LYS A 1 48  ? -8.125  16.709  10.302  0.50 29.16 ? 47   LYS A CE  1 
ATOM   405  N  NZ  A LYS A 1 48  ? -10.397 15.190  11.966  0.50 31.09 ? 47   LYS A NZ  1 
ATOM   406  N  NZ  B LYS A 1 48  ? -8.096  16.090  11.665  0.50 29.52 ? 47   LYS A NZ  1 
ATOM   407  N  N   . HIS A 1 49  ? -9.768  17.422  4.186   1.00 27.91 ? 48   HIS A N   1 
ATOM   408  C  CA  . HIS A 1 49  ? -10.361 18.464  3.341   1.00 28.41 ? 48   HIS A CA  1 
ATOM   409  C  C   . HIS A 1 49  ? -10.889 17.942  2.002   1.00 28.95 ? 48   HIS A C   1 
ATOM   410  O  O   . HIS A 1 49  ? -11.571 18.672  1.279   1.00 29.29 ? 48   HIS A O   1 
ATOM   411  C  CB  . HIS A 1 49  ? -9.379  19.639  3.119   1.00 28.21 ? 48   HIS A CB  1 
ATOM   412  C  CG  . HIS A 1 49  ? -8.135  19.287  2.351   1.00 27.63 ? 48   HIS A CG  1 
ATOM   413  N  ND1 . HIS A 1 49  ? -7.098  18.561  2.898   1.00 28.16 ? 48   HIS A ND1 1 
ATOM   414  C  CD2 . HIS A 1 49  ? -7.742  19.608  1.093   1.00 25.87 ? 48   HIS A CD2 1 
ATOM   415  C  CE1 . HIS A 1 49  ? -6.132  18.426  2.003   1.00 27.29 ? 48   HIS A CE1 1 
ATOM   416  N  NE2 . HIS A 1 49  ? -6.494  19.058  0.901   1.00 25.70 ? 48   HIS A NE2 1 
ATOM   417  N  N   . LEU A 1 50  ? -10.569 16.688  1.679   1.00 28.93 ? 49   LEU A N   1 
ATOM   418  C  CA  . LEU A 1 50  ? -10.889 16.104  0.370   1.00 29.56 ? 49   LEU A CA  1 
ATOM   419  C  C   . LEU A 1 50  ? -12.177 15.304  0.392   1.00 30.81 ? 49   LEU A C   1 
ATOM   420  O  O   . LEU A 1 50  ? -12.230 14.218  0.960   1.00 31.47 ? 49   LEU A O   1 
ATOM   421  C  CB  . LEU A 1 50  ? -9.757  15.195  -0.107  1.00 29.03 ? 49   LEU A CB  1 
ATOM   422  C  CG  . LEU A 1 50  ? -8.376  15.826  -0.267  1.00 27.18 ? 49   LEU A CG  1 
ATOM   423  C  CD1 . LEU A 1 50  ? -7.350  14.744  -0.556  1.00 25.91 ? 49   LEU A CD1 1 
ATOM   424  C  CD2 . LEU A 1 50  ? -8.371  16.889  -1.358  1.00 25.30 ? 49   LEU A CD2 1 
ATOM   425  N  N   . LYS A 1 51  ? -13.215 15.834  -0.246  1.00 32.21 ? 50   LYS A N   1 
ATOM   426  C  CA  . LYS A 1 51  ? -14.516 15.165  -0.226  1.00 33.10 ? 50   LYS A CA  1 
ATOM   427  C  C   . LYS A 1 51  ? -14.783 14.431  -1.545  1.00 33.58 ? 50   LYS A C   1 
ATOM   428  O  O   . LYS A 1 51  ? -15.164 13.253  -1.554  1.00 33.96 ? 50   LYS A O   1 
ATOM   429  C  CB  . LYS A 1 51  ? -15.648 16.165  0.066   1.00 33.96 ? 50   LYS A CB  1 
ATOM   430  C  CG  . LYS A 1 51  ? -15.212 17.524  0.651   1.00 34.46 ? 50   LYS A CG  1 
ATOM   431  C  CD  . LYS A 1 51  ? -14.945 17.499  2.169   1.00 37.26 ? 50   LYS A CD  1 
ATOM   432  C  CE  . LYS A 1 51  ? -14.602 18.913  2.674   1.00 37.26 ? 50   LYS A CE  1 
ATOM   433  N  NZ  . LYS A 1 51  ? -14.383 19.011  4.151   1.00 37.97 ? 50   LYS A NZ  1 
ATOM   434  N  N   . THR A 1 52  ? -14.589 15.142  -2.655  1.00 33.09 ? 51   THR A N   1 
ATOM   435  C  CA  . THR A 1 52  ? -14.987 14.649  -3.961  1.00 31.42 ? 51   THR A CA  1 
ATOM   436  C  C   . THR A 1 52  ? -13.812 14.035  -4.702  1.00 30.68 ? 51   THR A C   1 
ATOM   437  O  O   . THR A 1 52  ? -12.648 14.304  -4.380  1.00 30.35 ? 51   THR A O   1 
ATOM   438  C  CB  . THR A 1 52  ? -15.600 15.787  -4.825  1.00 31.95 ? 51   THR A CB  1 
ATOM   439  O  OG1 . THR A 1 52  ? -14.589 16.770  -5.137  1.00 30.87 ? 51   THR A OG1 1 
ATOM   440  C  CG2 . THR A 1 52  ? -16.754 16.454  -4.096  1.00 32.14 ? 51   THR A CG2 1 
ATOM   441  N  N   . GLU A 1 53  ? -14.118 13.230  -5.713  1.00 29.40 ? 52   GLU A N   1 
ATOM   442  C  CA  . GLU A 1 53  ? -13.083 12.653  -6.561  1.00 28.62 ? 52   GLU A CA  1 
ATOM   443  C  C   . GLU A 1 53  ? -12.272 13.724  -7.289  1.00 27.17 ? 52   GLU A C   1 
ATOM   444  O  O   . GLU A 1 53  ? -11.068 13.544  -7.519  1.00 26.65 ? 52   GLU A O   1 
ATOM   445  C  CB  . GLU A 1 53  ? -13.684 11.661  -7.555  1.00 29.01 ? 52   GLU A CB  1 
ATOM   446  C  CG  . GLU A 1 53  ? -12.673 11.018  -8.485  1.00 31.34 ? 52   GLU A CG  1 
ATOM   447  C  CD  . GLU A 1 53  ? -13.222 9.798   -9.196  1.00 34.87 ? 52   GLU A CD  1 
ATOM   448  O  OE1 . GLU A 1 53  ? -14.460 9.682   -9.343  1.00 36.55 ? 52   GLU A OE1 1 
ATOM   449  O  OE2 . GLU A 1 53  ? -12.406 8.953   -9.613  1.00 36.90 ? 52   GLU A OE2 1 
ATOM   450  N  N   . ALA A 1 54  ? -12.930 14.832  -7.657  1.00 25.79 ? 53   ALA A N   1 
ATOM   451  C  CA  . ALA A 1 54  ? -12.232 15.928  -8.322  1.00 23.88 ? 53   ALA A CA  1 
ATOM   452  C  C   . ALA A 1 54  ? -11.132 16.462  -7.424  1.00 22.32 ? 53   ALA A C   1 
ATOM   453  O  O   . ALA A 1 54  ? -9.999  16.648  -7.869  1.00 22.32 ? 53   ALA A O   1 
ATOM   454  C  CB  . ALA A 1 54  ? -13.194 17.036  -8.696  1.00 24.33 ? 53   ALA A CB  1 
ATOM   455  N  N   . GLU A 1 55  ? -11.483 16.699  -6.160  1.00 21.30 ? 54   GLU A N   1 
ATOM   456  C  CA  . GLU A 1 55  ? -10.567 17.260  -5.181  1.00 21.26 ? 54   GLU A CA  1 
ATOM   457  C  C   . GLU A 1 55  ? -9.409  16.287  -4.976  1.00 19.97 ? 54   GLU A C   1 
ATOM   458  O  O   . GLU A 1 55  ? -8.248  16.680  -4.946  1.00 19.24 ? 54   GLU A O   1 
ATOM   459  C  CB  . GLU A 1 55  ? -11.304 17.561  -3.870  1.00 21.82 ? 54   GLU A CB  1 
ATOM   460  C  CG  . GLU A 1 55  ? -12.293 18.733  -4.012  1.00 25.87 ? 54   GLU A CG  1 
ATOM   461  C  CD  . GLU A 1 55  ? -13.321 18.796  -2.900  1.00 32.11 ? 54   GLU A CD  1 
ATOM   462  O  OE1 . GLU A 1 55  ? -13.329 17.909  -2.017  1.00 32.66 ? 54   GLU A OE1 1 
ATOM   463  O  OE2 . GLU A 1 55  ? -14.143 19.746  -2.917  1.00 35.30 ? 54   GLU A OE2 1 
ATOM   464  N  N   . MET A 1 56  ? -9.727  14.997  -4.925  1.00 19.30 ? 55   MET A N   1 
ATOM   465  C  CA  . MET A 1 56  ? -8.672  14.001  -4.768  1.00 18.53 ? 55   MET A CA  1 
ATOM   466  C  C   . MET A 1 56  ? -7.683  14.012  -5.922  1.00 18.36 ? 55   MET A C   1 
ATOM   467  O  O   . MET A 1 56  ? -6.469  13.978  -5.701  1.00 17.04 ? 55   MET A O   1 
ATOM   468  C  CB  . MET A 1 56  ? -9.248  12.596  -4.582  1.00 18.51 ? 55   MET A CB  1 
ATOM   469  C  CG  . MET A 1 56  ? -10.167 12.497  -3.400  1.00 17.11 ? 55   MET A CG  1 
ATOM   470  S  SD  . MET A 1 56  ? -10.777 10.799  -3.259  1.00 21.36 ? 55   MET A SD  1 
ATOM   471  C  CE  . MET A 1 56  ? -11.998 11.007  -1.976  1.00 19.91 ? 55   MET A CE  1 
ATOM   472  N  N   . LYS A 1 57  ? -8.205  14.093  -7.153  1.00 19.50 ? 56   LYS A N   1 
ATOM   473  C  CA  . LYS A 1 57  ? -7.356  14.027  -8.341  1.00 21.35 ? 56   LYS A CA  1 
ATOM   474  C  C   . LYS A 1 57  ? -6.379  15.208  -8.431  1.00 20.80 ? 56   LYS A C   1 
ATOM   475  O  O   . LYS A 1 57  ? -5.266  15.055  -8.931  1.00 21.65 ? 56   LYS A O   1 
ATOM   476  C  CB  . LYS A 1 57  ? -8.203  13.910  -9.622  1.00 21.68 ? 56   LYS A CB  1 
ATOM   477  C  CG  . LYS A 1 57  ? -8.906  12.541  -9.799  1.00 23.83 ? 56   LYS A CG  1 
ATOM   478  C  CD  . LYS A 1 57  ? -9.598  12.449  -11.169 1.00 24.29 ? 56   LYS A CD  1 
ATOM   479  C  CE  . LYS A 1 57  ? -9.921  11.006  -11.552 1.00 28.65 ? 56   LYS A CE  1 
ATOM   480  N  NZ  . LYS A 1 57  ? -10.887 10.943  -12.698 1.00 31.79 ? 56   LYS A NZ  1 
ATOM   481  N  N   . ALA A 1 58  ? -6.793  16.364  -7.908  1.00 20.09 ? 57   ALA A N   1 
ATOM   482  C  CA  . ALA A 1 58  ? -5.987  17.579  -7.952  1.00 20.76 ? 57   ALA A CA  1 
ATOM   483  C  C   . ALA A 1 58  ? -5.079  17.770  -6.731  1.00 20.04 ? 57   ALA A C   1 
ATOM   484  O  O   . ALA A 1 58  ? -4.297  18.712  -6.678  1.00 21.21 ? 57   ALA A O   1 
ATOM   485  C  CB  . ALA A 1 58  ? -6.889  18.803  -8.146  1.00 21.05 ? 57   ALA A CB  1 
ATOM   486  N  N   . SER A 1 59  ? -5.161  16.864  -5.760  1.00 18.70 ? 58   SER A N   1 
ATOM   487  C  CA  . SER A 1 59  ? -4.425  17.024  -4.511  1.00 17.60 ? 58   SER A CA  1 
ATOM   488  C  C   . SER A 1 59  ? -2.952  16.612  -4.575  1.00 16.94 ? 58   SER A C   1 
ATOM   489  O  O   . SER A 1 59  ? -2.622  15.430  -4.774  1.00 16.55 ? 58   SER A O   1 
ATOM   490  C  CB  . SER A 1 59  ? -5.105  16.218  -3.394  1.00 16.54 ? 58   SER A CB  1 
ATOM   491  O  OG  . SER A 1 59  ? -4.295  16.221  -2.221  1.00 14.85 ? 58   SER A OG  1 
ATOM   492  N  N   . GLU A 1 60  ? -2.063  17.579  -4.350  1.00 17.09 ? 59   GLU A N   1 
ATOM   493  C  CA  . GLU A 1 60  ? -0.636  17.279  -4.252  1.00 17.45 ? 59   GLU A CA  1 
ATOM   494  C  C   . GLU A 1 60  ? -0.323  16.417  -3.025  1.00 16.79 ? 59   GLU A C   1 
ATOM   495  O  O   . GLU A 1 60  ? 0.519   15.522  -3.097  1.00 16.11 ? 59   GLU A O   1 
ATOM   496  C  CB  . GLU A 1 60  ? 0.207   18.564  -4.273  1.00 19.06 ? 59   GLU A CB  1 
ATOM   497  C  CG  . GLU A 1 60  ? 1.728   18.364  -4.266  1.00 24.44 ? 59   GLU A CG  1 
ATOM   498  C  CD  . GLU A 1 60  ? 2.277   17.678  -5.529  1.00 31.31 ? 59   GLU A CD  1 
ATOM   499  O  OE1 . GLU A 1 60  ? 1.676   17.828  -6.624  1.00 33.47 ? 59   GLU A OE1 1 
ATOM   500  O  OE2 . GLU A 1 60  ? 3.324   16.992  -5.415  1.00 34.68 ? 59   GLU A OE2 1 
ATOM   501  N  N   . ASP A 1 61  ? -1.011  16.673  -1.916  1.00 16.29 ? 60   ASP A N   1 
ATOM   502  C  CA  . ASP A 1 61  ? -0.847  15.846  -0.716  1.00 15.36 ? 60   ASP A CA  1 
ATOM   503  C  C   . ASP A 1 61  ? -1.124  14.357  -0.996  1.00 14.13 ? 60   ASP A C   1 
ATOM   504  O  O   . ASP A 1 61  ? -0.374  13.483  -0.557  1.00 13.05 ? 60   ASP A O   1 
ATOM   505  C  CB  . ASP A 1 61  ? -1.776  16.339  0.376   1.00 15.95 ? 60   ASP A CB  1 
ATOM   506  C  CG  . ASP A 1 61  ? -1.177  17.495  1.142   1.00 20.01 ? 60   ASP A CG  1 
ATOM   507  O  OD1 . ASP A 1 61  ? -0.011  17.362  1.558   1.00 21.58 ? 60   ASP A OD1 1 
ATOM   508  O  OD2 . ASP A 1 61  ? -1.868  18.515  1.290   1.00 22.15 ? 60   ASP A OD2 1 
ATOM   509  N  N   . LEU A 1 62  ? -2.200  14.087  -1.724  1.00 13.86 ? 61   LEU A N   1 
ATOM   510  C  CA  . LEU A 1 62  ? -2.610  12.699  -1.985  1.00 13.75 ? 61   LEU A CA  1 
ATOM   511  C  C   . LEU A 1 62  ? -1.589  12.026  -2.910  1.00 14.08 ? 61   LEU A C   1 
ATOM   512  O  O   . LEU A 1 62  ? -1.164  10.894  -2.668  1.00 13.03 ? 61   LEU A O   1 
ATOM   513  C  CB  . LEU A 1 62  ? -4.041  12.667  -2.519  1.00 14.23 ? 61   LEU A CB  1 
ATOM   514  C  CG  . LEU A 1 62  ? -4.726  11.326  -2.757  1.00 15.25 ? 61   LEU A CG  1 
ATOM   515  C  CD1 . LEU A 1 62  ? -6.236  11.457  -2.592  1.00 16.40 ? 61   LEU A CD1 1 
ATOM   516  C  CD2 . LEU A 1 62  ? -4.359  10.782  -4.144  1.00 17.42 ? 61   LEU A CD2 1 
ATOM   517  N  N   . LYS A 1 63  ? -1.159  12.753  -3.942  1.00 13.52 ? 62   LYS A N   1 
ATOM   518  C  CA  . LYS A 1 63  ? -0.139  12.248  -4.838  1.00 14.23 ? 62   LYS A CA  1 
ATOM   519  C  C   . LYS A 1 63  ? 1.189   11.986  -4.082  1.00 13.78 ? 62   LYS A C   1 
ATOM   520  O  O   . LYS A 1 63  ? 1.777   10.902  -4.188  1.00 13.77 ? 62   LYS A O   1 
ATOM   521  C  CB  . LYS A 1 63  ? 0.056   13.242  -5.989  1.00 15.33 ? 62   LYS A CB  1 
ATOM   522  C  CG  . LYS A 1 63  ? 1.160   12.818  -6.931  1.00 18.45 ? 62   LYS A CG  1 
ATOM   523  C  CD  . LYS A 1 63  ? 1.475   13.949  -7.903  1.00 23.50 ? 62   LYS A CD  1 
ATOM   524  C  CE  . LYS A 1 63  ? 0.206   14.496  -8.512  1.00 28.06 ? 62   LYS A CE  1 
ATOM   525  N  NZ  . LYS A 1 63  ? 0.483   15.711  -9.345  1.00 33.11 ? 62   LYS A NZ  1 
ATOM   526  N  N   . LYS A 1 64  ? 1.620   12.957  -3.277  1.00 14.07 ? 63   LYS A N   1 
ATOM   527  C  CA  . LYS A 1 64  ? 2.828   12.782  -2.489  1.00 15.94 ? 63   LYS A CA  1 
ATOM   528  C  C   . LYS A 1 64  ? 2.699   11.561  -1.584  1.00 14.89 ? 63   LYS A C   1 
ATOM   529  O  O   . LYS A 1 64  ? 3.620   10.733  -1.499  1.00 15.44 ? 63   LYS A O   1 
ATOM   530  C  CB  . LYS A 1 64  ? 3.154   14.031  -1.656  1.00 16.80 ? 63   LYS A CB  1 
ATOM   531  C  CG  . LYS A 1 64  ? 3.873   15.100  -2.456  1.00 19.73 ? 63   LYS A CG  1 
ATOM   532  C  CD  . LYS A 1 64  ? 4.229   16.312  -1.579  1.00 20.73 ? 63   LYS A CD  1 
ATOM   533  C  CE  . LYS A 1 64  ? 5.318   16.031  -0.556  1.00 27.88 ? 63   LYS A CE  1 
ATOM   534  N  NZ  . LYS A 1 64  ? 4.776   15.936  0.852   1.00 31.77 ? 63   LYS A NZ  1 
ATOM   535  N  N   . HIS A 1 65  ? 1.559   11.441  -0.925  1.00 13.72 ? 64   HIS A N   1 
ATOM   536  C  CA  . HIS A 1 65  ? 1.429   10.356  0.041   1.00 13.71 ? 64   HIS A CA  1 
ATOM   537  C  C   . HIS A 1 65  ? 1.396   9.003   -0.649  1.00 13.42 ? 64   HIS A C   1 
ATOM   538  O  O   . HIS A 1 65  ? 1.896   8.003   -0.109  1.00 12.69 ? 64   HIS A O   1 
ATOM   539  C  CB  . HIS A 1 65  ? 0.218   10.493  0.942   1.00 14.81 ? 64   HIS A CB  1 
ATOM   540  C  CG  . HIS A 1 65  ? 0.350   9.689   2.195   1.00 15.66 ? 64   HIS A CG  1 
ATOM   541  N  ND1 . HIS A 1 65  ? 1.307   9.975   3.143   1.00 19.93 ? 64   HIS A ND1 1 
ATOM   542  C  CD2 . HIS A 1 65  ? -0.309  8.590   2.646   1.00 18.02 ? 64   HIS A CD2 1 
ATOM   543  C  CE1 . HIS A 1 65  ? 1.226   9.107   4.133   1.00 20.96 ? 64   HIS A CE1 1 
ATOM   544  N  NE2 . HIS A 1 65  ? 0.257   8.253   3.857   1.00 17.55 ? 64   HIS A NE2 1 
ATOM   545  N  N   . GLY A 1 66  ? 0.800   8.972   -1.838  1.00 12.89 ? 65   GLY A N   1 
ATOM   546  C  CA  . GLY A 1 66  ? 0.748   7.720   -2.624  1.00 12.44 ? 65   GLY A CA  1 
ATOM   547  C  C   . GLY A 1 66  ? 2.156   7.224   -2.904  1.00 12.25 ? 65   GLY A C   1 
ATOM   548  O  O   . GLY A 1 66  ? 2.471   6.037   -2.748  1.00 12.72 ? 65   GLY A O   1 
ATOM   549  N  N   . VAL A 1 67  ? 3.017   8.151   -3.294  1.00 11.90 ? 66   VAL A N   1 
ATOM   550  C  CA  . VAL A 1 67  ? 4.412   7.817   -3.558  1.00 12.03 ? 66   VAL A CA  1 
ATOM   551  C  C   . VAL A 1 67  ? 5.120   7.303   -2.269  1.00 12.62 ? 66   VAL A C   1 
ATOM   552  O  O   . VAL A 1 67  ? 5.841   6.309   -2.315  1.00 12.92 ? 66   VAL A O   1 
ATOM   553  C  CB  . VAL A 1 67  ? 5.159   9.010   -4.158  1.00 12.85 ? 66   VAL A CB  1 
ATOM   554  C  CG1 . VAL A 1 67  ? 6.667   8.723   -4.188  1.00 13.81 ? 66   VAL A CG1 1 
ATOM   555  C  CG2 . VAL A 1 67  ? 4.576   9.421   -5.526  1.00 13.40 ? 66   VAL A CG2 1 
ATOM   556  N  N   . THR A 1 68  ? 4.893   7.959   -1.142  1.00 12.67 ? 67   THR A N   1 
ATOM   557  C  CA  . THR A 1 68  ? 5.469   7.525   0.131   1.00 14.39 ? 67   THR A CA  1 
ATOM   558  C  C   . THR A 1 68  ? 5.012   6.111   0.504   1.00 13.94 ? 67   THR A C   1 
ATOM   559  O  O   . THR A 1 68  ? 5.826   5.253   0.894   1.00 14.49 ? 67   THR A O   1 
ATOM   560  C  CB  . THR A 1 68  ? 5.092   8.509   1.222   1.00 15.33 ? 67   THR A CB  1 
ATOM   561  O  OG1 . THR A 1 68  ? 5.701   9.777   0.911   1.00 16.46 ? 67   THR A OG1 1 
ATOM   562  C  CG2 . THR A 1 68  ? 5.594   8.036   2.575   1.00 17.69 ? 67   THR A CG2 1 
ATOM   563  N  N   . VAL A 1 69  ? 3.713   5.866   0.379   1.00 13.83 ? 68   VAL A N   1 
ATOM   564  C  CA  . VAL A 1 69  ? 3.173   4.559   0.747   1.00 14.48 ? 68   VAL A CA  1 
ATOM   565  C  C   . VAL A 1 69  ? 3.763   3.459   -0.137  1.00 14.71 ? 68   VAL A C   1 
ATOM   566  O  O   . VAL A 1 69  ? 4.215   2.435   0.372   1.00 14.76 ? 68   VAL A O   1 
ATOM   567  C  CB  . VAL A 1 69  ? 1.631   4.524   0.707   1.00 14.73 ? 68   VAL A CB  1 
ATOM   568  C  CG1 . VAL A 1 69  ? 1.110   3.065   0.865   1.00 16.67 ? 68   VAL A CG1 1 
ATOM   569  C  CG2 . VAL A 1 69  ? 1.038   5.425   1.791   1.00 15.55 ? 68   VAL A CG2 1 
ATOM   570  N  N   . LEU A 1 70  ? 3.756   3.663   -1.456  1.00 13.97 ? 69   LEU A N   1 
ATOM   571  C  CA  . LEU A 1 70  ? 4.245   2.647   -2.369  1.00 14.89 ? 69   LEU A CA  1 
ATOM   572  C  C   . LEU A 1 70  ? 5.743   2.419   -2.221  1.00 14.81 ? 69   LEU A C   1 
ATOM   573  O  O   . LEU A 1 70  ? 6.225   1.303   -2.387  1.00 15.17 ? 69   LEU A O   1 
ATOM   574  C  CB  . LEU A 1 70  ? 3.862   2.956   -3.811  1.00 13.88 ? 69   LEU A CB  1 
ATOM   575  C  CG  . LEU A 1 70  ? 2.359   2.973   -4.132  1.00 13.42 ? 69   LEU A CG  1 
ATOM   576  C  CD1 . LEU A 1 70  ? 2.135   3.326   -5.629  1.00 14.23 ? 69   LEU A CD1 1 
ATOM   577  C  CD2 . LEU A 1 70  ? 1.689   1.620   -3.799  1.00 12.74 ? 69   LEU A CD2 1 
ATOM   578  N  N   . THR A 1 71  ? 6.470   3.477   -1.872  1.00 14.18 ? 70   THR A N   1 
ATOM   579  C  CA  . THR A 1 71  ? 7.912   3.353   -1.708  1.00 15.00 ? 70   THR A CA  1 
ATOM   580  C  C   . THR A 1 71  ? 8.193   2.485   -0.463  1.00 15.68 ? 70   THR A C   1 
ATOM   581  O  O   . THR A 1 71  ? 9.038   1.587   -0.511  1.00 17.29 ? 70   THR A O   1 
ATOM   582  C  CB  . THR A 1 71  ? 8.572   4.737   -1.610  1.00 14.77 ? 70   THR A CB  1 
ATOM   583  O  OG1 . THR A 1 71  ? 8.336   5.451   -2.834  1.00 14.67 ? 70   THR A OG1 1 
ATOM   584  C  CG2 . THR A 1 71  ? 10.100  4.603   -1.442  1.00 15.39 ? 70   THR A CG2 1 
ATOM   585  N  N   . ALA A 1 72  ? 7.513   2.785   0.640   1.00 15.38 ? 71   ALA A N   1 
ATOM   586  C  CA  . ALA A 1 72  ? 7.633   1.997   1.882   1.00 15.63 ? 71   ALA A CA  1 
ATOM   587  C  C   . ALA A 1 72  ? 7.249   0.538   1.623   1.00 16.55 ? 71   ALA A C   1 
ATOM   588  O  O   . ALA A 1 72  ? 7.971   -0.395  2.014   1.00 17.83 ? 71   ALA A O   1 
ATOM   589  C  CB  . ALA A 1 72  ? 6.765   2.575   2.958   1.00 16.70 ? 71   ALA A CB  1 
ATOM   590  N  N   . LEU A 1 73  ? 6.118   0.335   0.951   1.00 15.75 ? 72   LEU A N   1 
ATOM   591  C  CA  . LEU A 1 73  ? 5.677   -1.020  0.621   1.00 15.42 ? 72   LEU A CA  1 
ATOM   592  C  C   . LEU A 1 73  ? 6.669   -1.762  -0.289  1.00 16.32 ? 72   LEU A C   1 
ATOM   593  O  O   . LEU A 1 73  ? 6.962   -2.956  -0.085  1.00 15.54 ? 72   LEU A O   1 
ATOM   594  C  CB  . LEU A 1 73  ? 4.291   -0.964  -0.022  1.00 15.12 ? 72   LEU A CB  1 
ATOM   595  C  CG  . LEU A 1 73  ? 3.738   -2.291  -0.528  1.00 15.22 ? 72   LEU A CG  1 
ATOM   596  C  CD1 . LEU A 1 73  ? 3.667   -3.292  0.647   1.00 14.51 ? 72   LEU A CD1 1 
ATOM   597  C  CD2 . LEU A 1 73  ? 2.338   -2.050  -1.156  1.00 14.57 ? 72   LEU A CD2 1 
ATOM   598  N  N   . GLY A 1 74  ? 7.166   -1.074  -1.319  1.00 16.20 ? 73   GLY A N   1 
ATOM   599  C  CA  . GLY A 1 74  ? 8.112   -1.642  -2.256  1.00 17.73 ? 73   GLY A CA  1 
ATOM   600  C  C   . GLY A 1 74  ? 9.363   -2.161  -1.574  1.00 18.04 ? 73   GLY A C   1 
ATOM   601  O  O   . GLY A 1 74  ? 9.860   -3.234  -1.907  1.00 17.80 ? 73   GLY A O   1 
ATOM   602  N  N   . ALA A 1 75  ? 9.872   -1.391  -0.610  1.00 18.37 ? 74   ALA A N   1 
ATOM   603  C  CA  . ALA A 1 75  ? 11.092  -1.772  0.094   1.00 19.24 ? 74   ALA A CA  1 
ATOM   604  C  C   . ALA A 1 75  ? 10.881  -3.097  0.824   1.00 19.46 ? 74   ALA A C   1 
ATOM   605  O  O   . ALA A 1 75  ? 11.782  -3.937  0.845   1.00 20.56 ? 74   ALA A O   1 
ATOM   606  C  CB  . ALA A 1 75  ? 11.517  -0.677  1.066   1.00 18.79 ? 74   ALA A CB  1 
ATOM   607  N  N   . ILE A 1 76  ? 9.696   -3.273  1.403   1.00 19.48 ? 75   ILE A N   1 
ATOM   608  C  CA  . ILE A 1 76  ? 9.334   -4.540  2.055   1.00 20.68 ? 75   ILE A CA  1 
ATOM   609  C  C   . ILE A 1 76  ? 9.221   -5.667  1.002   1.00 20.49 ? 75   ILE A C   1 
ATOM   610  O  O   . ILE A 1 76  ? 9.851   -6.737  1.128   1.00 20.76 ? 75   ILE A O   1 
ATOM   611  C  CB  . ILE A 1 76  ? 8.059   -4.372  2.952   1.00 19.87 ? 75   ILE A CB  1 
ATOM   612  C  CG1 . ILE A 1 76  ? 8.342   -3.354  4.079   1.00 22.07 ? 75   ILE A CG1 1 
ATOM   613  C  CG2 . ILE A 1 76  ? 7.576   -5.733  3.494   1.00 22.44 ? 75   ILE A CG2 1 
ATOM   614  C  CD1 . ILE A 1 76  ? 7.089   -2.626  4.666   1.00 22.71 ? 75   ILE A CD1 1 
ATOM   615  N  N   . LEU A 1 77  ? 8.442   -5.431  -0.052  1.00 19.57 ? 76   LEU A N   1 
ATOM   616  C  CA  . LEU A 1 77  ? 8.237   -6.463  -1.078  1.00 19.10 ? 76   LEU A CA  1 
ATOM   617  C  C   . LEU A 1 77  ? 9.545   -7.011  -1.646  1.00 20.17 ? 76   LEU A C   1 
ATOM   618  O  O   . LEU A 1 77  ? 9.677   -8.214  -1.904  1.00 19.63 ? 76   LEU A O   1 
ATOM   619  C  CB  . LEU A 1 77  ? 7.362   -5.930  -2.226  1.00 18.84 ? 76   LEU A CB  1 
ATOM   620  C  CG  . LEU A 1 77  ? 5.902   -5.678  -1.873  1.00 18.61 ? 76   LEU A CG  1 
ATOM   621  C  CD1 . LEU A 1 77  ? 5.194   -4.997  -3.058  1.00 18.30 ? 76   LEU A CD1 1 
ATOM   622  C  CD2 . LEU A 1 77  ? 5.214   -7.014  -1.491  1.00 17.00 ? 76   LEU A CD2 1 
ATOM   623  N  N   . LYS A 1 78  ? 10.525  -6.133  -1.829  1.00 20.06 ? 77   LYS A N   1 
ATOM   624  C  CA  . LYS A 1 78  ? 11.775  -6.550  -2.464  1.00 21.20 ? 77   LYS A CA  1 
ATOM   625  C  C   . LYS A 1 78  ? 12.636  -7.442  -1.557  1.00 20.92 ? 77   LYS A C   1 
ATOM   626  O  O   . LYS A 1 78  ? 13.590  -8.058  -2.022  1.00 22.41 ? 77   LYS A O   1 
ATOM   627  C  CB  . LYS A 1 78  ? 12.561  -5.341  -2.925  1.00 21.00 ? 77   LYS A CB  1 
ATOM   628  C  CG  . LYS A 1 78  ? 11.935  -4.647  -4.094  1.00 22.41 ? 77   LYS A CG  1 
ATOM   629  C  CD  . LYS A 1 78  ? 12.636  -3.349  -4.368  1.00 23.69 ? 77   LYS A CD  1 
ATOM   630  C  CE  . LYS A 1 78  ? 11.939  -2.638  -5.502  1.00 23.78 ? 77   LYS A CE  1 
ATOM   631  N  NZ  . LYS A 1 78  ? 12.656  -1.405  -5.893  1.00 24.99 ? 77   LYS A NZ  1 
ATOM   632  N  N   . LYS A 1 79  ? 12.291  -7.515  -0.281  1.00 20.99 ? 78   LYS A N   1 
ATOM   633  C  CA  . LYS A 1 79  ? 12.978  -8.437  0.649   1.00 21.87 ? 78   LYS A CA  1 
ATOM   634  C  C   . LYS A 1 79  ? 12.518  -9.885  0.477   1.00 21.88 ? 78   LYS A C   1 
ATOM   635  O  O   . LYS A 1 79  ? 13.118  -10.809 1.048   1.00 21.84 ? 78   LYS A O   1 
ATOM   636  C  CB  . LYS A 1 79  ? 12.796  -7.981  2.091   1.00 21.95 ? 78   LYS A CB  1 
ATOM   637  C  CG  . LYS A 1 79  ? 13.590  -6.707  2.389   1.00 25.28 ? 78   LYS A CG  1 
ATOM   638  C  CD  . LYS A 1 79  ? 15.037  -6.853  1.885   1.00 28.60 ? 78   LYS A CD  1 
ATOM   639  C  CE  . LYS A 1 79  ? 15.774  -5.526  1.831   1.00 32.36 ? 78   LYS A CE  1 
ATOM   640  N  NZ  . LYS A 1 79  ? 17.253  -5.721  1.782   1.00 33.22 ? 78   LYS A NZ  1 
ATOM   641  N  N   . LYS A 1 80  ? 11.439  -10.074 -0.289  1.00 21.86 ? 79   LYS A N   1 
ATOM   642  C  CA  . LYS A 1 80  ? 10.936  -11.425 -0.604  1.00 21.94 ? 79   LYS A CA  1 
ATOM   643  C  C   . LYS A 1 80  ? 10.635  -12.269 0.651   1.00 23.06 ? 79   LYS A C   1 
ATOM   644  O  O   . LYS A 1 80  ? 10.941  -13.466 0.710   1.00 22.36 ? 79   LYS A O   1 
ATOM   645  C  CB  . LYS A 1 80  ? 11.890  -12.149 -1.564  1.00 21.91 ? 79   LYS A CB  1 
ATOM   646  C  CG  . LYS A 1 80  ? 12.081  -11.440 -2.904  1.00 21.72 ? 79   LYS A CG  1 
ATOM   647  C  CD  . LYS A 1 80  ? 12.607  -12.386 -3.976  1.00 26.57 ? 79   LYS A CD  1 
ATOM   648  C  CE  . LYS A 1 80  ? 14.049  -12.764 -3.760  1.00 28.94 ? 79   LYS A CE  1 
ATOM   649  N  NZ  . LYS A 1 80  ? 14.536  -13.672 -4.844  1.00 30.15 ? 79   LYS A NZ  1 
ATOM   650  N  N   . GLY A 1 81  ? 10.009  -11.635 1.642   1.00 23.91 ? 80   GLY A N   1 
ATOM   651  C  CA  . GLY A 1 81  ? 9.628   -12.320 2.877   1.00 26.70 ? 80   GLY A CA  1 
ATOM   652  C  C   . GLY A 1 81  ? 10.697  -12.394 3.959   1.00 28.21 ? 80   GLY A C   1 
ATOM   653  O  O   . GLY A 1 81  ? 10.384  -12.719 5.107   1.00 28.98 ? 80   GLY A O   1 
ATOM   654  N  N   . HIS A 1 82  ? 11.953  -12.114 3.608   1.00 29.33 ? 81   HIS A N   1 
ATOM   655  C  CA  . HIS A 1 82  ? 13.047  -12.115 4.593   1.00 30.61 ? 81   HIS A CA  1 
ATOM   656  C  C   . HIS A 1 82  ? 13.018  -10.861 5.468   1.00 30.81 ? 81   HIS A C   1 
ATOM   657  O  O   . HIS A 1 82  ? 12.585  -9.793  5.023   1.00 31.74 ? 81   HIS A O   1 
ATOM   658  C  CB  . HIS A 1 82  ? 14.398  -12.218 3.888   1.00 31.37 ? 81   HIS A CB  1 
ATOM   659  C  CG  . HIS A 1 82  ? 14.573  -13.484 3.111   1.00 33.94 ? 81   HIS A CG  1 
ATOM   660  N  ND1 . HIS A 1 82  ? 14.228  -13.594 1.780   1.00 36.35 ? 81   HIS A ND1 1 
ATOM   661  C  CD2 . HIS A 1 82  ? 15.054  -14.697 3.478   1.00 36.80 ? 81   HIS A CD2 1 
ATOM   662  C  CE1 . HIS A 1 82  ? 14.495  -14.819 1.360   1.00 37.50 ? 81   HIS A CE1 1 
ATOM   663  N  NE2 . HIS A 1 82  ? 14.985  -15.511 2.372   1.00 37.94 ? 81   HIS A NE2 1 
ATOM   664  N  N   . HIS A 1 83  ? 13.491  -10.983 6.703   0.50 30.30 ? 82   HIS A N   1 
ATOM   665  C  CA  . HIS A 1 83  ? 13.453  -9.856  7.627   0.50 29.57 ? 82   HIS A CA  1 
ATOM   666  C  C   . HIS A 1 83  ? 14.822  -9.287  7.943   0.50 29.01 ? 82   HIS A C   1 
ATOM   667  O  O   . HIS A 1 83  ? 15.745  -10.022 8.299   0.50 29.12 ? 82   HIS A O   1 
ATOM   668  C  CB  . HIS A 1 83  ? 12.705  -10.238 8.898   0.50 29.91 ? 82   HIS A CB  1 
ATOM   669  C  CG  . HIS A 1 83  ? 11.259  -10.532 8.660   0.50 30.31 ? 82   HIS A CG  1 
ATOM   670  N  ND1 . HIS A 1 83  ? 10.776  -11.815 8.521   0.50 30.26 ? 82   HIS A ND1 1 
ATOM   671  C  CD2 . HIS A 1 83  ? 10.199  -9.707  8.494   0.50 30.56 ? 82   HIS A CD2 1 
ATOM   672  C  CE1 . HIS A 1 83  ? 9.475   -11.768 8.299   0.50 30.77 ? 82   HIS A CE1 1 
ATOM   673  N  NE2 . HIS A 1 83  ? 9.100   -10.502 8.275   0.50 31.21 ? 82   HIS A NE2 1 
ATOM   674  N  N   . GLU A 1 84  ? 14.946  -7.969  7.815   0.50 27.90 ? 83   GLU A N   1 
ATOM   675  C  CA  . GLU A 1 84  ? 16.200  -7.285  8.082   0.50 27.05 ? 83   GLU A CA  1 
ATOM   676  C  C   . GLU A 1 84  ? 16.014  -6.218  9.162   0.50 26.22 ? 83   GLU A C   1 
ATOM   677  O  O   . GLU A 1 84  ? 15.053  -5.451  9.133   0.50 25.08 ? 83   GLU A O   1 
ATOM   678  C  CB  . GLU A 1 84  ? 16.747  -6.660  6.798   0.50 27.16 ? 83   GLU A CB  1 
ATOM   679  C  CG  . GLU A 1 84  ? 18.233  -6.912  6.567   0.50 27.68 ? 83   GLU A CG  1 
ATOM   680  C  CD  . GLU A 1 84  ? 19.126  -5.768  7.010   0.50 29.37 ? 83   GLU A CD  1 
ATOM   681  O  OE1 . GLU A 1 84  ? 18.964  -5.276  8.147   0.50 28.68 ? 83   GLU A OE1 1 
ATOM   682  O  OE2 . GLU A 1 84  ? 20.010  -5.370  6.213   0.50 30.22 ? 83   GLU A OE2 1 
ATOM   683  N  N   . ALA A 1 85  ? 16.942  -6.177  10.113  0.50 25.70 ? 84   ALA A N   1 
ATOM   684  C  CA  . ALA A 1 85  ? 16.853  -5.248  11.244  0.50 25.52 ? 84   ALA A CA  1 
ATOM   685  C  C   . ALA A 1 85  ? 16.652  -3.796  10.805  0.50 25.54 ? 84   ALA A C   1 
ATOM   686  O  O   . ALA A 1 85  ? 15.976  -3.022  11.480  0.50 25.33 ? 84   ALA A O   1 
ATOM   687  C  CB  . ALA A 1 85  ? 18.095  -5.362  12.110  0.50 25.73 ? 84   ALA A CB  1 
ATOM   688  N  N   . GLU A 1 86  ? 17.249  -3.452  9.668   1.00 25.91 ? 85   GLU A N   1 
ATOM   689  C  CA  . GLU A 1 86  ? 17.275  -2.084  9.134   1.00 26.70 ? 85   GLU A CA  1 
ATOM   690  C  C   . GLU A 1 86  ? 15.904  -1.586  8.663   1.00 25.41 ? 85   GLU A C   1 
ATOM   691  O  O   . GLU A 1 86  ? 15.704  -0.371  8.506   1.00 25.19 ? 85   GLU A O   1 
ATOM   692  C  CB  . GLU A 1 86  ? 18.279  -1.984  7.973   1.00 26.70 ? 85   GLU A CB  1 
ATOM   693  C  CG  . GLU A 1 86  ? 17.820  -2.687  6.675   1.00 28.88 ? 85   GLU A CG  1 
ATOM   694  C  CD  . GLU A 1 86  ? 18.820  -2.617  5.533   1.00 28.88 ? 85   GLU A CD  1 
ATOM   695  O  OE1 . GLU A 1 86  ? 18.378  -2.432  4.372   0.50 30.14 ? 85   GLU A OE1 1 
ATOM   696  O  OE2 . GLU A 1 86  ? 20.041  -2.753  5.781   0.50 30.33 ? 85   GLU A OE2 1 
ATOM   697  N  N   . LEU A 1 87  ? 14.993  -2.528  8.406   1.00 24.40 ? 86   LEU A N   1 
ATOM   698  C  CA  . LEU A 1 87  ? 13.613  -2.221  8.012   1.00 23.11 ? 86   LEU A CA  1 
ATOM   699  C  C   . LEU A 1 87  ? 12.657  -2.438  9.188   1.00 22.23 ? 86   LEU A C   1 
ATOM   700  O  O   . LEU A 1 87  ? 11.432  -2.390  9.027   1.00 22.38 ? 86   LEU A O   1 
ATOM   701  C  CB  . LEU A 1 87  ? 13.184  -3.065  6.799   1.00 23.60 ? 86   LEU A CB  1 
ATOM   702  C  CG  . LEU A 1 87  ? 13.692  -2.737  5.384   1.00 24.35 ? 86   LEU A CG  1 
ATOM   703  C  CD1 . LEU A 1 87  ? 13.067  -3.663  4.343   1.00 24.10 ? 86   LEU A CD1 1 
ATOM   704  C  CD2 . LEU A 1 87  ? 13.386  -1.305  5.020   1.00 25.51 ? 86   LEU A CD2 1 
ATOM   705  N  N   . LYS A 1 88  ? 13.198  -2.655  10.384  1.00 21.56 ? 87   LYS A N   1 
ATOM   706  C  CA  . LYS A 1 88  ? 12.308  -2.823  11.520  1.00 20.87 ? 87   LYS A CA  1 
ATOM   707  C  C   . LYS A 1 88  ? 11.404  -1.625  11.834  1.00 19.41 ? 87   LYS A C   1 
ATOM   708  O  O   . LYS A 1 88  ? 10.252  -1.821  12.241  1.00 19.68 ? 87   LYS A O   1 
ATOM   709  C  CB  . LYS A 1 88  ? 13.052  -3.282  12.766  1.00 21.89 ? 87   LYS A CB  1 
ATOM   710  C  CG  . LYS A 1 88  ? 13.049  -4.784  12.903  1.00 23.10 ? 87   LYS A CG  1 
ATOM   711  C  CD  . LYS A 1 88  ? 13.725  -5.190  14.181  1.00 26.86 ? 87   LYS A CD  1 
ATOM   712  C  CE  . LYS A 1 88  ? 12.746  -5.229  15.338  1.00 28.05 ? 87   LYS A CE  1 
ATOM   713  N  NZ  . LYS A 1 88  ? 13.425  -5.805  16.522  1.00 29.35 ? 87   LYS A NZ  1 
ATOM   714  N  N   . PRO A 1 89  ? 11.903  -0.383  11.676  1.00 17.67 ? 88   PRO A N   1 
ATOM   715  C  CA  . PRO A 1 89  ? 10.998  0.685   12.079  1.00 17.26 ? 88   PRO A CA  1 
ATOM   716  C  C   . PRO A 1 89  ? 9.708   0.766   11.278  1.00 16.76 ? 88   PRO A C   1 
ATOM   717  O  O   . PRO A 1 89  ? 9.634   0.342   10.102  1.00 17.52 ? 88   PRO A O   1 
ATOM   718  C  CB  . PRO A 1 89  ? 11.816  1.963   11.843  1.00 15.95 ? 88   PRO A CB  1 
ATOM   719  C  CG  . PRO A 1 89  ? 13.219  1.509   11.831  1.00 17.88 ? 88   PRO A CG  1 
ATOM   720  C  CD  . PRO A 1 89  ? 13.201  0.148   11.232  1.00 17.45 ? 88   PRO A CD  1 
ATOM   721  N  N   . LEU A 1 90  ? 8.695   1.322   11.925  1.00 16.06 ? 89   LEU A N   1 
ATOM   722  C  CA  A LEU A 1 90  ? 7.408   1.617   11.298  0.50 15.66 ? 89   LEU A CA  1 
ATOM   723  C  CA  B LEU A 1 90  ? 7.466   1.577   11.200  0.50 16.37 ? 89   LEU A CA  1 
ATOM   724  C  C   . LEU A 1 90  ? 7.463   2.963   10.581  1.00 16.02 ? 89   LEU A C   1 
ATOM   725  O  O   . LEU A 1 90  ? 7.651   4.002   11.252  1.00 16.65 ? 89   LEU A O   1 
ATOM   726  C  CB  A LEU A 1 90  ? 6.311   1.676   12.379  0.50 15.49 ? 89   LEU A CB  1 
ATOM   727  C  CB  B LEU A 1 90  ? 6.204   1.278   12.016  0.50 17.49 ? 89   LEU A CB  1 
ATOM   728  C  CG  A LEU A 1 90  ? 4.870   1.919   11.920  0.50 14.77 ? 89   LEU A CG  1 
ATOM   729  C  CG  B LEU A 1 90  ? 6.023   1.593   13.488  0.50 18.30 ? 89   LEU A CG  1 
ATOM   730  C  CD1 A LEU A 1 90  ? 4.339   0.712   11.132  0.50 13.90 ? 89   LEU A CD1 1 
ATOM   731  C  CD1 B LEU A 1 90  ? 5.268   2.887   13.633  0.50 19.35 ? 89   LEU A CD1 1 
ATOM   732  C  CD2 A LEU A 1 90  ? 3.970   2.211   13.114  0.50 15.99 ? 89   LEU A CD2 1 
ATOM   733  C  CD2 B LEU A 1 90  ? 5.198   0.482   14.091  0.50 18.32 ? 89   LEU A CD2 1 
ATOM   734  N  N   . ALA A 1 91  ? 7.270   2.963   9.267   1.00 15.55 ? 90   ALA A N   1 
ATOM   735  C  CA  . ALA A 1 91  ? 7.118   4.221   8.519   1.00 15.79 ? 90   ALA A CA  1 
ATOM   736  C  C   . ALA A 1 91  ? 6.074   5.134   9.159   1.00 17.07 ? 90   ALA A C   1 
ATOM   737  O  O   . ALA A 1 91  ? 5.026   4.680   9.662   1.00 16.68 ? 90   ALA A O   1 
ATOM   738  C  CB  . ALA A 1 91  ? 6.752   3.933   7.066   1.00 16.18 ? 90   ALA A CB  1 
ATOM   739  N  N   . GLN A 1 92  ? 6.358   6.428   9.157   1.00 17.72 ? 91   GLN A N   1 
ATOM   740  C  CA  . GLN A 1 92  ? 5.488   7.402   9.816   1.00 19.50 ? 91   GLN A CA  1 
ATOM   741  C  C   . GLN A 1 92  ? 5.587   8.713   9.083   1.00 19.76 ? 91   GLN A C   1 
ATOM   742  O  O   . GLN A 1 92  ? 6.691   9.202   8.848   1.00 19.76 ? 91   GLN A O   1 
ATOM   743  C  CB  . GLN A 1 92  ? 5.957   7.616   11.254  1.00 20.09 ? 91   GLN A CB  1 
ATOM   744  C  CG  . GLN A 1 92  ? 5.134   8.637   12.033  1.00 22.80 ? 91   GLN A CG  1 
ATOM   745  C  CD  . GLN A 1 92  ? 5.675   8.880   13.444  1.00 23.45 ? 91   GLN A CD  1 
ATOM   746  O  OE1 . GLN A 1 92  ? 5.493   9.961   14.011  1.00 30.49 ? 91   GLN A OE1 1 
ATOM   747  N  NE2 . GLN A 1 92  ? 6.350   7.871   14.015  1.00 26.28 ? 91   GLN A NE2 1 
ATOM   748  N  N   . SER A 1 93  ? 4.434   9.286   8.750   1.00 20.18 ? 92   SER A N   1 
ATOM   749  C  CA  . SER A 1 93  ? 4.431   10.565  8.066   1.00 21.18 ? 92   SER A CA  1 
ATOM   750  C  C   . SER A 1 93  ? 3.593   11.577  8.828   1.00 22.05 ? 92   SER A C   1 
ATOM   751  O  O   . SER A 1 93  ? 2.849   11.205  9.750   1.00 22.67 ? 92   SER A O   1 
ATOM   752  C  CB  . SER A 1 93  ? 3.918   10.384  6.649   1.00 21.79 ? 92   SER A CB  1 
ATOM   753  O  OG  . SER A 1 93  ? 2.549   10.654  6.580   1.00 22.83 ? 92   SER A OG  1 
ATOM   754  N  N   . HIS A 1 94  ? 3.698   12.840  8.427   1.00 22.27 ? 93   HIS A N   1 
ATOM   755  C  CA  . HIS A 1 94  ? 2.855   13.905  8.989   1.00 23.05 ? 93   HIS A CA  1 
ATOM   756  C  C   . HIS A 1 94  ? 1.413   13.897  8.462   1.00 22.75 ? 93   HIS A C   1 
ATOM   757  O  O   . HIS A 1 94  ? 0.554   14.661  8.958   1.00 23.26 ? 93   HIS A O   1 
ATOM   758  C  CB  . HIS A 1 94  ? 3.486   15.283  8.744   1.00 23.65 ? 93   HIS A CB  1 
ATOM   759  C  CG  . HIS A 1 94  ? 4.745   15.514  9.512   1.00 26.08 ? 93   HIS A CG  1 
ATOM   760  N  ND1 . HIS A 1 94  ? 5.955   15.764  8.897   1.00 30.01 ? 93   HIS A ND1 1 
ATOM   761  C  CD2 . HIS A 1 94  ? 4.988   15.535  10.843  1.00 28.49 ? 93   HIS A CD2 1 
ATOM   762  C  CE1 . HIS A 1 94  ? 6.889   15.926  9.818   1.00 31.55 ? 93   HIS A CE1 1 
ATOM   763  N  NE2 . HIS A 1 94  ? 6.329   15.795  11.007  1.00 30.78 ? 93   HIS A NE2 1 
ATOM   764  N  N   . ALA A 1 95  ? 1.137   13.034  7.484   1.00 21.63 ? 94   ALA A N   1 
ATOM   765  C  CA  . ALA A 1 95  ? -0.222  12.915  6.943   1.00 20.75 ? 94   ALA A CA  1 
ATOM   766  C  C   . ALA A 1 95  ? -1.228  12.483  8.012   1.00 20.75 ? 94   ALA A C   1 
ATOM   767  O  O   . ALA A 1 95  ? -2.394  12.858  7.950   1.00 20.39 ? 94   ALA A O   1 
ATOM   768  C  CB  . ALA A 1 95  ? -0.270  11.971  5.755   1.00 21.34 ? 94   ALA A CB  1 
ATOM   769  N  N   . THR A 1 96  ? -0.775  11.698  8.987   1.00 19.65 ? 95   THR A N   1 
ATOM   770  C  CA  . THR A 1 96  ? -1.667  11.287  10.069  1.00 21.32 ? 95   THR A CA  1 
ATOM   771  C  C   . THR A 1 96  ? -0.983  11.425  11.424  1.00 22.45 ? 95   THR A C   1 
ATOM   772  O  O   . THR A 1 96  ? 0.212   11.188  11.543  1.00 22.89 ? 95   THR A O   1 
ATOM   773  C  CB  . THR A 1 96  ? -2.153  9.848   9.871   1.00 21.49 ? 95   THR A CB  1 
ATOM   774  O  OG1 . THR A 1 96  ? -3.104  9.511   10.896  1.00 21.99 ? 95   THR A OG1 1 
ATOM   775  C  CG2 . THR A 1 96  ? -0.976  8.868   9.880   1.00 21.75 ? 95   THR A CG2 1 
ATOM   776  N  N   . LYS A 1 97  ? -1.756  11.803  12.437  1.00 24.29 ? 96   LYS A N   1 
ATOM   777  C  CA  . LYS A 1 97  ? -1.263  11.815  13.815  1.00 26.16 ? 96   LYS A CA  1 
ATOM   778  C  C   . LYS A 1 97  ? -1.470  10.446  14.477  1.00 26.35 ? 96   LYS A C   1 
ATOM   779  O  O   . LYS A 1 97  ? -0.905  10.183  15.542  1.00 27.81 ? 96   LYS A O   1 
ATOM   780  C  CB  . LYS A 1 97  ? -1.964  12.907  14.628  1.00 26.94 ? 96   LYS A CB  1 
ATOM   781  C  CG  . LYS A 1 97  ? -3.460  12.699  14.787  1.00 29.35 ? 96   LYS A CG  1 
ATOM   782  C  CD  . LYS A 1 97  ? -4.281  13.978  14.585  1.00 33.69 ? 96   LYS A CD  1 
ATOM   783  C  CE  . LYS A 1 97  ? -3.792  15.154  15.418  1.00 33.89 ? 96   LYS A CE  1 
ATOM   784  N  NZ  . LYS A 1 97  ? -2.672  15.881  14.743  1.00 36.87 ? 96   LYS A NZ  1 
ATOM   785  N  N   . HIS A 1 98  ? -2.283  9.602   13.833  1.00 25.59 ? 97   HIS A N   1 
ATOM   786  C  CA  . HIS A 1 98  ? -2.735  8.305   14.376  1.00 25.47 ? 97   HIS A CA  1 
ATOM   787  C  C   . HIS A 1 98  ? -1.848  7.164   13.920  0.50 24.03 ? 97   HIS A C   1 
ATOM   788  O  O   . HIS A 1 98  ? -1.231  7.240   12.871  1.00 23.71 ? 97   HIS A O   1 
ATOM   789  C  CB  . HIS A 1 98  ? -4.138  7.955   13.850  1.00 25.80 ? 97   HIS A CB  1 
ATOM   790  C  CG  . HIS A 1 98  ? -5.213  8.922   14.234  1.00 28.44 ? 97   HIS A CG  1 
ATOM   791  N  ND1 . HIS A 1 98  ? -6.066  8.702   15.297  1.00 31.42 ? 97   HIS A ND1 1 
ATOM   792  C  CD2 . HIS A 1 98  ? -5.609  10.088  13.670  1.00 29.67 ? 97   HIS A CD2 1 
ATOM   793  C  CE1 . HIS A 1 98  ? -6.930  9.699   15.381  1.00 31.17 ? 97   HIS A CE1 1 
ATOM   794  N  NE2 . HIS A 1 98  ? -6.675  10.553  14.404  1.00 29.88 ? 97   HIS A NE2 1 
ATOM   795  N  N   . LYS A 1 99  ? -1.810  6.087   14.695  1.00 23.18 ? 98   LYS A N   1 
ATOM   796  C  CA  . LYS A 1 99  ? -1.348  4.816   14.161  1.00 22.31 ? 98   LYS A CA  1 
ATOM   797  C  C   . LYS A 1 99  ? -2.531  4.262   13.392  1.00 21.20 ? 98   LYS A C   1 
ATOM   798  O  O   . LYS A 1 99  ? -3.654  4.187   13.913  1.00 22.15 ? 98   LYS A O   1 
ATOM   799  C  CB  . LYS A 1 99  ? -0.913  3.832   15.257  1.00 22.60 ? 98   LYS A CB  1 
ATOM   800  C  CG  . LYS A 1 99  ? 0.061   4.396   16.287  1.00 24.94 ? 98   LYS A CG  1 
ATOM   801  C  CD  . LYS A 1 99  ? 1.240   5.116   15.629  1.00 26.63 ? 98   LYS A CD  1 
ATOM   802  C  CE  . LYS A 1 99  ? 2.099   5.783   16.698  1.00 30.68 ? 98   LYS A CE  1 
ATOM   803  N  NZ  . LYS A 1 99  ? 2.924   6.907   16.152  1.00 31.32 ? 98   LYS A NZ  1 
ATOM   804  N  N   . ILE A 1 100 ? -2.294  3.891   12.145  1.00 19.40 ? 99   ILE A N   1 
ATOM   805  C  CA  . ILE A 1 100 ? -3.395  3.461   11.296  1.00 19.63 ? 99   ILE A CA  1 
ATOM   806  C  C   . ILE A 1 100 ? -3.755  2.025   11.640  1.00 17.64 ? 99   ILE A C   1 
ATOM   807  O  O   . ILE A 1 100 ? -2.876  1.182   11.721  1.00 17.22 ? 99   ILE A O   1 
ATOM   808  C  CB  . ILE A 1 100 ? -3.041  3.603   9.794   1.00 19.96 ? 99   ILE A CB  1 
ATOM   809  C  CG1 . ILE A 1 100 ? -2.815  5.084   9.446   1.00 22.01 ? 99   ILE A CG1 1 
ATOM   810  C  CG2 . ILE A 1 100 ? -4.129  3.000   8.921   1.00 21.11 ? 99   ILE A CG2 1 
ATOM   811  C  CD1 . ILE A 1 100 ? -4.070  5.965   9.576   1.00 21.09 ? 99   ILE A CD1 1 
ATOM   812  N  N   . PRO A 1 101 ? -5.062  1.745   11.820  1.00 16.13 ? 100  PRO A N   1 
ATOM   813  C  CA  . PRO A 1 101 ? -5.440  0.344   12.112  1.00 15.61 ? 100  PRO A CA  1 
ATOM   814  C  C   . PRO A 1 101 ? -5.076  -0.672  11.037  1.00 15.25 ? 100  PRO A C   1 
ATOM   815  O  O   . PRO A 1 101 ? -5.085  -0.375  9.849   1.00 14.08 ? 100  PRO A O   1 
ATOM   816  C  CB  . PRO A 1 101 ? -6.956  0.409   12.262  1.00 15.99 ? 100  PRO A CB  1 
ATOM   817  C  CG  . PRO A 1 101 ? -7.297  1.876   12.515  1.00 17.76 ? 100  PRO A CG  1 
ATOM   818  C  CD  . PRO A 1 101 ? -6.226  2.641   11.741  1.00 17.08 ? 100  PRO A CD  1 
ATOM   819  N  N   . ILE A 1 102 ? -4.786  -1.898  11.452  1.00 14.07 ? 101  ILE A N   1 
ATOM   820  C  CA  . ILE A 1 102 ? -4.477  -2.978  10.506  1.00 15.76 ? 101  ILE A CA  1 
ATOM   821  C  C   . ILE A 1 102 ? -5.555  -3.153  9.428   1.00 14.67 ? 101  ILE A C   1 
ATOM   822  O  O   . ILE A 1 102 ? -5.249  -3.403  8.250   1.00 15.13 ? 101  ILE A O   1 
ATOM   823  C  CB  . ILE A 1 102 ? -4.252  -4.317  11.274  1.00 16.91 ? 101  ILE A CB  1 
ATOM   824  C  CG1 . ILE A 1 102 ? -3.004  -4.215  12.161  1.00 18.83 ? 101  ILE A CG1 1 
ATOM   825  C  CG2 . ILE A 1 102 ? -4.238  -5.552  10.329  1.00 19.60 ? 101  ILE A CG2 1 
ATOM   826  C  CD1 . ILE A 1 102 ? -1.690  -3.855  11.471  1.00 23.43 ? 101  ILE A CD1 1 
ATOM   827  N  N   . LYS A 1 103 ? -6.813  -2.997  9.822   1.00 12.68 ? 102  LYS A N   1 
ATOM   828  C  CA  . LYS A 1 103 ? -7.919  -3.180  8.890   1.00 13.21 ? 102  LYS A CA  1 
ATOM   829  C  C   . LYS A 1 103 ? -7.780  -2.235  7.696   1.00 12.00 ? 102  LYS A C   1 
ATOM   830  O  O   . LYS A 1 103 ? -8.188  -2.592  6.602   1.00 12.63 ? 102  LYS A O   1 
ATOM   831  C  CB  . LYS A 1 103 ? -9.285  -3.054  9.556   1.00 14.15 ? 102  LYS A CB  1 
ATOM   832  C  CG  . LYS A 1 103 ? -9.613  -1.717  10.115  1.00 17.13 ? 102  LYS A CG  1 
ATOM   833  C  CD  . LYS A 1 103 ? -11.136 -1.612  10.196  1.00 20.09 ? 102  LYS A CD  1 
ATOM   834  C  CE  . LYS A 1 103 ? -11.582 -0.274  10.688  1.00 23.29 ? 102  LYS A CE  1 
ATOM   835  N  NZ  . LYS A 1 103 ? -13.045 -0.322  11.027  1.00 22.35 ? 102  LYS A NZ  1 
ATOM   836  N  N   . TYR A 1 104 ? -7.215  -1.045  7.917   1.00 10.92 ? 103  TYR A N   1 
ATOM   837  C  CA  . TYR A 1 104 ? -7.032  -0.115  6.770   1.00 11.75 ? 103  TYR A CA  1 
ATOM   838  C  C   . TYR A 1 104 ? -5.970  -0.651  5.808   1.00 10.97 ? 103  TYR A C   1 
ATOM   839  O  O   . TYR A 1 104 ? -6.018  -0.396  4.589   1.00 11.23 ? 103  TYR A O   1 
ATOM   840  C  CB  . TYR A 1 104 ? -6.610  1.274   7.226   1.00 13.34 ? 103  TYR A CB  1 
ATOM   841  C  CG  . TYR A 1 104 ? -7.637  2.131   7.923   1.00 15.09 ? 103  TYR A CG  1 
ATOM   842  C  CD1 . TYR A 1 104 ? -8.775  1.593   8.493   1.00 16.59 ? 103  TYR A CD1 1 
ATOM   843  C  CD2 . TYR A 1 104 ? -7.436  3.508   8.025   1.00 17.82 ? 103  TYR A CD2 1 
ATOM   844  C  CE1 . TYR A 1 104 ? -9.716  2.415   9.152   1.00 19.75 ? 103  TYR A CE1 1 
ATOM   845  C  CE2 . TYR A 1 104 ? -8.350  4.320   8.658   1.00 20.08 ? 103  TYR A CE2 1 
ATOM   846  C  CZ  . TYR A 1 104 ? -9.482  3.775   9.214   1.00 19.05 ? 103  TYR A CZ  1 
ATOM   847  O  OH  . TYR A 1 104 ? -10.395 4.575   9.860   1.00 22.64 ? 103  TYR A OH  1 
ATOM   848  N  N   . LEU A 1 105 ? -5.001  -1.387  6.333   1.00 10.91 ? 104  LEU A N   1 
ATOM   849  C  CA  . LEU A 1 105 ? -4.025  -2.025  5.452   1.00 11.40 ? 104  LEU A CA  1 
ATOM   850  C  C   . LEU A 1 105 ? -4.691  -3.117  4.619   1.00 11.26 ? 104  LEU A C   1 
ATOM   851  O  O   . LEU A 1 105 ? -4.288  -3.374  3.477   1.00 10.29 ? 104  LEU A O   1 
ATOM   852  C  CB  . LEU A 1 105 ? -2.858  -2.587  6.263   1.00 11.89 ? 104  LEU A CB  1 
ATOM   853  C  CG  . LEU A 1 105 ? -2.040  -1.541  7.029   1.00 14.92 ? 104  LEU A CG  1 
ATOM   854  C  CD1 . LEU A 1 105 ? -1.088  -2.286  7.980   1.00 20.97 ? 104  LEU A CD1 1 
ATOM   855  C  CD2 . LEU A 1 105 ? -1.263  -0.688  6.054   1.00 18.68 ? 104  LEU A CD2 1 
ATOM   856  N  N   . GLU A 1 106 ? -5.741  -3.756  5.160   1.00 10.60 ? 105  GLU A N   1 
ATOM   857  C  CA  . GLU A 1 106 ? -6.532  -4.697  4.352   1.00 12.24 ? 105  GLU A CA  1 
ATOM   858  C  C   . GLU A 1 106 ? -7.219  -3.929  3.225   1.00 11.33 ? 105  GLU A C   1 
ATOM   859  O  O   . GLU A 1 106 ? -7.196  -4.352  2.052   1.00 11.28 ? 105  GLU A O   1 
ATOM   860  C  CB  . GLU A 1 106 ? -7.554  -5.438  5.232   1.00 12.88 ? 105  GLU A CB  1 
ATOM   861  C  CG  . GLU A 1 106 ? -6.819  -6.385  6.191   1.00 15.39 ? 105  GLU A CG  1 
ATOM   862  C  CD  . GLU A 1 106 ? -7.687  -7.075  7.248   1.00 16.77 ? 105  GLU A CD  1 
ATOM   863  O  OE1 . GLU A 1 106 ? -8.877  -6.733  7.424   1.00 22.60 ? 105  GLU A OE1 1 
ATOM   864  O  OE2 . GLU A 1 106 ? -7.148  -7.994  7.914   1.00 23.71 ? 105  GLU A OE2 1 
ATOM   865  N  N   . PHE A 1 107 ? -7.762  -2.765  3.581   1.00 10.11 ? 106  PHE A N   1 
ATOM   866  C  CA  . PHE A 1 107 ? -8.492  -1.934  2.604   1.00 10.20 ? 106  PHE A CA  1 
ATOM   867  C  C   . PHE A 1 107 ? -7.542  -1.513  1.476   1.00 9.71  ? 106  PHE A C   1 
ATOM   868  O  O   . PHE A 1 107 ? -7.911  -1.616  0.262   1.00 10.21 ? 106  PHE A O   1 
ATOM   869  C  CB  . PHE A 1 107 ? -9.103  -0.687  3.254   1.00 10.79 ? 106  PHE A CB  1 
ATOM   870  C  CG  . PHE A 1 107 ? -10.172 -0.977  4.273   1.00 10.61 ? 106  PHE A CG  1 
ATOM   871  C  CD1 . PHE A 1 107 ? -10.824 -2.222  4.324   1.00 12.73 ? 106  PHE A CD1 1 
ATOM   872  C  CD2 . PHE A 1 107 ? -10.520 0.012   5.179   1.00 11.66 ? 106  PHE A CD2 1 
ATOM   873  C  CE1 . PHE A 1 107 ? -11.836 -2.465  5.302   1.00 13.67 ? 106  PHE A CE1 1 
ATOM   874  C  CE2 . PHE A 1 107 ? -11.510 -0.233  6.155   1.00 14.52 ? 106  PHE A CE2 1 
ATOM   875  C  CZ  . PHE A 1 107 ? -12.147 -1.461  6.216   1.00 12.84 ? 106  PHE A CZ  1 
ATOM   876  N  N   . ILE A 1 108 ? -6.342  -1.056  1.836   1.00 9.49  ? 107  ILE A N   1 
ATOM   877  C  CA  . ILE A 1 108 ? -5.446  -0.557  0.788   1.00 9.31  ? 107  ILE A CA  1 
ATOM   878  C  C   . ILE A 1 108 ? -4.924  -1.742  -0.029  1.00 9.52  ? 107  ILE A C   1 
ATOM   879  O  O   . ILE A 1 108 ? -4.640  -1.604  -1.240  1.00 9.70  ? 107  ILE A O   1 
ATOM   880  C  CB  . ILE A 1 108 ? -4.310  0.356   1.318   1.00 9.01  ? 107  ILE A CB  1 
ATOM   881  C  CG1 . ILE A 1 108 ? -3.790  1.248   0.172   1.00 10.30 ? 107  ILE A CG1 1 
ATOM   882  C  CG2 . ILE A 1 108 ? -3.212  -0.476  2.002   1.00 11.23 ? 107  ILE A CG2 1 
ATOM   883  C  CD1 . ILE A 1 108 ? -2.654  2.177   0.594   1.00 11.56 ? 107  ILE A CD1 1 
ATOM   884  N  N   . SER A 1 109 ? -4.803  -2.921  0.602   1.00 8.72  ? 108  SER A N   1 
ATOM   885  C  CA  . SER A 1 109 ? -4.381  -4.099  -0.162  1.00 9.82  ? 108  SER A CA  1 
ATOM   886  C  C   . SER A 1 109 ? -5.400  -4.415  -1.299  1.00 10.77 ? 108  SER A C   1 
ATOM   887  O  O   . SER A 1 109 ? -5.003  -4.688  -2.436  1.00 10.74 ? 108  SER A O   1 
ATOM   888  C  CB  . SER A 1 109 ? -4.177  -5.305  0.757   1.00 9.66  ? 108  SER A CB  1 
ATOM   889  O  OG  . SER A 1 109 ? -3.133  -5.058  1.653   1.00 9.90  ? 108  SER A OG  1 
ATOM   890  N  N   . GLU A 1 110 ? -6.705  -4.324  -1.000  1.00 10.43 ? 109  GLU A N   1 
ATOM   891  C  CA  . GLU A 1 110 ? -7.747  -4.521  -2.014  1.00 12.36 ? 109  GLU A CA  1 
ATOM   892  C  C   . GLU A 1 110 ? -7.573  -3.498  -3.137  1.00 11.60 ? 109  GLU A C   1 
ATOM   893  O  O   . GLU A 1 110 ? -7.730  -3.827  -4.318  1.00 11.87 ? 109  GLU A O   1 
ATOM   894  C  CB  . GLU A 1 110 ? -9.154  -4.329  -1.413  1.00 13.17 ? 109  GLU A CB  1 
ATOM   895  C  CG  . GLU A 1 110 ? -9.560  -5.322  -0.320  1.00 17.63 ? 109  GLU A CG  1 
ATOM   896  C  CD  . GLU A 1 110 ? -10.822 -4.827  0.432   1.00 17.93 ? 109  GLU A CD  1 
ATOM   897  O  OE1 . GLU A 1 110 ? -11.606 -4.017  -0.125  0.80 25.10 ? 109  GLU A OE1 1 
ATOM   898  O  OE2 . GLU A 1 110 ? -11.031 -5.235  1.602   0.80 24.06 ? 109  GLU A OE2 1 
ATOM   899  N  N   . ALA A 1 111 ? -7.279  -2.259  -2.755  1.00 10.59 ? 110  ALA A N   1 
ATOM   900  C  CA  . ALA A 1 111 ? -7.166  -1.164  -3.757  1.00 10.29 ? 110  ALA A CA  1 
ATOM   901  C  C   . ALA A 1 111 ? -5.979  -1.396  -4.673  1.00 10.32 ? 110  ALA A C   1 
ATOM   902  O  O   . ALA A 1 111 ? -6.067  -1.193  -5.896  1.00 10.69 ? 110  ALA A O   1 
ATOM   903  C  CB  . ALA A 1 111 ? -7.050  0.172   -3.083  1.00 11.44 ? 110  ALA A CB  1 
ATOM   904  N  N   . ILE A 1 112 ? -4.862  -1.804  -4.077  1.00 9.17  ? 111  ILE A N   1 
ATOM   905  C  CA  . ILE A 1 112 ? -3.646  -2.150  -4.844  1.00 9.69  ? 111  ILE A CA  1 
ATOM   906  C  C   . ILE A 1 112 ? -3.944  -3.250  -5.863  1.00 9.80  ? 111  ILE A C   1 
ATOM   907  O  O   . ILE A 1 112 ? -3.623  -3.111  -7.037  1.00 10.42 ? 111  ILE A O   1 
ATOM   908  C  CB  . ILE A 1 112 ? -2.534  -2.583  -3.917  1.00 8.61  ? 111  ILE A CB  1 
ATOM   909  C  CG1 . ILE A 1 112 ? -2.053  -1.391  -3.073  1.00 8.97  ? 111  ILE A CG1 1 
ATOM   910  C  CG2 . ILE A 1 112 ? -1.362  -3.209  -4.692  1.00 9.71  ? 111  ILE A CG2 1 
ATOM   911  C  CD1 . ILE A 1 112 ? -1.134  -1.822  -1.898  1.00 9.28  ? 111  ILE A CD1 1 
ATOM   912  N  N   . ILE A 1 113 ? -4.605  -4.314  -5.434  1.00 10.92 ? 112  ILE A N   1 
ATOM   913  C  CA  . ILE A 1 113 ? -4.937  -5.414  -6.348  1.00 12.24 ? 112  ILE A CA  1 
ATOM   914  C  C   . ILE A 1 113 ? -5.824  -4.900  -7.492  1.00 12.23 ? 112  ILE A C   1 
ATOM   915  O  O   . ILE A 1 113 ? -5.605  -5.224  -8.670  1.00 12.37 ? 112  ILE A O   1 
ATOM   916  C  CB  . ILE A 1 113 ? -5.679  -6.538  -5.617  1.00 13.93 ? 112  ILE A CB  1 
ATOM   917  C  CG1 . ILE A 1 113 ? -4.747  -7.167  -4.572  1.00 15.61 ? 112  ILE A CG1 1 
ATOM   918  C  CG2 . ILE A 1 113 ? -6.238  -7.536  -6.638  1.00 14.73 ? 112  ILE A CG2 1 
ATOM   919  C  CD1 . ILE A 1 113 ? -3.510  -7.791  -5.126  1.00 18.03 ? 112  ILE A CD1 1 
ATOM   920  N  N   . HIS A 1 114 ? -6.826  -4.105  -7.148  1.00 12.07 ? 113  HIS A N   1 
ATOM   921  C  CA  . HIS A 1 114 ? -7.719  -3.595  -8.163  1.00 12.58 ? 113  HIS A CA  1 
ATOM   922  C  C   . HIS A 1 114 ? -6.966  -2.757  -9.204  1.00 11.94 ? 113  HIS A C   1 
ATOM   923  O  O   . HIS A 1 114 ? -7.170  -2.922  -10.418 1.00 12.48 ? 113  HIS A O   1 
ATOM   924  C  CB  . HIS A 1 114 ? -8.848  -2.791  -7.551  1.00 14.00 ? 113  HIS A CB  1 
ATOM   925  C  CG  . HIS A 1 114 ? -9.834  -2.322  -8.570  1.00 18.22 ? 113  HIS A CG  1 
ATOM   926  N  ND1 . HIS A 1 114 ? -10.889 -3.100  -8.986  1.00 22.35 ? 113  HIS A ND1 1 
ATOM   927  C  CD2 . HIS A 1 114 ? -9.879  -1.192  -9.314  1.00 21.15 ? 113  HIS A CD2 1 
ATOM   928  C  CE1 . HIS A 1 114 ? -11.571 -2.451  -9.913  1.00 24.04 ? 113  HIS A CE1 1 
ATOM   929  N  NE2 . HIS A 1 114 ? -10.978 -1.291  -10.129 1.00 24.21 ? 113  HIS A NE2 1 
ATOM   930  N  N   . VAL A 1 115 ? -6.147  -1.838  -8.719  1.00 11.00 ? 114  VAL A N   1 
ATOM   931  C  CA  . VAL A 1 115 ? -5.514  -0.871  -9.588  1.00 11.56 ? 114  VAL A CA  1 
ATOM   932  C  C   . VAL A 1 115 ? -4.506  -1.589  -10.471 1.00 11.81 ? 114  VAL A C   1 
ATOM   933  O  O   . VAL A 1 115 ? -4.409  -1.302  -11.675 1.00 12.29 ? 114  VAL A O   1 
ATOM   934  C  CB  . VAL A 1 115 ? -4.881  0.274   -8.799  1.00 11.54 ? 114  VAL A CB  1 
ATOM   935  C  CG1 . VAL A 1 115 ? -3.969  1.101   -9.702  1.00 11.35 ? 114  VAL A CG1 1 
ATOM   936  C  CG2 . VAL A 1 115 ? -5.975  1.130   -8.162  1.00 12.71 ? 114  VAL A CG2 1 
ATOM   937  N  N   . LEU A 1 116 ? -3.773  -2.547  -9.905  1.00 11.49 ? 115  LEU A N   1 
ATOM   938  C  CA  . LEU A 1 116 ? -2.798  -3.276  -10.726 1.00 11.78 ? 115  LEU A CA  1 
ATOM   939  C  C   . LEU A 1 116 ? -3.501  -4.053  -11.834 1.00 12.76 ? 115  LEU A C   1 
ATOM   940  O  O   . LEU A 1 116 ? -2.988  -4.139  -12.946 1.00 14.19 ? 115  LEU A O   1 
ATOM   941  C  CB  . LEU A 1 116 ? -1.906  -4.184  -9.876  1.00 11.82 ? 115  LEU A CB  1 
ATOM   942  C  CG  . LEU A 1 116 ? -0.955  -3.466  -8.929  1.00 14.63 ? 115  LEU A CG  1 
ATOM   943  C  CD1 . LEU A 1 116 ? -0.145  -4.471  -8.103  1.00 15.50 ? 115  LEU A CD1 1 
ATOM   944  C  CD2 . LEU A 1 116 ? -0.043  -2.530  -9.616  1.00 16.83 ? 115  LEU A CD2 1 
ATOM   945  N  N   . HIS A 1 117 ? -4.661  -4.623  -11.528 1.00 13.57 ? 116  HIS A N   1 
ATOM   946  C  CA  . HIS A 1 117 ? -5.401  -5.370  -12.532 1.00 16.08 ? 116  HIS A CA  1 
ATOM   947  C  C   . HIS A 1 117 ? -5.937  -4.434  -13.591 1.00 16.42 ? 116  HIS A C   1 
ATOM   948  O  O   . HIS A 1 117 ? -5.870  -4.736  -14.799 1.00 16.43 ? 116  HIS A O   1 
ATOM   949  C  CB  . HIS A 1 117 ? -6.534  -6.155  -11.898 1.00 16.35 ? 116  HIS A CB  1 
ATOM   950  C  CG  . HIS A 1 117 ? -7.312  -6.933  -12.897 1.00 20.61 ? 116  HIS A CG  1 
ATOM   951  N  ND1 . HIS A 1 117 ? -8.578  -6.566  -13.293 1.00 25.71 ? 116  HIS A ND1 1 
ATOM   952  C  CD2 . HIS A 1 117 ? -6.971  -8.003  -13.652 1.00 24.33 ? 116  HIS A CD2 1 
ATOM   953  C  CE1 . HIS A 1 117 ? -9.004  -7.411  -14.219 1.00 28.24 ? 116  HIS A CE1 1 
ATOM   954  N  NE2 . HIS A 1 117 ? -8.051  -8.297  -14.448 1.00 25.87 ? 116  HIS A NE2 1 
ATOM   955  N  N   . SER A 1 118 ? -6.416  -3.274  -13.146 1.00 15.96 ? 117  SER A N   1 
ATOM   956  C  CA  . SER A 1 118 ? -6.937  -2.259  -14.058 1.00 16.68 ? 117  SER A CA  1 
ATOM   957  C  C   . SER A 1 118 ? -5.871  -1.779  -15.052 1.00 16.63 ? 117  SER A C   1 
ATOM   958  O  O   . SER A 1 118 ? -6.146  -1.684  -16.267 1.00 18.23 ? 117  SER A O   1 
ATOM   959  C  CB  . SER A 1 118 ? -7.524  -1.084  -13.275 1.00 16.91 ? 117  SER A CB  1 
ATOM   960  O  OG  . SER A 1 118 ? -8.129  -0.174  -14.174 1.00 19.78 ? 117  SER A OG  1 
ATOM   961  N  N   . ARG A 1 119 ? -4.675  -1.478  -14.550 1.00 16.03 ? 118  ARG A N   1 
ATOM   962  C  CA  . ARG A 1 119 ? -3.617  -0.885  -15.369 1.00 16.07 ? 118  ARG A CA  1 
ATOM   963  C  C   . ARG A 1 119 ? -2.819  -1.917  -16.169 1.00 15.57 ? 118  ARG A C   1 
ATOM   964  O  O   . ARG A 1 119 ? -2.259  -1.584  -17.214 1.00 16.29 ? 118  ARG A O   1 
ATOM   965  C  CB  . ARG A 1 119 ? -2.668  -0.030  -14.507 1.00 16.24 ? 118  ARG A CB  1 
ATOM   966  C  CG  . ARG A 1 119 ? -3.352  1.205   -13.887 1.00 16.40 ? 118  ARG A CG  1 
ATOM   967  C  CD  . ARG A 1 119 ? -2.425  2.006   -12.983 1.00 18.18 ? 118  ARG A CD  1 
ATOM   968  N  NE  . ARG A 1 119 ? -1.351  2.639   -13.740 1.00 24.40 ? 118  ARG A NE  1 
ATOM   969  C  CZ  . ARG A 1 119 ? -1.093  3.949   -13.791 1.00 20.48 ? 118  ARG A CZ  1 
ATOM   970  N  NH1 . ARG A 1 119 ? -1.812  4.834   -13.107 1.00 20.48 ? 118  ARG A NH1 1 
ATOM   971  N  NH2 . ARG A 1 119 ? -0.084  4.357   -14.528 1.00 21.45 ? 118  ARG A NH2 1 
ATOM   972  N  N   . HIS A 1 120 ? -2.762  -3.165  -15.688 1.00 14.54 ? 119  HIS A N   1 
ATOM   973  C  CA  . HIS A 1 120 ? -1.834  -4.160  -16.226 1.00 15.57 ? 119  HIS A CA  1 
ATOM   974  C  C   . HIS A 1 120 ? -2.477  -5.552  -16.352 1.00 16.53 ? 119  HIS A C   1 
ATOM   975  O  O   . HIS A 1 120 ? -1.894  -6.535  -15.897 1.00 16.54 ? 119  HIS A O   1 
ATOM   976  C  CB  . HIS A 1 120 ? -0.607  -4.288  -15.324 1.00 15.17 ? 119  HIS A CB  1 
ATOM   977  C  CG  . HIS A 1 120 ? 0.036   -2.980  -14.989 1.00 15.93 ? 119  HIS A CG  1 
ATOM   978  N  ND1 . HIS A 1 120 ? 0.747   -2.232  -15.906 1.00 16.45 ? 119  HIS A ND1 1 
ATOM   979  C  CD2 . HIS A 1 120 ? 0.075   -2.292  -13.825 1.00 16.53 ? 119  HIS A CD2 1 
ATOM   980  C  CE1 . HIS A 1 120 ? 1.191   -1.130  -15.320 1.00 17.77 ? 119  HIS A CE1 1 
ATOM   981  N  NE2 . HIS A 1 120 ? 0.785   -1.137  -14.058 1.00 15.37 ? 119  HIS A NE2 1 
ATOM   982  N  N   . PRO A 1 121 ? -3.656  -5.643  -16.979 1.00 19.08 ? 120  PRO A N   1 
ATOM   983  C  CA  . PRO A 1 121 ? -4.383  -6.917  -16.926 1.00 20.88 ? 120  PRO A CA  1 
ATOM   984  C  C   . PRO A 1 121 ? -3.555  -8.067  -17.520 1.00 22.20 ? 120  PRO A C   1 
ATOM   985  O  O   . PRO A 1 121 ? -3.506  -9.159  -16.941 1.00 22.71 ? 120  PRO A O   1 
ATOM   986  C  CB  . PRO A 1 121 ? -5.646  -6.630  -17.742 1.00 21.78 ? 120  PRO A CB  1 
ATOM   987  C  CG  . PRO A 1 121 ? -5.250  -5.490  -18.662 1.00 21.46 ? 120  PRO A CG  1 
ATOM   988  C  CD  . PRO A 1 121 ? -4.373  -4.636  -17.783 1.00 19.66 ? 120  PRO A CD  1 
ATOM   989  N  N   . GLY A 1 122 ? -2.852  -7.805  -18.620 1.00 23.02 ? 121  GLY A N   1 
ATOM   990  C  CA  . GLY A 1 122 ? -1.978  -8.833  -19.218 1.00 24.29 ? 121  GLY A CA  1 
ATOM   991  C  C   . GLY A 1 122 ? -1.084  -9.542  -18.216 1.00 25.12 ? 121  GLY A C   1 
ATOM   992  O  O   . GLY A 1 122 ? -1.148  -10.770 -18.076 1.00 26.89 ? 121  GLY A O   1 
ATOM   993  N  N   . ASP A 1 123 ? -0.286  -8.757  -17.499 1.00 24.18 ? 122  ASP A N   1 
ATOM   994  C  CA  . ASP A 1 123 ? 0.741   -9.218  -16.561 1.00 24.60 ? 122  ASP A CA  1 
ATOM   995  C  C   . ASP A 1 123 ? 0.247   -9.235  -15.112 1.00 23.28 ? 122  ASP A C   1 
ATOM   996  O  O   . ASP A 1 123 ? 1.040   -9.351  -14.122 1.00 24.26 ? 122  ASP A O   1 
ATOM   997  C  CB  . ASP A 1 123 ? 1.962   -8.293  -16.663 1.00 26.16 ? 122  ASP A CB  1 
ATOM   998  C  CG  . ASP A 1 123 ? 3.070   -8.865  -17.543 1.00 29.08 ? 122  ASP A CG  1 
ATOM   999  O  OD1 . ASP A 1 123 ? 3.147   -10.108 -17.693 1.00 34.48 ? 122  ASP A OD1 1 
ATOM   1000 O  OD2 . ASP A 1 123 ? 3.874   -8.071  -18.086 1.00 35.28 ? 122  ASP A OD2 1 
ATOM   1001 N  N   . PHE A 1 124 ? -1.051  -9.060  -14.961 1.00 19.63 ? 123  PHE A N   1 
ATOM   1002 C  CA  . PHE A 1 124 ? -1.591  -9.163  -13.635 1.00 17.68 ? 123  PHE A CA  1 
ATOM   1003 C  C   . PHE A 1 124 ? -2.844  -10.007 -13.641 1.00 16.74 ? 123  PHE A C   1 
ATOM   1004 O  O   . PHE A 1 124 ? -3.921  -9.548  -13.263 1.00 15.80 ? 123  PHE A O   1 
ATOM   1005 C  CB  . PHE A 1 124 ? -1.816  -7.787  -13.017 1.00 16.86 ? 123  PHE A CB  1 
ATOM   1006 C  CG  . PHE A 1 124 ? -1.888  -7.825  -11.504 1.00 14.05 ? 123  PHE A CG  1 
ATOM   1007 C  CD1 . PHE A 1 124 ? -0.752  -8.120  -10.770 1.00 14.51 ? 123  PHE A CD1 1 
ATOM   1008 C  CD2 . PHE A 1 124 ? -3.096  -7.598  -10.837 1.00 15.78 ? 123  PHE A CD2 1 
ATOM   1009 C  CE1 . PHE A 1 124 ? -0.793  -8.165  -9.363  1.00 14.35 ? 123  PHE A CE1 1 
ATOM   1010 C  CE2 . PHE A 1 124 ? -3.143  -7.655  -9.419  1.00 15.18 ? 123  PHE A CE2 1 
ATOM   1011 C  CZ  . PHE A 1 124 ? -1.999  -7.914  -8.702  1.00 14.45 ? 123  PHE A CZ  1 
ATOM   1012 N  N   . GLY A 1 125 ? -2.683  -11.258 -14.081 1.00 16.20 ? 124  GLY A N   1 
ATOM   1013 C  CA  . GLY A 1 125 ? -3.771  -12.256 -14.084 1.00 16.68 ? 124  GLY A CA  1 
ATOM   1014 C  C   . GLY A 1 125 ? -3.914  -12.949 -12.739 1.00 16.50 ? 124  GLY A C   1 
ATOM   1015 O  O   . GLY A 1 125 ? -3.412  -12.462 -11.743 1.00 16.82 ? 124  GLY A O   1 
ATOM   1016 N  N   . ALA A 1 126 ? -4.594  -14.096 -12.716 1.00 16.06 ? 125  ALA A N   1 
ATOM   1017 C  CA  . ALA A 1 126 ? -4.827  -14.836 -11.474 1.00 14.68 ? 125  ALA A CA  1 
ATOM   1018 C  C   . ALA A 1 126 ? -3.553  -15.241 -10.713 1.00 13.72 ? 125  ALA A C   1 
ATOM   1019 O  O   . ALA A 1 126 ? -3.523  -15.180 -9.484  1.00 14.20 ? 125  ALA A O   1 
ATOM   1020 C  CB  . ALA A 1 126 ? -5.683  -16.065 -11.750 1.00 15.21 ? 125  ALA A CB  1 
ATOM   1021 N  N   . ASP A 1 127 ? -2.505  -15.633 -11.443 1.00 12.74 ? 126  ASP A N   1 
ATOM   1022 C  CA  . ASP A 1 127 ? -1.278  -16.101 -10.792 1.00 13.35 ? 126  ASP A CA  1 
ATOM   1023 C  C   . ASP A 1 127 ? -0.595  -14.943 -10.069 1.00 12.65 ? 126  ASP A C   1 
ATOM   1024 O  O   . ASP A 1 127 ? -0.185  -15.069 -8.915  1.00 13.45 ? 126  ASP A O   1 
ATOM   1025 C  CB  . ASP A 1 127 ? -0.316  -16.740 -11.799 1.00 13.14 ? 126  ASP A CB  1 
ATOM   1026 C  CG  . ASP A 1 127 ? -0.828  -18.081 -12.338 1.00 15.59 ? 126  ASP A CG  1 
ATOM   1027 O  OD1 . ASP A 1 127 ? -1.938  -18.503 -11.968 1.00 16.45 ? 126  ASP A OD1 1 
ATOM   1028 O  OD2 . ASP A 1 127 ? -0.112  -18.700 -13.145 1.00 18.55 ? 126  ASP A OD2 1 
ATOM   1029 N  N   . ALA A 1 128 ? -0.446  -13.839 -10.786 1.00 12.20 ? 127  ALA A N   1 
ATOM   1030 C  CA  . ALA A 1 128 ? 0.182   -12.633 -10.230 1.00 12.66 ? 127  ALA A CA  1 
ATOM   1031 C  C   . ALA A 1 128 ? -0.669  -12.063 -9.100  1.00 12.44 ? 127  ALA A C   1 
ATOM   1032 O  O   . ALA A 1 128 ? -0.123  -11.591 -8.086  1.00 13.12 ? 127  ALA A O   1 
ATOM   1033 C  CB  . ALA A 1 128 ? 0.356   -11.594 -11.331 1.00 12.75 ? 127  ALA A CB  1 
ATOM   1034 N  N   . GLN A 1 129 ? -1.996  -12.070 -9.273  1.00 12.73 ? 128  GLN A N   1 
ATOM   1035 C  CA  A GLN A 1 129 ? -2.916  -11.613 -8.222  1.00 13.01 ? 128  GLN A CA  1 
ATOM   1036 C  C   . GLN A 1 129 ? -2.792  -12.455 -6.942  1.00 13.08 ? 128  GLN A C   1 
ATOM   1037 O  O   . GLN A 1 129 ? -2.671  -11.902 -5.847  1.00 13.63 ? 128  GLN A O   1 
ATOM   1038 C  CB  A GLN A 1 129 ? -4.351  -11.605 -8.740  1.00 13.84 ? 128  GLN A CB  1 
ATOM   1039 C  CG  A GLN A 1 129 ? -4.584  -10.582 -9.814  1.00 17.41 ? 128  GLN A CG  1 
ATOM   1040 C  CD  A GLN A 1 129 ? -5.989  -10.602 -10.370 1.00 25.06 ? 128  GLN A CD  1 
ATOM   1041 O  OE1 A GLN A 1 129 ? -6.209  -10.669 -11.608 1.00 25.81 ? 128  GLN A OE1 1 
ATOM   1042 N  NE2 A GLN A 1 129 ? -6.962  -10.546 -9.465  1.00 25.75 ? 128  GLN A NE2 1 
ATOM   1043 N  N   . GLY A 1 130 ? -2.775  -13.779 -7.079  1.00 12.10 ? 129  GLY A N   1 
ATOM   1044 C  CA  . GLY A 1 130 ? -2.611  -14.674 -5.918  1.00 12.93 ? 129  GLY A CA  1 
ATOM   1045 C  C   . GLY A 1 130 ? -1.305  -14.370 -5.216  1.00 12.60 ? 129  GLY A C   1 
ATOM   1046 O  O   . GLY A 1 130 ? -1.250  -14.257 -3.985  1.00 12.97 ? 129  GLY A O   1 
ATOM   1047 N  N   . ALA A 1 131 ? -0.249  -14.176 -6.007  1.00 11.82 ? 130  ALA A N   1 
ATOM   1048 C  CA  . ALA A 1 131 ? 1.083   -13.909 -5.447  1.00 11.47 ? 130  ALA A CA  1 
ATOM   1049 C  C   . ALA A 1 131 ? 1.100   -12.580 -4.690  1.00 11.09 ? 130  ALA A C   1 
ATOM   1050 O  O   . ALA A 1 131 ? 1.559   -12.500 -3.540  1.00 11.22 ? 130  ALA A O   1 
ATOM   1051 C  CB  . ALA A 1 131 ? 2.122   -13.896 -6.560  1.00 10.90 ? 130  ALA A CB  1 
ATOM   1052 N  N   . MET A 1 132 ? 0.542   -11.548 -5.328  1.00 11.28 ? 131  MET A N   1 
ATOM   1053 C  CA  . MET A 1 132 ? 0.429   -10.224 -4.677  1.00 11.89 ? 131  MET A CA  1 
ATOM   1054 C  C   . MET A 1 132 ? -0.453  -10.270 -3.406  1.00 11.09 ? 131  MET A C   1 
ATOM   1055 O  O   . MET A 1 132 ? -0.107  -9.698  -2.373  1.00 11.80 ? 131  MET A O   1 
ATOM   1056 C  CB  . MET A 1 132 ? -0.039  -9.172  -5.688  1.00 11.60 ? 131  MET A CB  1 
ATOM   1057 C  CG  . MET A 1 132 ? 0.000   -7.762  -5.129  1.00 13.38 ? 131  MET A CG  1 
ATOM   1058 S  SD  . MET A 1 132 ? 1.643   -7.159  -4.668  1.00 14.02 ? 131  MET A SD  1 
ATOM   1059 C  CE  . MET A 1 132 ? 2.209   -6.796  -6.294  1.00 13.13 ? 131  MET A CE  1 
ATOM   1060 N  N   . ASN A 1 133 ? -1.558  -11.001 -3.462  1.00 11.44 ? 132  ASN A N   1 
ATOM   1061 C  CA  . ASN A 1 133 ? -2.368  -11.178 -2.262  1.00 12.14 ? 132  ASN A CA  1 
ATOM   1062 C  C   . ASN A 1 133 ? -1.550  -11.783 -1.092  1.00 11.89 ? 132  ASN A C   1 
ATOM   1063 O  O   . ASN A 1 133 ? -1.599  -11.284 0.059   1.00 10.99 ? 132  ASN A O   1 
ATOM   1064 C  CB  . ASN A 1 133 ? -3.607  -11.984 -2.598  1.00 13.32 ? 132  ASN A CB  1 
ATOM   1065 C  CG  . ASN A 1 133 ? -4.746  -11.087 -3.145  1.00 17.99 ? 132  ASN A CG  1 
ATOM   1066 O  OD1 . ASN A 1 133 ? -4.945  -9.953  -2.667  1.00 26.11 ? 132  ASN A OD1 1 
ATOM   1067 N  ND2 . ASN A 1 133 ? -5.507  -11.599 -4.115  1.00 24.23 ? 132  ASN A ND2 1 
ATOM   1068 N  N   . LYS A 1 134 ? -0.770  -12.815 -1.400  1.00 11.24 ? 133  LYS A N   1 
ATOM   1069 C  CA  . LYS A 1 134 ? 0.086   -13.455 -0.376  1.00 12.42 ? 133  LYS A CA  1 
ATOM   1070 C  C   . LYS A 1 134 ? 1.134   -12.454 0.136   1.00 11.61 ? 133  LYS A C   1 
ATOM   1071 O  O   . LYS A 1 134 ? 1.337   -12.319 1.353   1.00 11.45 ? 133  LYS A O   1 
ATOM   1072 C  CB  . LYS A 1 134 ? 0.770   -14.720 -0.930  1.00 12.52 ? 133  LYS A CB  1 
ATOM   1073 C  CG  . LYS A 1 134 ? -0.192  -15.845 -1.242  1.00 14.95 ? 133  LYS A CG  1 
ATOM   1074 C  CD  . LYS A 1 134 ? 0.547   -17.050 -1.907  1.00 16.36 ? 133  LYS A CD  1 
ATOM   1075 C  CE  . LYS A 1 134 ? -0.431  -18.195 -2.162  1.00 25.22 ? 133  LYS A CE  1 
ATOM   1076 N  NZ  . LYS A 1 134 ? 0.271   -19.398 -2.721  1.00 29.98 ? 133  LYS A NZ  1 
ATOM   1077 N  N   . ALA A 1 135 ? 1.752   -11.722 -0.791  1.00 10.72 ? 134  ALA A N   1 
ATOM   1078 C  CA  . ALA A 1 135 ? 2.837   -10.794 -0.420  1.00 10.81 ? 134  ALA A CA  1 
ATOM   1079 C  C   . ALA A 1 135 ? 2.302   -9.679  0.483   1.00 10.67 ? 134  ALA A C   1 
ATOM   1080 O  O   . ALA A 1 135 ? 2.962   -9.249  1.445   1.00 12.00 ? 134  ALA A O   1 
ATOM   1081 C  CB  . ALA A 1 135 ? 3.515   -10.207 -1.678  1.00 10.36 ? 134  ALA A CB  1 
ATOM   1082 N  N   . LEU A 1 136 ? 1.114   -9.198  0.148   1.00 10.10 ? 135  LEU A N   1 
ATOM   1083 C  CA  . LEU A 1 136 ? 0.462   -8.137  0.930   1.00 10.88 ? 135  LEU A CA  1 
ATOM   1084 C  C   . LEU A 1 136 ? 0.017   -8.666  2.290   1.00 11.34 ? 135  LEU A C   1 
ATOM   1085 O  O   . LEU A 1 136 ? 0.102   -7.937  3.276   1.00 10.15 ? 135  LEU A O   1 
ATOM   1086 C  CB  . LEU A 1 136 ? -0.727  -7.551  0.182   1.00 11.39 ? 135  LEU A CB  1 
ATOM   1087 C  CG  . LEU A 1 136 ? -0.276  -6.719  -1.027  1.00 12.05 ? 135  LEU A CG  1 
ATOM   1088 C  CD1 . LEU A 1 136 ? -1.495  -6.254  -1.767  1.00 13.74 ? 135  LEU A CD1 1 
ATOM   1089 C  CD2 . LEU A 1 136 ? 0.635   -5.530  -0.673  1.00 13.54 ? 135  LEU A CD2 1 
ATOM   1090 N  N   . GLU A 1 137 ? -0.403  -9.924  2.345   1.00 10.47 ? 136  GLU A N   1 
ATOM   1091 C  CA  . GLU A 1 137 ? -0.714  -10.556 3.632   1.00 12.72 ? 136  GLU A CA  1 
ATOM   1092 C  C   . GLU A 1 137 ? 0.513   -10.597 4.541   1.00 12.33 ? 136  GLU A C   1 
ATOM   1093 O  O   . GLU A 1 137 ? 0.427   -10.265 5.723   1.00 13.03 ? 136  GLU A O   1 
ATOM   1094 C  CB  . GLU A 1 137 ? -1.256  -11.956 3.429   1.00 13.05 ? 136  GLU A CB  1 
ATOM   1095 C  CG  . GLU A 1 137 ? -1.698  -12.572 4.763   1.00 17.34 ? 136  GLU A CG  1 
ATOM   1096 C  CD  . GLU A 1 137 ? -2.370  -13.912 4.587   1.00 25.38 ? 136  GLU A CD  1 
ATOM   1097 O  OE1 . GLU A 1 137 ? -1.997  -14.857 5.331   1.00 28.82 ? 136  GLU A OE1 1 
ATOM   1098 O  OE2 . GLU A 1 137 ? -3.261  -14.018 3.713   1.00 25.41 ? 136  GLU A OE2 1 
ATOM   1099 N  N   . LEU A 1 138 ? 1.658   -11.004 3.994   1.00 11.53 ? 137  LEU A N   1 
ATOM   1100 C  CA  . LEU A 1 138 ? 2.917   -10.987 4.743   1.00 12.91 ? 137  LEU A CA  1 
ATOM   1101 C  C   . LEU A 1 138 ? 3.288   -9.566  5.199   1.00 12.32 ? 137  LEU A C   1 
ATOM   1102 O  O   . LEU A 1 138 ? 3.719   -9.358  6.327   1.00 12.67 ? 137  LEU A O   1 
ATOM   1103 C  CB  . LEU A 1 138 ? 4.047   -11.587 3.897   1.00 13.65 ? 137  LEU A CB  1 
ATOM   1104 C  CG  . LEU A 1 138 ? 4.061   -13.107 3.707   1.00 17.45 ? 137  LEU A CG  1 
ATOM   1105 C  CD1 . LEU A 1 138 ? 5.221   -13.490 2.790   1.00 20.53 ? 137  LEU A CD1 1 
ATOM   1106 C  CD2 . LEU A 1 138 ? 4.204   -13.808 5.054   1.00 19.72 ? 137  LEU A CD2 1 
ATOM   1107 N  N   . PHE A 1 139 ? 3.121   -8.604  4.297   1.00 11.94 ? 138  PHE A N   1 
ATOM   1108 C  CA  . PHE A 1 139 ? 3.304   -7.186  4.617   1.00 13.26 ? 138  PHE A CA  1 
ATOM   1109 C  C   . PHE A 1 139 ? 2.461   -6.783  5.837   1.00 13.01 ? 138  PHE A C   1 
ATOM   1110 O  O   . PHE A 1 139 ? 2.992   -6.218  6.794   1.00 14.23 ? 138  PHE A O   1 
ATOM   1111 C  CB  . PHE A 1 139 ? 2.971   -6.356  3.375   1.00 14.09 ? 138  PHE A CB  1 
ATOM   1112 C  CG  . PHE A 1 139 ? 2.661   -4.904  3.654   1.00 15.14 ? 138  PHE A CG  1 
ATOM   1113 C  CD1 . PHE A 1 139 ? 3.658   -4.020  4.072   1.00 18.81 ? 138  PHE A CD1 1 
ATOM   1114 C  CD2 . PHE A 1 139 ? 1.374   -4.422  3.434   1.00 15.75 ? 138  PHE A CD2 1 
ATOM   1115 C  CE1 . PHE A 1 139 ? 3.344   -2.667  4.302   1.00 19.70 ? 138  PHE A CE1 1 
ATOM   1116 C  CE2 . PHE A 1 139 ? 1.053   -3.092  3.650   1.00 18.24 ? 138  PHE A CE2 1 
ATOM   1117 C  CZ  . PHE A 1 139 ? 2.041   -2.221  4.089   1.00 17.49 ? 138  PHE A CZ  1 
ATOM   1118 N  N   . ARG A 1 140 ? 1.184   -7.133  5.829   1.00 12.13 ? 139  ARG A N   1 
ATOM   1119 C  CA  . ARG A 1 140 ? 0.287   -6.744  6.943   1.00 11.64 ? 139  ARG A CA  1 
ATOM   1120 C  C   . ARG A 1 140 ? 0.713   -7.427  8.237   1.00 12.57 ? 139  ARG A C   1 
ATOM   1121 O  O   . ARG A 1 140 ? 0.707   -6.799  9.307   1.00 11.80 ? 139  ARG A O   1 
ATOM   1122 C  CB  . ARG A 1 140 ? -1.162  -7.099  6.608   1.00 12.11 ? 139  ARG A CB  1 
ATOM   1123 C  CG  . ARG A 1 140 ? -1.721  -6.287  5.423   1.00 12.30 ? 139  ARG A CG  1 
ATOM   1124 C  CD  . ARG A 1 140 ? -3.231  -6.375  5.354   1.00 13.97 ? 139  ARG A CD  1 
ATOM   1125 N  NE  . ARG A 1 140 ? -3.694  -7.742  5.150   1.00 15.11 ? 139  ARG A NE  1 
ATOM   1126 C  CZ  . ARG A 1 140 ? -3.769  -8.369  3.979   1.00 15.16 ? 139  ARG A CZ  1 
ATOM   1127 N  NH1 . ARG A 1 140 ? -3.359  -7.795  2.847   1.00 14.50 ? 139  ARG A NH1 1 
ATOM   1128 N  NH2 . ARG A 1 140 ? -4.230  -9.611  3.951   1.00 17.36 ? 139  ARG A NH2 1 
ATOM   1129 N  N   . LYS A 1 141 ? 1.057   -8.711  8.145   1.00 13.38 ? 140  LYS A N   1 
ATOM   1130 C  CA  . LYS A 1 141 ? 1.570   -9.448  9.315   1.00 14.38 ? 140  LYS A CA  1 
ATOM   1131 C  C   . LYS A 1 141 ? 2.834   -8.784  9.892   1.00 14.54 ? 140  LYS A C   1 
ATOM   1132 O  O   . LYS A 1 141 ? 2.963   -8.637  11.122  1.00 15.15 ? 140  LYS A O   1 
ATOM   1133 C  CB  . LYS A 1 141 ? 1.812   -10.908 8.947   1.00 14.77 ? 140  LYS A CB  1 
ATOM   1134 C  CG  . LYS A 1 141 ? 0.479   -11.636 8.806   1.00 19.17 ? 140  LYS A CG  1 
ATOM   1135 C  CD  . LYS A 1 141 ? 0.657   -13.149 8.700   1.00 23.24 ? 140  LYS A CD  1 
ATOM   1136 C  CE  . LYS A 1 141 ? -0.707  -13.831 8.625   1.00 26.54 ? 140  LYS A CE  1 
ATOM   1137 N  NZ  . LYS A 1 141 ? -0.574  -15.308 8.719   1.00 30.34 ? 140  LYS A NZ  1 
ATOM   1138 N  N   . ASP A 1 142 ? 3.737   -8.355  9.014   1.00 14.95 ? 141  ASP A N   1 
ATOM   1139 C  CA  . ASP A 1 142 ? 4.948   -7.631  9.430   1.00 15.81 ? 141  ASP A CA  1 
ATOM   1140 C  C   . ASP A 1 142 ? 4.571   -6.365  10.215  1.00 14.67 ? 141  ASP A C   1 
ATOM   1141 O  O   . ASP A 1 142 ? 5.131   -6.076  11.285  1.00 14.95 ? 141  ASP A O   1 
ATOM   1142 C  CB  . ASP A 1 142 ? 5.759   -7.228  8.200   1.00 17.37 ? 141  ASP A CB  1 
ATOM   1143 C  CG  . ASP A 1 142 ? 7.117   -6.656  8.554   1.00 22.76 ? 141  ASP A CG  1 
ATOM   1144 O  OD1 . ASP A 1 142 ? 7.768   -7.199  9.476   1.00 30.56 ? 141  ASP A OD1 1 
ATOM   1145 O  OD2 . ASP A 1 142 ? 7.547   -5.672  7.896   1.00 30.05 ? 141  ASP A OD2 1 
ATOM   1146 N  N   . ILE A 1 143 ? 3.662   -5.579  9.641   1.00 13.38 ? 142  ILE A N   1 
ATOM   1147 C  CA  . ILE A 1 143 ? 3.242   -4.314  10.292  1.00 12.73 ? 142  ILE A CA  1 
ATOM   1148 C  C   . ILE A 1 143 ? 2.601   -4.618  11.652  1.00 12.01 ? 142  ILE A C   1 
ATOM   1149 O  O   . ILE A 1 143 ? 2.936   -3.987  12.642  1.00 11.53 ? 142  ILE A O   1 
ATOM   1150 C  CB  . ILE A 1 143 ? 2.310   -3.494  9.428   1.00 13.84 ? 142  ILE A CB  1 
ATOM   1151 C  CG1 . ILE A 1 143 ? 3.021   -3.065  8.115   1.00 15.21 ? 142  ILE A CG1 1 
ATOM   1152 C  CG2 . ILE A 1 143 ? 1.821   -2.257  10.213  1.00 13.09 ? 142  ILE A CG2 1 
ATOM   1153 C  CD1 . ILE A 1 143 ? 4.286   -2.207  8.334   1.00 17.95 ? 142  ILE A CD1 1 
ATOM   1154 N  N   . ALA A 1 144 ? 1.714   -5.620  11.703  1.00 11.90 ? 143  ALA A N   1 
ATOM   1155 C  CA  . ALA A 1 144 ? 1.075   -5.976  12.963  1.00 12.70 ? 143  ALA A CA  1 
ATOM   1156 C  C   . ALA A 1 144 ? 2.116   -6.375  14.011  1.00 13.59 ? 143  ALA A C   1 
ATOM   1157 O  O   . ALA A 1 144 ? 1.971   -6.006  15.182  1.00 13.64 ? 143  ALA A O   1 
ATOM   1158 C  CB  . ALA A 1 144 ? 0.072   -7.097  12.751  1.00 14.03 ? 143  ALA A CB  1 
ATOM   1159 N  N   . ALA A 1 145 ? 3.167   -7.085  13.570  1.00 14.03 ? 144  ALA A N   1 
ATOM   1160 C  CA  . ALA A 1 145 ? 4.277   -7.497  14.442  1.00 15.09 ? 144  ALA A CA  1 
ATOM   1161 C  C   . ALA A 1 145 ? 5.002   -6.264  15.006  1.00 14.96 ? 144  ALA A C   1 
ATOM   1162 O  O   . ALA A 1 145 ? 5.359   -6.259  16.187  1.00 16.58 ? 144  ALA A O   1 
ATOM   1163 C  CB  . ALA A 1 145 ? 5.273   -8.390  13.667  1.00 15.25 ? 144  ALA A CB  1 
ATOM   1164 N  N   . LYS A 1 146 ? 5.220   -5.256  14.170  1.00 14.33 ? 145  LYS A N   1 
ATOM   1165 C  CA  . LYS A 1 146 ? 5.842   -4.011  14.629  1.00 15.13 ? 145  LYS A CA  1 
ATOM   1166 C  C   . LYS A 1 146 ? 4.966   -3.319  15.670  1.00 14.07 ? 145  LYS A C   1 
ATOM   1167 O  O   . LYS A 1 146 ? 5.476   -2.871  16.692  1.00 13.31 ? 145  LYS A O   1 
ATOM   1168 C  CB  . LYS A 1 146 ? 6.117   -3.072  13.481  1.00 16.02 ? 145  LYS A CB  1 
ATOM   1169 C  CG  . LYS A 1 146 ? 7.103   -3.613  12.463  1.00 18.89 ? 145  LYS A CG  1 
ATOM   1170 C  CD  . LYS A 1 146 ? 7.207   -2.631  11.332  1.00 22.32 ? 145  LYS A CD  1 
ATOM   1171 C  CE  . LYS A 1 146 ? 8.205   -3.090  10.264  1.00 26.07 ? 145  LYS A CE  1 
ATOM   1172 N  NZ  . LYS A 1 146 ? 8.410   -2.042  9.228   1.00 28.41 ? 145  LYS A NZ  1 
ATOM   1173 N  N   . TYR A 1 147 ? 3.656   -3.222  15.419  1.00 12.28 ? 146  TYR A N   1 
ATOM   1174 C  CA  . TYR A 1 147 ? 2.773   -2.563  16.393  1.00 12.33 ? 146  TYR A CA  1 
ATOM   1175 C  C   . TYR A 1 147 ? 2.846   -3.291  17.728  1.00 13.47 ? 146  TYR A C   1 
ATOM   1176 O  O   . TYR A 1 147 ? 2.897   -2.653  18.781  1.00 12.93 ? 146  TYR A O   1 
ATOM   1177 C  CB  . TYR A 1 147 ? 1.322   -2.577  15.955  1.00 12.94 ? 146  TYR A CB  1 
ATOM   1178 C  CG  . TYR A 1 147 ? 0.903   -1.568  14.889  1.00 14.80 ? 146  TYR A CG  1 
ATOM   1179 C  CD1 . TYR A 1 147 ? 1.786   -1.118  13.909  1.00 14.51 ? 146  TYR A CD1 1 
ATOM   1180 C  CD2 . TYR A 1 147 ? -0.401  -1.091  14.863  1.00 18.23 ? 146  TYR A CD2 1 
ATOM   1181 C  CE1 . TYR A 1 147 ? 1.352   -0.203  12.918  1.00 15.33 ? 146  TYR A CE1 1 
ATOM   1182 C  CE2 . TYR A 1 147 ? -0.844  -0.187  13.884  1.00 20.82 ? 146  TYR A CE2 1 
ATOM   1183 C  CZ  . TYR A 1 147 ? 0.051   0.249   12.909  1.00 16.54 ? 146  TYR A CZ  1 
ATOM   1184 O  OH  . TYR A 1 147 ? -0.381  1.129   11.944  1.00 17.10 ? 146  TYR A OH  1 
ATOM   1185 N  N   . LYS A 1 148 ? 2.861   -4.612  17.680  1.00 13.63 ? 147  LYS A N   1 
ATOM   1186 C  CA  . LYS A 1 148 ? 2.955   -5.403  18.919  1.00 15.57 ? 147  LYS A CA  1 
ATOM   1187 C  C   . LYS A 1 148 ? 4.258   -5.105  19.662  1.00 15.41 ? 147  LYS A C   1 
ATOM   1188 O  O   . LYS A 1 148 ? 4.257   -4.818  20.879  1.00 16.03 ? 147  LYS A O   1 
ATOM   1189 C  CB  . LYS A 1 148 ? 2.832   -6.897  18.607  1.00 16.26 ? 147  LYS A CB  1 
ATOM   1190 C  CG  . LYS A 1 148 ? 3.016   -7.817  19.795  1.00 19.71 ? 147  LYS A CG  1 
ATOM   1191 C  CD  . LYS A 1 148 ? 2.497   -9.227  19.477  1.00 22.53 ? 147  LYS A CD  1 
ATOM   1192 C  CE  . LYS A 1 148 ? 2.379   -10.063 20.761  1.00 27.68 ? 147  LYS A CE  1 
ATOM   1193 N  NZ  . LYS A 1 148 ? 1.776   -11.417 20.508  1.00 30.11 ? 147  LYS A NZ  1 
ATOM   1194 N  N   . GLU A 1 149 ? 5.363   -5.152  18.934  1.00 16.22 ? 148  GLU A N   1 
ATOM   1195 C  CA  . GLU A 1 149 ? 6.685   -4.912  19.537  1.00 17.23 ? 148  GLU A CA  1 
ATOM   1196 C  C   . GLU A 1 149 ? 6.824   -3.525  20.175  1.00 18.19 ? 148  GLU A C   1 
ATOM   1197 O  O   . GLU A 1 149 ? 7.520   -3.390  21.199  1.00 19.04 ? 148  GLU A O   1 
ATOM   1198 C  CB  . GLU A 1 149 ? 7.765   -5.091  18.489  1.00 18.79 ? 148  GLU A CB  1 
ATOM   1199 C  CG  . GLU A 1 149 ? 9.149   -5.130  19.044  1.00 24.30 ? 148  GLU A CG  1 
ATOM   1200 C  CD  . GLU A 1 149 ? 10.079  -5.960  18.194  1.00 30.00 ? 148  GLU A CD  1 
ATOM   1201 O  OE1 . GLU A 1 149 ? 11.032  -6.506  18.768  1.00 33.62 ? 148  GLU A OE1 1 
ATOM   1202 O  OE2 . GLU A 1 149 ? 9.848   -6.083  16.970  1.00 31.80 ? 148  GLU A OE2 1 
ATOM   1203 N  N   . LEU A 1 150 ? 6.192   -2.516  19.570  1.00 16.70 ? 149  LEU A N   1 
ATOM   1204 C  CA  . LEU A 1 150 ? 6.348   -1.106  20.026  1.00 17.33 ? 149  LEU A CA  1 
ATOM   1205 C  C   . LEU A 1 150 ? 5.255   -0.575  20.953  1.00 16.14 ? 149  LEU A C   1 
ATOM   1206 O  O   . LEU A 1 150 ? 5.376   0.514   21.517  1.00 16.27 ? 149  LEU A O   1 
ATOM   1207 C  CB  . LEU A 1 150 ? 6.518   -0.184  18.839  1.00 18.75 ? 149  LEU A CB  1 
ATOM   1208 C  CG  . LEU A 1 150 ? 7.753   -0.492  17.984  1.00 20.12 ? 149  LEU A CG  1 
ATOM   1209 C  CD1 . LEU A 1 150 ? 7.677   0.338   16.750  1.00 22.92 ? 149  LEU A CD1 1 
ATOM   1210 C  CD2 . LEU A 1 150 ? 9.078   -0.256  18.746  1.00 22.80 ? 149  LEU A CD2 1 
ATOM   1211 N  N   . GLY A 1 151 ? 4.196   -1.352  21.121  1.00 15.80 ? 150  GLY A N   1 
ATOM   1212 C  CA  . GLY A 1 151 ? 3.048   -0.951  21.942  1.00 15.27 ? 150  GLY A CA  1 
ATOM   1213 C  C   . GLY A 1 151 ? 2.045   -0.026  21.276  1.00 15.29 ? 150  GLY A C   1 
ATOM   1214 O  O   . GLY A 1 151 ? 1.534   0.881   21.926  1.00 16.27 ? 150  GLY A O   1 
ATOM   1215 N  N   . TYR A 1 152 ? 1.744   -0.254  19.987  1.00 14.76 ? 151  TYR A N   1 
ATOM   1216 C  CA  . TYR A 1 152 ? 0.735   0.528   19.284  1.00 14.70 ? 151  TYR A CA  1 
ATOM   1217 C  C   . TYR A 1 152 ? -0.526  -0.291  19.032  1.00 14.60 ? 151  TYR A C   1 
ATOM   1218 O  O   . TYR A 1 152 ? -0.419  -1.492  18.801  1.00 14.21 ? 151  TYR A O   1 
ATOM   1219 C  CB  . TYR A 1 152 ? 1.264   1.033   17.933  1.00 15.46 ? 151  TYR A CB  1 
ATOM   1220 C  CG  . TYR A 1 152 ? 2.551   1.831   18.009  1.00 17.49 ? 151  TYR A CG  1 
ATOM   1221 C  CD1 . TYR A 1 152 ? 2.896   2.557   19.150  1.00 19.80 ? 151  TYR A CD1 1 
ATOM   1222 C  CD2 . TYR A 1 152 ? 3.403   1.874   16.928  1.00 19.11 ? 151  TYR A CD2 1 
ATOM   1223 C  CE1 . TYR A 1 152 ? 4.074   3.297   19.204  1.00 20.90 ? 151  TYR A CE1 1 
ATOM   1224 C  CE2 . TYR A 1 152 ? 4.575   2.621   16.967  1.00 20.51 ? 151  TYR A CE2 1 
ATOM   1225 C  CZ  . TYR A 1 152 ? 4.906   3.320   18.094  1.00 20.03 ? 151  TYR A CZ  1 
ATOM   1226 O  OH  . TYR A 1 152 ? 6.075   4.061   18.112  1.00 21.46 ? 151  TYR A OH  1 
ATOM   1227 N  N   . GLN A 1 153 ? -1.701  0.331   19.106  1.00 16.04 ? 152  GLN A N   1 
ATOM   1228 C  CA  . GLN A 1 153 ? -2.961  -0.384  18.824  1.00 17.06 ? 152  GLN A CA  1 
ATOM   1229 C  C   . GLN A 1 153 ? -3.206  -0.430  17.323  1.00 18.03 ? 152  GLN A C   1 
ATOM   1230 O  O   . GLN A 1 153 ? -3.218  0.600   16.636  1.00 20.15 ? 152  GLN A O   1 
ATOM   1231 C  CB  . GLN A 1 153 ? -4.180  0.250   19.519  1.00 17.88 ? 152  GLN A CB  1 
ATOM   1232 C  CG  . GLN A 1 153 ? -5.503  -0.603  19.425  1.00 17.58 ? 152  GLN A CG  1 
ATOM   1233 C  CD  . GLN A 1 153 ? -5.309  -2.063  19.828  1.00 22.74 ? 152  GLN A CD  1 
ATOM   1234 O  OE1 . GLN A 1 153 ? -5.455  -2.973  19.007  1.00 25.92 ? 152  GLN A OE1 1 
ATOM   1235 N  NE2 . GLN A 1 153 ? -4.935  -2.290  21.087  1.00 23.79 ? 152  GLN A NE2 1 
ATOM   1236 N  N   . GLY A 1 154 ? -3.365  -1.641  16.823  1.00 18.07 ? 153  GLY A N   1 
ATOM   1237 C  CA  . GLY A 1 154 ? -3.677  -1.841  15.419  1.00 18.34 ? 153  GLY A CA  1 
ATOM   1238 C  C   . GLY A 1 154 ? -5.111  -2.290  15.244  1.00 18.30 ? 153  GLY A C   1 
ATOM   1239 O  O   . GLY A 1 154 ? -5.831  -2.593  16.232  1.00 17.79 ? 153  GLY A O   1 
ATOM   1240 O  OXT . GLY A 1 154 ? -5.532  -2.388  14.092  1.00 17.33 ? 153  GLY A OXT 1 
HETATM 1241 P  P   . PO4 B 2 .   ? 6.307   16.891  5.284   1.00 40.19 ? 2001 PO4 A P   1 
HETATM 1242 O  O1  . PO4 B 2 .   ? 6.845   15.696  6.039   1.00 39.84 ? 2001 PO4 A O1  1 
HETATM 1243 O  O2  . PO4 B 2 .   ? 5.531   17.729  6.276   1.00 39.36 ? 2001 PO4 A O2  1 
HETATM 1244 O  O3  . PO4 B 2 .   ? 7.440   17.699  4.693   1.00 40.62 ? 2001 PO4 A O3  1 
HETATM 1245 O  O4  . PO4 B 2 .   ? 5.386   16.426  4.186   1.00 41.14 ? 2001 PO4 A O4  1 
HETATM 1246 P  P   . PO4 C 2 .   ? 2.030   -2.580  -19.182 1.00 43.32 ? 2002 PO4 A P   1 
HETATM 1247 O  O1  . PO4 C 2 .   ? 2.331   -1.227  -18.583 1.00 44.02 ? 2002 PO4 A O1  1 
HETATM 1248 O  O2  . PO4 C 2 .   ? 1.196   -3.436  -18.263 1.00 42.26 ? 2002 PO4 A O2  1 
HETATM 1249 O  O3  . PO4 C 2 .   ? 1.290   -2.387  -20.488 1.00 44.49 ? 2002 PO4 A O3  1 
HETATM 1250 O  O4  . PO4 C 2 .   ? 3.336   -3.284  -19.479 1.00 42.01 ? 2002 PO4 A O4  1 
HETATM 1251 P  P   . PO4 D 2 .   ? 3.584   12.691  2.952   1.00 40.42 ? 2003 PO4 A P   1 
HETATM 1252 O  O1  . PO4 D 2 .   ? 3.841   14.086  2.434   1.00 40.70 ? 2003 PO4 A O1  1 
HETATM 1253 O  O2  . PO4 D 2 .   ? 4.052   12.641  4.394   1.00 40.97 ? 2003 PO4 A O2  1 
HETATM 1254 O  O3  . PO4 D 2 .   ? 2.102   12.401  2.890   1.00 40.64 ? 2003 PO4 A O3  1 
HETATM 1255 O  O4  . PO4 D 2 .   ? 4.344   11.697  2.098   1.00 40.51 ? 2003 PO4 A O4  1 
HETATM 1256 P  P   . PO4 E 2 .   ? -11.238 1.071   -13.043 1.00 60.87 ? 2004 PO4 A P   1 
HETATM 1257 O  O1  . PO4 E 2 .   ? -10.233 1.873   -13.838 1.00 61.18 ? 2004 PO4 A O1  1 
HETATM 1258 O  O2  . PO4 E 2 .   ? -10.836 1.082   -11.585 1.00 61.57 ? 2004 PO4 A O2  1 
HETATM 1259 O  O3  . PO4 E 2 .   ? -12.600 1.702   -13.188 1.00 60.95 ? 2004 PO4 A O3  1 
HETATM 1260 O  O4  . PO4 E 2 .   ? -11.280 -0.357  -13.547 1.00 60.91 ? 2004 PO4 A O4  1 
HETATM 1261 P  P   . PO4 F 2 .   ? 8.279   14.856  13.960  1.00 61.38 ? 2005 PO4 A P   1 
HETATM 1262 O  O1  . PO4 F 2 .   ? 8.367   16.199  13.276  1.00 60.84 ? 2005 PO4 A O1  1 
HETATM 1263 O  O2  . PO4 F 2 .   ? 8.838   14.962  15.359  1.00 61.88 ? 2005 PO4 A O2  1 
HETATM 1264 O  O3  . PO4 F 2 .   ? 6.841   14.404  14.078  1.00 61.43 ? 2005 PO4 A O3  1 
HETATM 1265 O  O4  . PO4 F 2 .   ? 9.069   13.841  13.160  1.00 61.02 ? 2005 PO4 A O4  1 
HETATM 1266 O  O3  . CUP G 3 .   ? 1.981   7.453   8.823   1.00 22.26 ? 1001 CUP A O3  1 
HETATM 1267 C  C8  . CUP G 3 .   ? 1.524   7.067   7.751   1.00 19.70 ? 1001 CUP A C8  1 
HETATM 1268 O  O2  . CUP G 3 .   ? 1.229   7.965   6.664   1.00 20.41 ? 1001 CUP A O2  1 
HETATM 1269 C  C9  . CUP G 3 .   ? 1.275   5.619   7.437   1.00 19.60 ? 1001 CUP A C9  1 
HETATM 1270 C  C10 . CUP G 3 .   ? 2.590   5.140   6.799   1.00 22.36 ? 1001 CUP A C10 1 
HETATM 1271 C  C11 . CUP G 3 .   ? 2.656   3.671   6.463   1.00 25.36 ? 1001 CUP A C11 1 
HETATM 1272 C  C16 . CUP G 3 .   ? 2.730   2.714   7.484   1.00 26.37 ? 1001 CUP A C16 1 
HETATM 1273 C  C15 . CUP G 3 .   ? 2.789   1.349   7.160   1.00 28.24 ? 1001 CUP A C15 1 
HETATM 1274 C  C14 . CUP G 3 .   ? 2.786   0.966   5.815   1.00 27.34 ? 1001 CUP A C14 1 
HETATM 1275 C  C13 . CUP G 3 .   ? 2.702   1.914   4.790   1.00 27.75 ? 1001 CUP A C13 1 
HETATM 1276 C  C12 . CUP G 3 .   ? 2.652   3.285   5.116   1.00 26.05 ? 1001 CUP A C12 1 
HETATM 1277 N  N1  . CUP G 3 .   ? 0.228   5.435   6.414   1.00 18.13 ? 1001 CUP A N1  1 
HETATM 1278 CU CU1 . CUP G 3 .   ? -0.016  6.814   5.111   1.00 20.14 ? 1001 CUP A CU1 1 
HETATM 1279 C  C1  . CUP G 3 .   ? -0.455  4.363   6.419   1.00 19.30 ? 1001 CUP A C1  1 
HETATM 1280 C  C2  . CUP G 3 .   ? -1.611  3.984   5.567   1.00 17.34 ? 1001 CUP A C2  1 
HETATM 1281 C  C7  . CUP G 3 .   ? -2.123  4.728   4.505   1.00 17.95 ? 1001 CUP A C7  1 
HETATM 1282 O  O1  . CUP G 3 .   ? -1.575  5.897   4.076   1.00 20.96 ? 1001 CUP A O1  1 
HETATM 1283 C  C6  . CUP G 3 .   ? -3.233  4.239   3.797   1.00 17.78 ? 1001 CUP A C6  1 
HETATM 1284 C  C5  . CUP G 3 .   ? -3.837  3.048   4.159   1.00 19.17 ? 1001 CUP A C5  1 
HETATM 1285 C  C4  . CUP G 3 .   ? -3.327  2.313   5.216   1.00 19.59 ? 1001 CUP A C4  1 
HETATM 1286 C  C3  . CUP G 3 .   ? -2.224  2.775   5.914   1.00 19.36 ? 1001 CUP A C3  1 
HETATM 1287 O  O   . HOH H 4 .   ? -7.615  -3.168  12.611  1.00 11.43 ? 2006 HOH A O   1 
HETATM 1288 O  O   . HOH H 4 .   ? -7.037  -4.919  15.295  1.00 14.30 ? 2007 HOH A O   1 
HETATM 1289 O  O   . HOH H 4 .   ? -2.198  20.419  3.000   1.00 14.27 ? 2008 HOH A O   1 
HETATM 1290 O  O   . HOH H 4 .   ? 0.628   8.903   -5.617  1.00 20.46 ? 2009 HOH A O   1 
HETATM 1291 O  O   . HOH H 4 .   ? 4.904   9.472   -13.088 1.00 14.14 ? 2010 HOH A O   1 
HETATM 1292 O  O   . HOH H 4 .   ? -8.666  4.838   -8.779  1.00 19.09 ? 2011 HOH A O   1 
HETATM 1293 O  O   . HOH H 4 .   ? -3.751  13.409  -6.297  1.00 18.42 ? 2012 HOH A O   1 
HETATM 1294 O  O   . HOH H 4 .   ? -8.493  -2.120  16.464  1.00 16.01 ? 2013 HOH A O   1 
HETATM 1295 O  O   . HOH H 4 .   ? 7.601   -16.197 -12.273 1.00 24.82 ? 2014 HOH A O   1 
HETATM 1296 O  O   . HOH H 4 .   ? -7.696  19.318  -4.536  1.00 25.45 ? 2015 HOH A O   1 
HETATM 1297 O  O   . HOH H 4 .   ? 10.176  5.284   10.838  1.00 20.53 ? 2016 HOH A O   1 
HETATM 1298 O  O   . HOH H 4 .   ? 0.134   -17.422 -7.526  1.00 21.49 ? 2017 HOH A O   1 
HETATM 1299 O  O   . HOH H 4 .   ? 3.712   -10.080 -12.986 1.00 28.13 ? 2018 HOH A O   1 
HETATM 1300 O  O   . HOH H 4 .   ? 6.896   0.545   7.863   1.00 24.04 ? 2019 HOH A O   1 
HETATM 1301 O  O   . HOH H 4 .   ? 9.437   2.279   14.655  1.00 21.49 ? 2020 HOH A O   1 
HETATM 1302 O  O   . HOH H 4 .   ? -11.273 4.502   -8.098  1.00 24.04 ? 2021 HOH A O   1 
HETATM 1303 O  O   . HOH H 4 .   ? 7.804   -16.342 1.023   1.00 23.59 ? 2022 HOH A O   1 
HETATM 1304 O  O   . HOH H 4 .   ? 6.809   5.151   13.711  1.00 23.53 ? 2023 HOH A O   1 
HETATM 1305 O  O   . HOH H 4 .   ? 0.819   14.390  1.942   1.00 27.93 ? 2024 HOH A O   1 
HETATM 1306 O  O   . HOH H 4 .   ? -6.261  2.563   -12.337 1.00 25.43 ? 2025 HOH A O   1 
HETATM 1307 O  O   . HOH H 4 .   ? 0.591   2.083   -15.797 1.00 24.82 ? 2026 HOH A O   1 
HETATM 1308 O  O   . HOH H 4 .   ? -10.422 -2.033  -4.096  1.00 29.02 ? 2027 HOH A O   1 
HETATM 1309 O  O   . HOH H 4 .   ? -14.652 9.359   -0.675  1.00 25.75 ? 2028 HOH A O   1 
HETATM 1310 O  O   . HOH H 4 .   ? 5.857   -8.806  2.013   1.00 21.17 ? 2029 HOH A O   1 
HETATM 1311 O  O   . HOH H 4 .   ? -9.506  -4.063  -11.813 1.00 21.84 ? 2030 HOH A O   1 
HETATM 1312 O  O   . HOH H 4 .   ? 6.233   11.692  -1.506  1.00 24.60 ? 2031 HOH A O   1 
HETATM 1313 O  O   . HOH H 4 .   ? -3.809  -9.565  0.707   1.00 21.99 ? 2032 HOH A O   1 
HETATM 1314 O  O   . HOH H 4 .   ? 5.271   6.842   17.665  1.00 31.05 ? 2033 HOH A O   1 
HETATM 1315 O  O   . HOH H 4 .   ? 14.345  -3.471  -0.075  1.00 27.89 ? 2034 HOH A O   1 
HETATM 1316 O  O   . HOH H 4 .   ? -17.429 6.715   -2.598  1.00 25.30 ? 2035 HOH A O   1 
HETATM 1317 O  O   . HOH H 4 .   ? -10.319 -0.637  -0.833  1.00 23.26 ? 2036 HOH A O   1 
HETATM 1318 O  O   . HOH H 4 .   ? 0.196   -5.874  -18.632 1.00 33.15 ? 2037 HOH A O   1 
HETATM 1319 O  O   . HOH H 4 .   ? 7.599   3.957   15.900  1.00 22.70 ? 2038 HOH A O   1 
HETATM 1320 O  O   . HOH H 4 .   ? 10.003  -0.533  7.543   1.00 20.91 ? 2039 HOH A O   1 
HETATM 1321 O  O   . HOH H 4 .   ? -18.390 3.538   3.828   1.00 24.26 ? 2040 HOH A O   1 
HETATM 1322 O  O   . HOH H 4 .   ? -3.532  -15.732 -2.846  1.00 23.67 ? 2041 HOH A O   1 
HETATM 1323 O  O   . HOH H 4 .   ? 8.643   -9.196  2.022   1.00 23.53 ? 2042 HOH A O   1 
HETATM 1324 O  O   . HOH H 4 .   ? 10.586  -4.766  -8.652  1.00 22.93 ? 2043 HOH A O   1 
HETATM 1325 O  O   . HOH H 4 .   ? 0.358   3.654   10.963  1.00 27.06 ? 2044 HOH A O   1 
HETATM 1326 O  O   . HOH H 4 .   ? 1.952   -10.347 13.030  1.00 25.37 ? 2045 HOH A O   1 
HETATM 1327 O  O   . HOH H 4 .   ? -9.489  17.120  -10.437 1.00 30.63 ? 2046 HOH A O   1 
HETATM 1328 O  O   . HOH H 4 .   ? 1.885   -19.499 -11.300 1.00 27.72 ? 2047 HOH A O   1 
HETATM 1329 O  O   . HOH H 4 .   ? 10.591  1.072   -2.544  1.00 22.03 ? 2048 HOH A O   1 
HETATM 1330 O  O   . HOH H 4 .   ? 5.932   13.323  6.721   1.00 31.40 ? 2049 HOH A O   1 
HETATM 1331 O  O   . HOH H 4 .   ? -13.533 -1.523  13.568  1.00 24.62 ? 2050 HOH A O   1 
HETATM 1332 O  O   . HOH H 4 .   ? -8.790  -1.138  -17.168 1.00 34.47 ? 2051 HOH A O   1 
HETATM 1333 O  O   . HOH H 4 .   ? 5.773   -20.935 -8.889  1.00 23.74 ? 2052 HOH A O   1 
HETATM 1334 O  O   . HOH H 4 .   ? 2.844   5.109   11.120  1.00 33.47 ? 2053 HOH A O   1 
HETATM 1335 O  O   . HOH H 4 .   ? -7.559  12.722  12.842  1.00 44.49 ? 2054 HOH A O   1 
HETATM 1336 O  O   . HOH H 4 .   ? 5.967   -8.841  17.255  1.00 25.36 ? 2055 HOH A O   1 
HETATM 1337 O  O   . HOH H 4 .   ? -4.539  -4.192  23.033  1.00 25.07 ? 2056 HOH A O   1 
HETATM 1338 O  O   . HOH H 4 .   ? -3.074  -14.183 0.931   1.00 30.08 ? 2057 HOH A O   1 
HETATM 1339 O  O   . HOH H 4 .   ? 18.638  -8.497  10.009  1.00 37.87 ? 2058 HOH A O   1 
HETATM 1340 O  O   . HOH H 4 .   ? -4.867  1.678   15.001  1.00 29.08 ? 2059 HOH A O   1 
HETATM 1341 O  O   . HOH H 4 .   ? -16.338 -0.561  -0.671  1.00 26.41 ? 2060 HOH A O   1 
HETATM 1342 O  O   . HOH H 4 .   ? 1.640   -20.530 1.238   1.00 32.95 ? 2061 HOH A O   1 
HETATM 1343 O  O   . HOH H 4 .   ? 9.115   0.829   -4.861  1.00 25.42 ? 2062 HOH A O   1 
HETATM 1344 O  O   . HOH H 4 .   ? -5.269  -0.804  -18.938 1.00 35.04 ? 2063 HOH A O   1 
HETATM 1345 O  O   . HOH H 4 .   ? -5.009  5.439   -14.378 1.00 30.46 ? 2064 HOH A O   1 
HETATM 1346 O  O   . HOH H 4 .   ? -6.575  2.153   -14.938 1.00 32.79 ? 2065 HOH A O   1 
HETATM 1347 O  O   . HOH H 4 .   ? 8.161   -5.462  -15.463 1.00 29.67 ? 2066 HOH A O   1 
HETATM 1348 O  O   . HOH H 4 .   ? 14.696  -2.666  -7.335  1.00 34.62 ? 2067 HOH A O   1 
HETATM 1349 O  O   . HOH H 4 .   ? -10.399 -4.876  6.484   1.00 33.35 ? 2068 HOH A O   1 
HETATM 1350 O  O   . HOH H 4 .   ? 13.038  -17.726 4.125   1.00 39.64 ? 2069 HOH A O   1 
HETATM 1351 O  O   . HOH H 4 .   ? 10.491  0.177   -13.627 1.00 29.37 ? 2070 HOH A O   1 
HETATM 1352 O  O   . HOH H 4 .   ? 12.831  2.948   -2.725  1.00 25.93 ? 2071 HOH A O   1 
HETATM 1353 O  O   . HOH H 4 .   ? 3.423   1.548   -15.577 1.00 26.42 ? 2072 HOH A O   1 
HETATM 1354 O  O   . HOH H 4 .   ? 11.300  2.895   -14.006 1.00 26.62 ? 2073 HOH A O   1 
HETATM 1355 O  O   . HOH H 4 .   ? 15.769  -11.207 -0.079  1.00 42.12 ? 2074 HOH A O   1 
HETATM 1356 O  O   . HOH H 4 .   ? 12.541  -16.970 -3.204  1.00 26.78 ? 2075 HOH A O   1 
HETATM 1357 O  O   . HOH H 4 .   ? -12.005 2.323   -9.342  1.00 25.72 ? 2076 HOH A O   1 
HETATM 1358 O  O   . HOH H 4 .   ? -7.634  -10.821 -7.204  1.00 31.52 ? 2077 HOH A O   1 
HETATM 1359 O  O   . HOH H 4 .   ? 6.070   -8.006  -19.684 1.00 37.13 ? 2078 HOH A O   1 
HETATM 1360 O  O   . HOH H 4 .   ? -5.323  1.810   -17.284 1.00 39.66 ? 2079 HOH A O   1 
HETATM 1361 O  O   . HOH H 4 .   ? -1.799  -5.358  -20.067 1.00 28.28 ? 2080 HOH A O   1 
HETATM 1362 O  O   . HOH H 4 .   ? 1.879   -9.973  15.574  1.00 28.59 ? 2081 HOH A O   1 
HETATM 1363 O  O   . HOH H 4 .   ? -12.383 22.240  -4.358  1.00 26.49 ? 2082 HOH A O   1 
HETATM 1364 O  O   . HOH H 4 .   ? -8.751  7.381   -9.954  1.00 28.07 ? 2083 HOH A O   1 
HETATM 1365 O  O   . HOH H 4 .   ? 14.986  -11.401 -6.798  1.00 31.89 ? 2084 HOH A O   1 
HETATM 1366 O  O   . HOH H 4 .   ? -0.452  -5.817  16.393  1.00 25.83 ? 2085 HOH A O   1 
HETATM 1367 O  O   . HOH H 4 .   ? -3.447  8.585   -12.035 1.00 26.62 ? 2086 HOH A O   1 
HETATM 1368 O  O   . HOH H 4 .   ? 4.149   12.169  -12.983 1.00 35.20 ? 2087 HOH A O   1 
HETATM 1369 O  O   . HOH H 4 .   ? 11.483  4.331   14.804  1.00 24.68 ? 2088 HOH A O   1 
HETATM 1370 O  O   . HOH H 4 .   ? -16.229 -3.269  12.893  1.00 31.08 ? 2089 HOH A O   1 
HETATM 1371 O  O   . HOH H 4 .   ? -15.749 9.981   8.754   1.00 35.42 ? 2090 HOH A O   1 
HETATM 1372 O  O   . HOH H 4 .   ? 7.517   -13.785 -13.915 1.00 41.04 ? 2091 HOH A O   1 
HETATM 1373 O  O   . HOH H 4 .   ? -0.534  -4.237  18.847  1.00 27.57 ? 2092 HOH A O   1 
HETATM 1374 O  O   . HOH H 4 .   ? -8.452  0.573   17.359  1.00 27.54 ? 2093 HOH A O   1 
HETATM 1375 O  O   . HOH H 4 .   ? -5.174  -0.807  23.240  1.00 39.37 ? 2094 HOH A O   1 
HETATM 1376 O  O   . HOH H 4 .   ? -9.180  -6.098  -4.799  1.00 27.59 ? 2095 HOH A O   1 
HETATM 1377 O  O   . HOH H 4 .   ? 9.895   -18.082 0.264   1.00 35.43 ? 2096 HOH A O   1 
HETATM 1378 O  O   . HOH H 4 .   ? -5.463  6.535   17.052  1.00 41.50 ? 2097 HOH A O   1 
HETATM 1379 O  O   . HOH H 4 .   ? 11.093  0.330   15.575  1.00 27.29 ? 2098 HOH A O   1 
HETATM 1380 O  O   . HOH H 4 .   ? -17.138 12.201  9.975   1.00 30.20 ? 2099 HOH A O   1 
HETATM 1381 O  O   . HOH H 4 .   ? 10.607  4.659   -9.390  1.00 27.27 ? 2100 HOH A O   1 
HETATM 1382 O  O   . HOH H 4 .   ? -5.049  -11.583 2.163   1.00 32.59 ? 2101 HOH A O   1 
HETATM 1383 O  O   . HOH H 4 .   ? -6.447  -1.466  26.022  1.00 30.37 ? 2102 HOH A O   1 
HETATM 1384 O  O   . HOH H 4 .   ? 7.607   11.773  8.640   1.00 28.81 ? 2103 HOH A O   1 
HETATM 1385 O  O   . HOH H 4 .   ? -2.122  -1.348  -19.994 1.00 41.39 ? 2104 HOH A O   1 
HETATM 1386 O  O   . HOH H 4 .   ? 9.538   -3.949  7.347   1.00 32.59 ? 2105 HOH A O   1 
HETATM 1387 O  O   . HOH H 4 .   ? 8.524   3.553   -5.109  1.00 29.92 ? 2106 HOH A O   1 
HETATM 1388 O  O   . HOH H 4 .   ? 7.566   -15.752 3.786   1.00 39.31 ? 2107 HOH A O   1 
HETATM 1389 O  O   . HOH H 4 .   ? -6.311  -13.705 -5.557  1.00 42.76 ? 2108 HOH A O   1 
HETATM 1390 O  O   . HOH H 4 .   ? 5.438   1.871   24.017  1.00 34.32 ? 2109 HOH A O   1 
HETATM 1391 O  O   . HOH H 4 .   ? -14.133 10.235  6.765   1.00 29.43 ? 2110 HOH A O   1 
HETATM 1392 O  O   . HOH H 4 .   ? 12.863  -15.329 -0.727  1.00 32.58 ? 2111 HOH A O   1 
HETATM 1393 O  O   . HOH H 4 .   ? -4.472  -8.432  7.889   1.00 36.57 ? 2112 HOH A O   1 
HETATM 1394 O  O   . HOH H 4 .   ? -13.841 20.753  -6.500  1.00 36.23 ? 2113 HOH A O   1 
HETATM 1395 O  O   . HOH H 4 .   ? 10.353  0.514   3.720   1.00 45.28 ? 2114 HOH A O   1 
HETATM 1396 O  O   . HOH H 4 .   ? -16.990 10.515  -8.669  1.00 42.12 ? 2115 HOH A O   1 
HETATM 1397 O  O   . HOH H 4 .   ? -5.807  -15.273 -7.857  1.00 30.53 ? 2116 HOH A O   1 
HETATM 1398 O  O   . HOH H 4 .   ? -14.720 5.391   -10.885 1.00 39.29 ? 2117 HOH A O   1 
HETATM 1399 O  O   . HOH H 4 .   ? 14.207  -16.245 -9.917  1.00 37.17 ? 2118 HOH A O   1 
HETATM 1400 O  O   . HOH H 4 .   ? 16.410  -8.626  -0.698  1.00 42.26 ? 2119 HOH A O   1 
HETATM 1401 O  O   . HOH H 4 .   ? 5.300   -11.643 -14.834 1.00 39.07 ? 2120 HOH A O   1 
HETATM 1402 O  O   . HOH H 4 .   ? -11.797 -7.487  -12.570 1.00 55.32 ? 2121 HOH A O   1 
HETATM 1403 O  O   . HOH H 4 .   ? -8.444  -5.108  -16.444 1.00 34.33 ? 2122 HOH A O   1 
HETATM 1404 O  O   . HOH H 4 .   ? 1.041   7.431   -16.956 1.00 37.59 ? 2123 HOH A O   1 
HETATM 1405 O  O   . HOH H 4 .   ? -8.654  2.502   -10.373 1.00 39.14 ? 2124 HOH A O   1 
HETATM 1406 O  O   . HOH H 4 .   ? 10.685  -9.329  -14.195 1.00 44.44 ? 2125 HOH A O   1 
HETATM 1407 O  O   . HOH H 4 .   ? 6.477   -10.398 7.633   1.00 57.86 ? 2126 HOH A O   1 
HETATM 1408 O  O   . HOH H 4 .   ? -6.450  8.842   -10.346 1.00 33.48 ? 2127 HOH A O   1 
HETATM 1409 O  O   . HOH H 4 .   ? 7.879   -10.066 -20.252 1.00 44.35 ? 2128 HOH A O   1 
HETATM 1410 O  O   . HOH H 4 .   ? 4.683   15.785  14.071  1.00 43.09 ? 2129 HOH A O   1 
HETATM 1411 O  O   . HOH H 4 .   ? -7.763  -2.885  -18.467 1.00 39.29 ? 2130 HOH A O   1 
HETATM 1412 O  O   . HOH H 4 .   ? -6.904  2.321   16.370  1.00 31.53 ? 2131 HOH A O   1 
HETATM 1413 O  O   . HOH H 4 .   ? -12.475 5.200   -12.121 1.00 36.77 ? 2132 HOH A O   1 
HETATM 1414 O  O   . HOH H 4 .   ? 5.945   -5.317  5.995   1.00 40.85 ? 2133 HOH A O   1 
HETATM 1415 O  O   . HOH H 4 .   ? 4.287   5.581   14.251  1.00 37.24 ? 2134 HOH A O   1 
HETATM 1416 O  O   . HOH H 4 .   ? 9.397   -4.029  23.340  1.00 34.86 ? 2135 HOH A O   1 
HETATM 1417 O  O   . HOH H 4 .   ? -4.118  19.991  4.954   1.00 31.18 ? 2136 HOH A O   1 
HETATM 1418 O  O   . HOH H 4 .   ? -10.184 -6.866  9.683   1.00 32.15 ? 2137 HOH A O   1 
HETATM 1419 O  O   . HOH H 4 .   ? -11.110 20.042  -7.478  1.00 25.26 ? 2138 HOH A O   1 
HETATM 1420 O  O   . HOH H 4 .   ? 18.698  -9.276  12.696  1.00 45.44 ? 2139 HOH A O   1 
HETATM 1421 O  O   . HOH H 4 .   ? 16.968  -4.714  4.305   1.00 53.81 ? 2140 HOH A O   1 
HETATM 1422 O  O   . HOH H 4 .   ? 17.942  -8.907  4.486   1.00 38.64 ? 2141 HOH A O   1 
# 
_atom_site_anisotrop.id                   1278 
_atom_site_anisotrop.type_symbol          CU 
_atom_site_anisotrop.pdbx_label_atom_id   CU1 
_atom_site_anisotrop.pdbx_label_alt_id    . 
_atom_site_anisotrop.pdbx_label_comp_id   CUP 
_atom_site_anisotrop.pdbx_label_asym_id   G 
_atom_site_anisotrop.pdbx_label_seq_id    . 
_atom_site_anisotrop.pdbx_PDB_ins_code    ? 
_atom_site_anisotrop.U[1][1]              0.2763 
_atom_site_anisotrop.U[2][2]              0.2455 
_atom_site_anisotrop.U[3][3]              0.2433 
_atom_site_anisotrop.U[1][2]              0.0024 
_atom_site_anisotrop.U[1][3]              0.0186 
_atom_site_anisotrop.U[2][3]              0.0628 
_atom_site_anisotrop.pdbx_auth_seq_id     1001 
_atom_site_anisotrop.pdbx_auth_comp_id    CUP 
_atom_site_anisotrop.pdbx_auth_asym_id    A 
_atom_site_anisotrop.pdbx_auth_atom_id    CU1 
# 
loop_
_pdbx_poly_seq_scheme.asym_id 
_pdbx_poly_seq_scheme.entity_id 
_pdbx_poly_seq_scheme.seq_id 
_pdbx_poly_seq_scheme.mon_id 
_pdbx_poly_seq_scheme.ndb_seq_num 
_pdbx_poly_seq_scheme.pdb_seq_num 
_pdbx_poly_seq_scheme.auth_seq_num 
_pdbx_poly_seq_scheme.pdb_mon_id 
_pdbx_poly_seq_scheme.auth_mon_id 
_pdbx_poly_seq_scheme.pdb_strand_id 
_pdbx_poly_seq_scheme.pdb_ins_code 
_pdbx_poly_seq_scheme.hetero 
A 1 1   MET 1   0   0   MET MET A . n 
A 1 2   VAL 2   1   1   VAL VAL A . n 
A 1 3   LEU 3   2   2   LEU LEU A . n 
A 1 4   SER 4   3   3   SER SER A . n 
A 1 5   GLU 5   4   4   GLU GLU A . n 
A 1 6   GLY 6   5   5   GLY GLY A . n 
A 1 7   GLU 7   6   6   GLU GLU A . n 
A 1 8   TRP 8   7   7   TRP TRP A . n 
A 1 9   GLN 9   8   8   GLN GLN A . n 
A 1 10  LEU 10  9   9   LEU LEU A . n 
A 1 11  VAL 11  10  10  VAL VAL A . n 
A 1 12  LEU 12  11  11  LEU LEU A . n 
A 1 13  HIS 13  12  12  HIS HIS A . n 
A 1 14  VAL 14  13  13  VAL VAL A . n 
A 1 15  TRP 15  14  14  TRP TRP A . n 
A 1 16  ALA 16  15  15  ALA ALA A . n 
A 1 17  LYS 17  16  16  LYS LYS A . n 
A 1 18  VAL 18  17  17  VAL VAL A . n 
A 1 19  GLU 19  18  18  GLU GLU A . n 
A 1 20  ALA 20  19  19  ALA ALA A . n 
A 1 21  ASP 21  20  20  ASP ASP A . n 
A 1 22  VAL 22  21  21  VAL VAL A . n 
A 1 23  ALA 23  22  22  ALA ALA A . n 
A 1 24  GLY 24  23  23  GLY GLY A . n 
A 1 25  HIS 25  24  24  HIS HIS A . n 
A 1 26  GLY 26  25  25  GLY GLY A . n 
A 1 27  GLN 27  26  26  GLN GLN A . n 
A 1 28  ASP 28  27  27  ASP ASP A . n 
A 1 29  ILE 29  28  28  ILE ILE A . n 
A 1 30  LEU 30  29  29  LEU LEU A . n 
A 1 31  ILE 31  30  30  ILE ILE A . n 
A 1 32  ARG 32  31  31  ARG ARG A . n 
A 1 33  LEU 33  32  32  LEU LEU A . n 
A 1 34  PHE 34  33  33  PHE PHE A . n 
A 1 35  LYS 35  34  34  LYS LYS A . n 
A 1 36  SER 36  35  35  SER SER A . n 
A 1 37  HIS 37  36  36  HIS HIS A . n 
A 1 38  PRO 38  37  37  PRO PRO A . n 
A 1 39  GLU 39  38  38  GLU GLU A . n 
A 1 40  THR 40  39  39  THR THR A . n 
A 1 41  LEU 41  40  40  LEU LEU A . n 
A 1 42  GLU 42  41  41  GLU GLU A . n 
A 1 43  LYS 43  42  42  LYS LYS A . n 
A 1 44  PHE 44  43  43  PHE PHE A . n 
A 1 45  ASP 45  44  44  ASP ASP A . n 
A 1 46  ARG 46  45  45  ARG ARG A . n 
A 1 47  PHE 47  46  46  PHE PHE A . n 
A 1 48  LYS 48  47  47  LYS LYS A . n 
A 1 49  HIS 49  48  48  HIS HIS A . n 
A 1 50  LEU 50  49  49  LEU LEU A . n 
A 1 51  LYS 51  50  50  LYS LYS A . n 
A 1 52  THR 52  51  51  THR THR A . n 
A 1 53  GLU 53  52  52  GLU GLU A . n 
A 1 54  ALA 54  53  53  ALA ALA A . n 
A 1 55  GLU 55  54  54  GLU GLU A . n 
A 1 56  MET 56  55  55  MET MET A . n 
A 1 57  LYS 57  56  56  LYS LYS A . n 
A 1 58  ALA 58  57  57  ALA ALA A . n 
A 1 59  SER 59  58  58  SER SER A . n 
A 1 60  GLU 60  59  59  GLU GLU A . n 
A 1 61  ASP 61  60  60  ASP ASP A . n 
A 1 62  LEU 62  61  61  LEU LEU A . n 
A 1 63  LYS 63  62  62  LYS LYS A . n 
A 1 64  LYS 64  63  63  LYS LYS A . n 
A 1 65  HIS 65  64  64  HIS HIS A . n 
A 1 66  GLY 66  65  65  GLY GLY A . n 
A 1 67  VAL 67  66  66  VAL VAL A . n 
A 1 68  THR 68  67  67  THR THR A . n 
A 1 69  VAL 69  68  68  VAL VAL A . n 
A 1 70  LEU 70  69  69  LEU LEU A . n 
A 1 71  THR 71  70  70  THR THR A . n 
A 1 72  ALA 72  71  71  ALA ALA A . n 
A 1 73  LEU 73  72  72  LEU LEU A . n 
A 1 74  GLY 74  73  73  GLY GLY A . n 
A 1 75  ALA 75  74  74  ALA ALA A . n 
A 1 76  ILE 76  75  75  ILE ILE A . n 
A 1 77  LEU 77  76  76  LEU LEU A . n 
A 1 78  LYS 78  77  77  LYS LYS A . n 
A 1 79  LYS 79  78  78  LYS LYS A . n 
A 1 80  LYS 80  79  79  LYS LYS A . n 
A 1 81  GLY 81  80  80  GLY GLY A . n 
A 1 82  HIS 82  81  81  HIS HIS A . n 
A 1 83  HIS 83  82  82  HIS HIS A . n 
A 1 84  GLU 84  83  83  GLU GLU A . n 
A 1 85  ALA 85  84  84  ALA ALA A . n 
A 1 86  GLU 86  85  85  GLU GLU A . n 
A 1 87  LEU 87  86  86  LEU LEU A . n 
A 1 88  LYS 88  87  87  LYS LYS A . n 
A 1 89  PRO 89  88  88  PRO PRO A . n 
A 1 90  LEU 90  89  89  LEU LEU A . n 
A 1 91  ALA 91  90  90  ALA ALA A . n 
A 1 92  GLN 92  91  91  GLN GLN A . n 
A 1 93  SER 93  92  92  SER SER A . n 
A 1 94  HIS 94  93  93  HIS HIS A . n 
A 1 95  ALA 95  94  94  ALA ALA A . n 
A 1 96  THR 96  95  95  THR THR A . n 
A 1 97  LYS 97  96  96  LYS LYS A . n 
A 1 98  HIS 98  97  97  HIS HIS A . n 
A 1 99  LYS 99  98  98  LYS LYS A . n 
A 1 100 ILE 100 99  99  ILE ILE A . n 
A 1 101 PRO 101 100 100 PRO PRO A . n 
A 1 102 ILE 102 101 101 ILE ILE A . n 
A 1 103 LYS 103 102 102 LYS LYS A . n 
A 1 104 TYR 104 103 103 TYR TYR A . n 
A 1 105 LEU 105 104 104 LEU LEU A . n 
A 1 106 GLU 106 105 105 GLU GLU A . n 
A 1 107 PHE 107 106 106 PHE PHE A . n 
A 1 108 ILE 108 107 107 ILE ILE A . n 
A 1 109 SER 109 108 108 SER SER A . n 
A 1 110 GLU 110 109 109 GLU GLU A . n 
A 1 111 ALA 111 110 110 ALA ALA A . n 
A 1 112 ILE 112 111 111 ILE ILE A . n 
A 1 113 ILE 113 112 112 ILE ILE A . n 
A 1 114 HIS 114 113 113 HIS HIS A . n 
A 1 115 VAL 115 114 114 VAL VAL A . n 
A 1 116 LEU 116 115 115 LEU LEU A . n 
A 1 117 HIS 117 116 116 HIS HIS A . n 
A 1 118 SER 118 117 117 SER SER A . n 
A 1 119 ARG 119 118 118 ARG ARG A . n 
A 1 120 HIS 120 119 119 HIS HIS A . n 
A 1 121 PRO 121 120 120 PRO PRO A . n 
A 1 122 GLY 122 121 121 GLY GLY A . n 
A 1 123 ASP 123 122 122 ASP ASP A . n 
A 1 124 PHE 124 123 123 PHE PHE A . n 
A 1 125 GLY 125 124 124 GLY GLY A . n 
A 1 126 ALA 126 125 125 ALA ALA A . n 
A 1 127 ASP 127 126 126 ASP ASP A . n 
A 1 128 ALA 128 127 127 ALA ALA A . n 
A 1 129 GLN 129 128 128 GLN GLN A . n 
A 1 130 GLY 130 129 129 GLY GLY A . n 
A 1 131 ALA 131 130 130 ALA ALA A . n 
A 1 132 MET 132 131 131 MET MET A . n 
A 1 133 ASN 133 132 132 ASN ASN A . n 
A 1 134 LYS 134 133 133 LYS LYS A . n 
A 1 135 ALA 135 134 134 ALA ALA A . n 
A 1 136 LEU 136 135 135 LEU LEU A . n 
A 1 137 GLU 137 136 136 GLU GLU A . n 
A 1 138 LEU 138 137 137 LEU LEU A . n 
A 1 139 PHE 139 138 138 PHE PHE A . n 
A 1 140 ARG 140 139 139 ARG ARG A . n 
A 1 141 LYS 141 140 140 LYS LYS A . n 
A 1 142 ASP 142 141 141 ASP ASP A . n 
A 1 143 ILE 143 142 142 ILE ILE A . n 
A 1 144 ALA 144 143 143 ALA ALA A . n 
A 1 145 ALA 145 144 144 ALA ALA A . n 
A 1 146 LYS 146 145 145 LYS LYS A . n 
A 1 147 TYR 147 146 146 TYR TYR A . n 
A 1 148 LYS 148 147 147 LYS LYS A . n 
A 1 149 GLU 149 148 148 GLU GLU A . n 
A 1 150 LEU 150 149 149 LEU LEU A . n 
A 1 151 GLY 151 150 150 GLY GLY A . n 
A 1 152 TYR 152 151 151 TYR TYR A . n 
A 1 153 GLN 153 152 152 GLN GLN A . n 
A 1 154 GLY 154 153 153 GLY GLY A . n 
# 
loop_
_pdbx_nonpoly_scheme.asym_id 
_pdbx_nonpoly_scheme.entity_id 
_pdbx_nonpoly_scheme.mon_id 
_pdbx_nonpoly_scheme.ndb_seq_num 
_pdbx_nonpoly_scheme.pdb_seq_num 
_pdbx_nonpoly_scheme.auth_seq_num 
_pdbx_nonpoly_scheme.pdb_mon_id 
_pdbx_nonpoly_scheme.auth_mon_id 
_pdbx_nonpoly_scheme.pdb_strand_id 
_pdbx_nonpoly_scheme.pdb_ins_code 
B 2 PO4 1   2001 1   PO4 PO4 A . 
C 2 PO4 1   2002 2   PO4 PO4 A . 
D 2 PO4 1   2003 3   PO4 PO4 A . 
E 2 PO4 1   2004 4   PO4 PO4 A . 
F 2 PO4 1   2005 5   PO4 PO4 A . 
G 3 CUP 1   1001 1   CUP CUP A . 
H 4 HOH 1   2006 1   HOH HOH A . 
H 4 HOH 2   2007 2   HOH HOH A . 
H 4 HOH 3   2008 3   HOH HOH A . 
H 4 HOH 4   2009 4   HOH HOH A . 
H 4 HOH 5   2010 5   HOH HOH A . 
H 4 HOH 6   2011 6   HOH HOH A . 
H 4 HOH 7   2012 7   HOH HOH A . 
H 4 HOH 8   2013 8   HOH HOH A . 
H 4 HOH 9   2014 9   HOH HOH A . 
H 4 HOH 10  2015 10  HOH HOH A . 
H 4 HOH 11  2016 11  HOH HOH A . 
H 4 HOH 12  2017 12  HOH HOH A . 
H 4 HOH 13  2018 13  HOH HOH A . 
H 4 HOH 14  2019 14  HOH HOH A . 
H 4 HOH 15  2020 15  HOH HOH A . 
H 4 HOH 16  2021 16  HOH HOH A . 
H 4 HOH 17  2022 17  HOH HOH A . 
H 4 HOH 18  2023 18  HOH HOH A . 
H 4 HOH 19  2024 19  HOH HOH A . 
H 4 HOH 20  2025 20  HOH HOH A . 
H 4 HOH 21  2026 21  HOH HOH A . 
H 4 HOH 22  2027 22  HOH HOH A . 
H 4 HOH 23  2028 23  HOH HOH A . 
H 4 HOH 24  2029 24  HOH HOH A . 
H 4 HOH 25  2030 25  HOH HOH A . 
H 4 HOH 26  2031 26  HOH HOH A . 
H 4 HOH 27  2032 27  HOH HOH A . 
H 4 HOH 28  2033 28  HOH HOH A . 
H 4 HOH 29  2034 29  HOH HOH A . 
H 4 HOH 30  2035 30  HOH HOH A . 
H 4 HOH 31  2036 31  HOH HOH A . 
H 4 HOH 32  2037 32  HOH HOH A . 
H 4 HOH 33  2038 33  HOH HOH A . 
H 4 HOH 34  2039 34  HOH HOH A . 
H 4 HOH 35  2040 35  HOH HOH A . 
H 4 HOH 36  2041 36  HOH HOH A . 
H 4 HOH 37  2042 37  HOH HOH A . 
H 4 HOH 38  2043 38  HOH HOH A . 
H 4 HOH 39  2044 39  HOH HOH A . 
H 4 HOH 40  2045 40  HOH HOH A . 
H 4 HOH 41  2046 41  HOH HOH A . 
H 4 HOH 42  2047 42  HOH HOH A . 
H 4 HOH 43  2048 43  HOH HOH A . 
H 4 HOH 44  2049 44  HOH HOH A . 
H 4 HOH 45  2050 45  HOH HOH A . 
H 4 HOH 46  2051 46  HOH HOH A . 
H 4 HOH 47  2052 47  HOH HOH A . 
H 4 HOH 48  2053 48  HOH HOH A . 
H 4 HOH 49  2054 49  HOH HOH A . 
H 4 HOH 50  2055 50  HOH HOH A . 
H 4 HOH 51  2056 51  HOH HOH A . 
H 4 HOH 52  2057 52  HOH HOH A . 
H 4 HOH 53  2058 53  HOH HOH A . 
H 4 HOH 54  2059 54  HOH HOH A . 
H 4 HOH 55  2060 55  HOH HOH A . 
H 4 HOH 56  2061 56  HOH HOH A . 
H 4 HOH 57  2062 57  HOH HOH A . 
H 4 HOH 58  2063 58  HOH HOH A . 
H 4 HOH 59  2064 59  HOH HOH A . 
H 4 HOH 60  2065 60  HOH HOH A . 
H 4 HOH 61  2066 61  HOH HOH A . 
H 4 HOH 62  2067 62  HOH HOH A . 
H 4 HOH 63  2068 63  HOH HOH A . 
H 4 HOH 64  2069 64  HOH HOH A . 
H 4 HOH 65  2070 65  HOH HOH A . 
H 4 HOH 66  2071 66  HOH HOH A . 
H 4 HOH 67  2072 67  HOH HOH A . 
H 4 HOH 68  2073 68  HOH HOH A . 
H 4 HOH 69  2074 69  HOH HOH A . 
H 4 HOH 70  2075 70  HOH HOH A . 
H 4 HOH 71  2076 71  HOH HOH A . 
H 4 HOH 72  2077 72  HOH HOH A . 
H 4 HOH 73  2078 73  HOH HOH A . 
H 4 HOH 74  2079 74  HOH HOH A . 
H 4 HOH 75  2080 75  HOH HOH A . 
H 4 HOH 76  2081 76  HOH HOH A . 
H 4 HOH 77  2082 77  HOH HOH A . 
H 4 HOH 78  2083 78  HOH HOH A . 
H 4 HOH 79  2084 79  HOH HOH A . 
H 4 HOH 80  2085 80  HOH HOH A . 
H 4 HOH 81  2086 81  HOH HOH A . 
H 4 HOH 82  2087 82  HOH HOH A . 
H 4 HOH 83  2088 83  HOH HOH A . 
H 4 HOH 84  2089 84  HOH HOH A . 
H 4 HOH 85  2090 85  HOH HOH A . 
H 4 HOH 86  2091 86  HOH HOH A . 
H 4 HOH 87  2092 87  HOH HOH A . 
H 4 HOH 88  2093 88  HOH HOH A . 
H 4 HOH 89  2094 89  HOH HOH A . 
H 4 HOH 90  2095 90  HOH HOH A . 
H 4 HOH 91  2096 91  HOH HOH A . 
H 4 HOH 92  2097 92  HOH HOH A . 
H 4 HOH 93  2098 93  HOH HOH A . 
H 4 HOH 94  2099 94  HOH HOH A . 
H 4 HOH 95  2100 95  HOH HOH A . 
H 4 HOH 96  2101 96  HOH HOH A . 
H 4 HOH 97  2102 97  HOH HOH A . 
H 4 HOH 98  2103 98  HOH HOH A . 
H 4 HOH 99  2104 99  HOH HOH A . 
H 4 HOH 100 2105 100 HOH HOH A . 
H 4 HOH 101 2106 101 HOH HOH A . 
H 4 HOH 102 2107 102 HOH HOH A . 
H 4 HOH 103 2108 103 HOH HOH A . 
H 4 HOH 104 2109 104 HOH HOH A . 
H 4 HOH 105 2110 105 HOH HOH A . 
H 4 HOH 106 2111 106 HOH HOH A . 
H 4 HOH 107 2112 107 HOH HOH A . 
H 4 HOH 108 2113 108 HOH HOH A . 
H 4 HOH 109 2114 109 HOH HOH A . 
H 4 HOH 110 2115 110 HOH HOH A . 
H 4 HOH 111 2116 111 HOH HOH A . 
H 4 HOH 112 2117 112 HOH HOH A . 
H 4 HOH 113 2118 113 HOH HOH A . 
H 4 HOH 114 2119 114 HOH HOH A . 
H 4 HOH 115 2120 115 HOH HOH A . 
H 4 HOH 116 2121 116 HOH HOH A . 
H 4 HOH 117 2122 117 HOH HOH A . 
H 4 HOH 118 2123 118 HOH HOH A . 
H 4 HOH 119 2124 119 HOH HOH A . 
H 4 HOH 120 2125 120 HOH HOH A . 
H 4 HOH 121 2126 121 HOH HOH A . 
H 4 HOH 122 2127 122 HOH HOH A . 
H 4 HOH 123 2128 123 HOH HOH A . 
H 4 HOH 124 2129 124 HOH HOH A . 
H 4 HOH 125 2130 125 HOH HOH A . 
H 4 HOH 126 2131 126 HOH HOH A . 
H 4 HOH 127 2132 127 HOH HOH A . 
H 4 HOH 128 2133 128 HOH HOH A . 
H 4 HOH 129 2134 129 HOH HOH A . 
H 4 HOH 130 2135 130 HOH HOH A . 
H 4 HOH 131 2136 131 HOH HOH A . 
H 4 HOH 132 2137 132 HOH HOH A . 
H 4 HOH 133 2138 133 HOH HOH A . 
H 4 HOH 134 2139 134 HOH HOH A . 
H 4 HOH 135 2140 135 HOH HOH A . 
H 4 HOH 136 2141 136 HOH HOH A . 
# 
_pdbx_struct_assembly.id                   1 
_pdbx_struct_assembly.details              author_defined_assembly 
_pdbx_struct_assembly.method_details       ? 
_pdbx_struct_assembly.oligomeric_details   monomeric 
_pdbx_struct_assembly.oligomeric_count     1 
# 
_pdbx_struct_assembly_gen.assembly_id       1 
_pdbx_struct_assembly_gen.oper_expression   1 
_pdbx_struct_assembly_gen.asym_id_list      A,B,C,D,E,F,G,H 
# 
_pdbx_struct_oper_list.id                   1 
_pdbx_struct_oper_list.type                 'identity operation' 
_pdbx_struct_oper_list.name                 1_555 
_pdbx_struct_oper_list.symmetry_operation   x,y,z 
_pdbx_struct_oper_list.matrix[1][1]         1.0000000000 
_pdbx_struct_oper_list.matrix[1][2]         0.0000000000 
_pdbx_struct_oper_list.matrix[1][3]         0.0000000000 
_pdbx_struct_oper_list.vector[1]            0.0000000000 
_pdbx_struct_oper_list.matrix[2][1]         0.0000000000 
_pdbx_struct_oper_list.matrix[2][2]         1.0000000000 
_pdbx_struct_oper_list.matrix[2][3]         0.0000000000 
_pdbx_struct_oper_list.vector[2]            0.0000000000 
_pdbx_struct_oper_list.matrix[3][1]         0.0000000000 
_pdbx_struct_oper_list.matrix[3][2]         0.0000000000 
_pdbx_struct_oper_list.matrix[3][3]         1.0000000000 
_pdbx_struct_oper_list.vector[3]            0.0000000000 
# 
loop_
_pdbx_audit_revision_history.ordinal 
_pdbx_audit_revision_history.data_content_type 
_pdbx_audit_revision_history.major_revision 
_pdbx_audit_revision_history.minor_revision 
_pdbx_audit_revision_history.revision_date 
1 'Structure model' 1 0 2007-07-03 
2 'Structure model' 1 1 2008-04-30 
3 'Structure model' 1 2 2011-07-13 
4 'Structure model' 1 3 2023-10-25 
# 
_pdbx_audit_revision_details.ordinal             1 
_pdbx_audit_revision_details.revision_ordinal    1 
_pdbx_audit_revision_details.data_content_type   'Structure model' 
_pdbx_audit_revision_details.provider            repository 
_pdbx_audit_revision_details.type                'Initial release' 
_pdbx_audit_revision_details.description         ? 
_pdbx_audit_revision_details.details             ? 
# 
loop_
_pdbx_audit_revision_group.ordinal 
_pdbx_audit_revision_group.revision_ordinal 
_pdbx_audit_revision_group.data_content_type 
_pdbx_audit_revision_group.group 
1 2 'Structure model' 'Version format compliance' 
2 3 'Structure model' 'Version format compliance' 
3 4 'Structure model' 'Data collection'           
4 4 'Structure model' 'Database references'       
5 4 'Structure model' 'Derived calculations'      
6 4 'Structure model' 'Refinement description'    
# 
loop_
_pdbx_audit_revision_category.ordinal 
_pdbx_audit_revision_category.revision_ordinal 
_pdbx_audit_revision_category.data_content_type 
_pdbx_audit_revision_category.category 
1 4 'Structure model' chem_comp_atom                
2 4 'Structure model' chem_comp_bond                
3 4 'Structure model' database_2                    
4 4 'Structure model' pdbx_initial_refinement_model 
5 4 'Structure model' struct_site                   
# 
loop_
_pdbx_audit_revision_item.ordinal 
_pdbx_audit_revision_item.revision_ordinal 
_pdbx_audit_revision_item.data_content_type 
_pdbx_audit_revision_item.item 
1 4 'Structure model' '_database_2.pdbx_DOI'                
2 4 'Structure model' '_database_2.pdbx_database_accession' 
3 4 'Structure model' '_struct_site.pdbx_auth_asym_id'      
4 4 'Structure model' '_struct_site.pdbx_auth_comp_id'      
5 4 'Structure model' '_struct_site.pdbx_auth_seq_id'       
# 
loop_
_software.name 
_software.classification 
_software.version 
_software.citation_id 
_software.pdbx_ordinal 
REFMAC    refinement       5.2.0005 ? 1 
DENZO     'data reduction' .        ? 2 
SCALEPACK 'data scaling'   .        ? 3 
MOLREP    phasing          .        ? 4 
# 
_pdbx_database_remark.id     650 
_pdbx_database_remark.text   
;HELIX
Determination method: Author determined
;
# 
_pdbx_validate_torsion.id              1 
_pdbx_validate_torsion.PDB_model_num   1 
_pdbx_validate_torsion.auth_comp_id    ASP 
_pdbx_validate_torsion.auth_asym_id    A 
_pdbx_validate_torsion.auth_seq_id     20 
_pdbx_validate_torsion.PDB_ins_code    ? 
_pdbx_validate_torsion.label_alt_id    ? 
_pdbx_validate_torsion.phi             -154.92 
_pdbx_validate_torsion.psi             67.62 
# 
loop_
_chem_comp_atom.comp_id 
_chem_comp_atom.atom_id 
_chem_comp_atom.type_symbol 
_chem_comp_atom.pdbx_aromatic_flag 
_chem_comp_atom.pdbx_stereo_config 
_chem_comp_atom.pdbx_ordinal 
ALA N    N  N N 1   
ALA CA   C  N S 2   
ALA C    C  N N 3   
ALA O    O  N N 4   
ALA CB   C  N N 5   
ALA OXT  O  N N 6   
ALA H    H  N N 7   
ALA H2   H  N N 8   
ALA HA   H  N N 9   
ALA HB1  H  N N 10  
ALA HB2  H  N N 11  
ALA HB3  H  N N 12  
ALA HXT  H  N N 13  
ARG N    N  N N 14  
ARG CA   C  N S 15  
ARG C    C  N N 16  
ARG O    O  N N 17  
ARG CB   C  N N 18  
ARG CG   C  N N 19  
ARG CD   C  N N 20  
ARG NE   N  N N 21  
ARG CZ   C  N N 22  
ARG NH1  N  N N 23  
ARG NH2  N  N N 24  
ARG OXT  O  N N 25  
ARG H    H  N N 26  
ARG H2   H  N N 27  
ARG HA   H  N N 28  
ARG HB2  H  N N 29  
ARG HB3  H  N N 30  
ARG HG2  H  N N 31  
ARG HG3  H  N N 32  
ARG HD2  H  N N 33  
ARG HD3  H  N N 34  
ARG HE   H  N N 35  
ARG HH11 H  N N 36  
ARG HH12 H  N N 37  
ARG HH21 H  N N 38  
ARG HH22 H  N N 39  
ARG HXT  H  N N 40  
ASN N    N  N N 41  
ASN CA   C  N S 42  
ASN C    C  N N 43  
ASN O    O  N N 44  
ASN CB   C  N N 45  
ASN CG   C  N N 46  
ASN OD1  O  N N 47  
ASN ND2  N  N N 48  
ASN OXT  O  N N 49  
ASN H    H  N N 50  
ASN H2   H  N N 51  
ASN HA   H  N N 52  
ASN HB2  H  N N 53  
ASN HB3  H  N N 54  
ASN HD21 H  N N 55  
ASN HD22 H  N N 56  
ASN HXT  H  N N 57  
ASP N    N  N N 58  
ASP CA   C  N S 59  
ASP C    C  N N 60  
ASP O    O  N N 61  
ASP CB   C  N N 62  
ASP CG   C  N N 63  
ASP OD1  O  N N 64  
ASP OD2  O  N N 65  
ASP OXT  O  N N 66  
ASP H    H  N N 67  
ASP H2   H  N N 68  
ASP HA   H  N N 69  
ASP HB2  H  N N 70  
ASP HB3  H  N N 71  
ASP HD2  H  N N 72  
ASP HXT  H  N N 73  
CUP O3   O  N N 74  
CUP C8   C  N N 75  
CUP O2   O  N N 76  
CUP C9   C  N S 77  
CUP C10  C  N N 78  
CUP C11  C  Y N 79  
CUP C16  C  Y N 80  
CUP C15  C  Y N 81  
CUP C14  C  Y N 82  
CUP C13  C  Y N 83  
CUP C12  C  Y N 84  
CUP N1   N  N N 85  
CUP CU1  CU N N 86  
CUP C1   C  N N 87  
CUP C2   C  Y N 88  
CUP C7   C  Y N 89  
CUP O1   O  N N 90  
CUP C6   C  Y N 91  
CUP C5   C  Y N 92  
CUP C4   C  Y N 93  
CUP C3   C  Y N 94  
CUP H14  H  N N 95  
CUP H13  H  N N 96  
CUP H12  H  N N 97  
CUP H16  H  N N 98  
CUP H15  H  N N 99  
CUP H101 H  N N 100 
CUP H102 H  N N 101 
CUP H9   H  N N 102 
CUP H6   H  N N 103 
CUP H5   H  N N 104 
CUP H4   H  N N 105 
CUP H3   H  N N 106 
CUP H1   H  N N 107 
GLN N    N  N N 108 
GLN CA   C  N S 109 
GLN C    C  N N 110 
GLN O    O  N N 111 
GLN CB   C  N N 112 
GLN CG   C  N N 113 
GLN CD   C  N N 114 
GLN OE1  O  N N 115 
GLN NE2  N  N N 116 
GLN OXT  O  N N 117 
GLN H    H  N N 118 
GLN H2   H  N N 119 
GLN HA   H  N N 120 
GLN HB2  H  N N 121 
GLN HB3  H  N N 122 
GLN HG2  H  N N 123 
GLN HG3  H  N N 124 
GLN HE21 H  N N 125 
GLN HE22 H  N N 126 
GLN HXT  H  N N 127 
GLU N    N  N N 128 
GLU CA   C  N S 129 
GLU C    C  N N 130 
GLU O    O  N N 131 
GLU CB   C  N N 132 
GLU CG   C  N N 133 
GLU CD   C  N N 134 
GLU OE1  O  N N 135 
GLU OE2  O  N N 136 
GLU OXT  O  N N 137 
GLU H    H  N N 138 
GLU H2   H  N N 139 
GLU HA   H  N N 140 
GLU HB2  H  N N 141 
GLU HB3  H  N N 142 
GLU HG2  H  N N 143 
GLU HG3  H  N N 144 
GLU HE2  H  N N 145 
GLU HXT  H  N N 146 
GLY N    N  N N 147 
GLY CA   C  N N 148 
GLY C    C  N N 149 
GLY O    O  N N 150 
GLY OXT  O  N N 151 
GLY H    H  N N 152 
GLY H2   H  N N 153 
GLY HA2  H  N N 154 
GLY HA3  H  N N 155 
GLY HXT  H  N N 156 
HIS N    N  N N 157 
HIS CA   C  N S 158 
HIS C    C  N N 159 
HIS O    O  N N 160 
HIS CB   C  N N 161 
HIS CG   C  Y N 162 
HIS ND1  N  Y N 163 
HIS CD2  C  Y N 164 
HIS CE1  C  Y N 165 
HIS NE2  N  Y N 166 
HIS OXT  O  N N 167 
HIS H    H  N N 168 
HIS H2   H  N N 169 
HIS HA   H  N N 170 
HIS HB2  H  N N 171 
HIS HB3  H  N N 172 
HIS HD1  H  N N 173 
HIS HD2  H  N N 174 
HIS HE1  H  N N 175 
HIS HE2  H  N N 176 
HIS HXT  H  N N 177 
HOH O    O  N N 178 
HOH H1   H  N N 179 
HOH H2   H  N N 180 
ILE N    N  N N 181 
ILE CA   C  N S 182 
ILE C    C  N N 183 
ILE O    O  N N 184 
ILE CB   C  N S 185 
ILE CG1  C  N N 186 
ILE CG2  C  N N 187 
ILE CD1  C  N N 188 
ILE OXT  O  N N 189 
ILE H    H  N N 190 
ILE H2   H  N N 191 
ILE HA   H  N N 192 
ILE HB   H  N N 193 
ILE HG12 H  N N 194 
ILE HG13 H  N N 195 
ILE HG21 H  N N 196 
ILE HG22 H  N N 197 
ILE HG23 H  N N 198 
ILE HD11 H  N N 199 
ILE HD12 H  N N 200 
ILE HD13 H  N N 201 
ILE HXT  H  N N 202 
LEU N    N  N N 203 
LEU CA   C  N S 204 
LEU C    C  N N 205 
LEU O    O  N N 206 
LEU CB   C  N N 207 
LEU CG   C  N N 208 
LEU CD1  C  N N 209 
LEU CD2  C  N N 210 
LEU OXT  O  N N 211 
LEU H    H  N N 212 
LEU H2   H  N N 213 
LEU HA   H  N N 214 
LEU HB2  H  N N 215 
LEU HB3  H  N N 216 
LEU HG   H  N N 217 
LEU HD11 H  N N 218 
LEU HD12 H  N N 219 
LEU HD13 H  N N 220 
LEU HD21 H  N N 221 
LEU HD22 H  N N 222 
LEU HD23 H  N N 223 
LEU HXT  H  N N 224 
LYS N    N  N N 225 
LYS CA   C  N S 226 
LYS C    C  N N 227 
LYS O    O  N N 228 
LYS CB   C  N N 229 
LYS CG   C  N N 230 
LYS CD   C  N N 231 
LYS CE   C  N N 232 
LYS NZ   N  N N 233 
LYS OXT  O  N N 234 
LYS H    H  N N 235 
LYS H2   H  N N 236 
LYS HA   H  N N 237 
LYS HB2  H  N N 238 
LYS HB3  H  N N 239 
LYS HG2  H  N N 240 
LYS HG3  H  N N 241 
LYS HD2  H  N N 242 
LYS HD3  H  N N 243 
LYS HE2  H  N N 244 
LYS HE3  H  N N 245 
LYS HZ1  H  N N 246 
LYS HZ2  H  N N 247 
LYS HZ3  H  N N 248 
LYS HXT  H  N N 249 
MET N    N  N N 250 
MET CA   C  N S 251 
MET C    C  N N 252 
MET O    O  N N 253 
MET CB   C  N N 254 
MET CG   C  N N 255 
MET SD   S  N N 256 
MET CE   C  N N 257 
MET OXT  O  N N 258 
MET H    H  N N 259 
MET H2   H  N N 260 
MET HA   H  N N 261 
MET HB2  H  N N 262 
MET HB3  H  N N 263 
MET HG2  H  N N 264 
MET HG3  H  N N 265 
MET HE1  H  N N 266 
MET HE2  H  N N 267 
MET HE3  H  N N 268 
MET HXT  H  N N 269 
PHE N    N  N N 270 
PHE CA   C  N S 271 
PHE C    C  N N 272 
PHE O    O  N N 273 
PHE CB   C  N N 274 
PHE CG   C  Y N 275 
PHE CD1  C  Y N 276 
PHE CD2  C  Y N 277 
PHE CE1  C  Y N 278 
PHE CE2  C  Y N 279 
PHE CZ   C  Y N 280 
PHE OXT  O  N N 281 
PHE H    H  N N 282 
PHE H2   H  N N 283 
PHE HA   H  N N 284 
PHE HB2  H  N N 285 
PHE HB3  H  N N 286 
PHE HD1  H  N N 287 
PHE HD2  H  N N 288 
PHE HE1  H  N N 289 
PHE HE2  H  N N 290 
PHE HZ   H  N N 291 
PHE HXT  H  N N 292 
PO4 P    P  N N 293 
PO4 O1   O  N N 294 
PO4 O2   O  N N 295 
PO4 O3   O  N N 296 
PO4 O4   O  N N 297 
PRO N    N  N N 298 
PRO CA   C  N S 299 
PRO C    C  N N 300 
PRO O    O  N N 301 
PRO CB   C  N N 302 
PRO CG   C  N N 303 
PRO CD   C  N N 304 
PRO OXT  O  N N 305 
PRO H    H  N N 306 
PRO HA   H  N N 307 
PRO HB2  H  N N 308 
PRO HB3  H  N N 309 
PRO HG2  H  N N 310 
PRO HG3  H  N N 311 
PRO HD2  H  N N 312 
PRO HD3  H  N N 313 
PRO HXT  H  N N 314 
SER N    N  N N 315 
SER CA   C  N S 316 
SER C    C  N N 317 
SER O    O  N N 318 
SER CB   C  N N 319 
SER OG   O  N N 320 
SER OXT  O  N N 321 
SER H    H  N N 322 
SER H2   H  N N 323 
SER HA   H  N N 324 
SER HB2  H  N N 325 
SER HB3  H  N N 326 
SER HG   H  N N 327 
SER HXT  H  N N 328 
THR N    N  N N 329 
THR CA   C  N S 330 
THR C    C  N N 331 
THR O    O  N N 332 
THR CB   C  N R 333 
THR OG1  O  N N 334 
THR CG2  C  N N 335 
THR OXT  O  N N 336 
THR H    H  N N 337 
THR H2   H  N N 338 
THR HA   H  N N 339 
THR HB   H  N N 340 
THR HG1  H  N N 341 
THR HG21 H  N N 342 
THR HG22 H  N N 343 
THR HG23 H  N N 344 
THR HXT  H  N N 345 
TRP N    N  N N 346 
TRP CA   C  N S 347 
TRP C    C  N N 348 
TRP O    O  N N 349 
TRP CB   C  N N 350 
TRP CG   C  Y N 351 
TRP CD1  C  Y N 352 
TRP CD2  C  Y N 353 
TRP NE1  N  Y N 354 
TRP CE2  C  Y N 355 
TRP CE3  C  Y N 356 
TRP CZ2  C  Y N 357 
TRP CZ3  C  Y N 358 
TRP CH2  C  Y N 359 
TRP OXT  O  N N 360 
TRP H    H  N N 361 
TRP H2   H  N N 362 
TRP HA   H  N N 363 
TRP HB2  H  N N 364 
TRP HB3  H  N N 365 
TRP HD1  H  N N 366 
TRP HE1  H  N N 367 
TRP HE3  H  N N 368 
TRP HZ2  H  N N 369 
TRP HZ3  H  N N 370 
TRP HH2  H  N N 371 
TRP HXT  H  N N 372 
TYR N    N  N N 373 
TYR CA   C  N S 374 
TYR C    C  N N 375 
TYR O    O  N N 376 
TYR CB   C  N N 377 
TYR CG   C  Y N 378 
TYR CD1  C  Y N 379 
TYR CD2  C  Y N 380 
TYR CE1  C  Y N 381 
TYR CE2  C  Y N 382 
TYR CZ   C  Y N 383 
TYR OH   O  N N 384 
TYR OXT  O  N N 385 
TYR H    H  N N 386 
TYR H2   H  N N 387 
TYR HA   H  N N 388 
TYR HB2  H  N N 389 
TYR HB3  H  N N 390 
TYR HD1  H  N N 391 
TYR HD2  H  N N 392 
TYR HE1  H  N N 393 
TYR HE2  H  N N 394 
TYR HH   H  N N 395 
TYR HXT  H  N N 396 
VAL N    N  N N 397 
VAL CA   C  N S 398 
VAL C    C  N N 399 
VAL O    O  N N 400 
VAL CB   C  N N 401 
VAL CG1  C  N N 402 
VAL CG2  C  N N 403 
VAL OXT  O  N N 404 
VAL H    H  N N 405 
VAL H2   H  N N 406 
VAL HA   H  N N 407 
VAL HB   H  N N 408 
VAL HG11 H  N N 409 
VAL HG12 H  N N 410 
VAL HG13 H  N N 411 
VAL HG21 H  N N 412 
VAL HG22 H  N N 413 
VAL HG23 H  N N 414 
VAL HXT  H  N N 415 
# 
loop_
_chem_comp_bond.comp_id 
_chem_comp_bond.atom_id_1 
_chem_comp_bond.atom_id_2 
_chem_comp_bond.value_order 
_chem_comp_bond.pdbx_aromatic_flag 
_chem_comp_bond.pdbx_stereo_config 
_chem_comp_bond.pdbx_ordinal 
ALA N   CA   sing N N 1   
ALA N   H    sing N N 2   
ALA N   H2   sing N N 3   
ALA CA  C    sing N N 4   
ALA CA  CB   sing N N 5   
ALA CA  HA   sing N N 6   
ALA C   O    doub N N 7   
ALA C   OXT  sing N N 8   
ALA CB  HB1  sing N N 9   
ALA CB  HB2  sing N N 10  
ALA CB  HB3  sing N N 11  
ALA OXT HXT  sing N N 12  
ARG N   CA   sing N N 13  
ARG N   H    sing N N 14  
ARG N   H2   sing N N 15  
ARG CA  C    sing N N 16  
ARG CA  CB   sing N N 17  
ARG CA  HA   sing N N 18  
ARG C   O    doub N N 19  
ARG C   OXT  sing N N 20  
ARG CB  CG   sing N N 21  
ARG CB  HB2  sing N N 22  
ARG CB  HB3  sing N N 23  
ARG CG  CD   sing N N 24  
ARG CG  HG2  sing N N 25  
ARG CG  HG3  sing N N 26  
ARG CD  NE   sing N N 27  
ARG CD  HD2  sing N N 28  
ARG CD  HD3  sing N N 29  
ARG NE  CZ   sing N N 30  
ARG NE  HE   sing N N 31  
ARG CZ  NH1  sing N N 32  
ARG CZ  NH2  doub N N 33  
ARG NH1 HH11 sing N N 34  
ARG NH1 HH12 sing N N 35  
ARG NH2 HH21 sing N N 36  
ARG NH2 HH22 sing N N 37  
ARG OXT HXT  sing N N 38  
ASN N   CA   sing N N 39  
ASN N   H    sing N N 40  
ASN N   H2   sing N N 41  
ASN CA  C    sing N N 42  
ASN CA  CB   sing N N 43  
ASN CA  HA   sing N N 44  
ASN C   O    doub N N 45  
ASN C   OXT  sing N N 46  
ASN CB  CG   sing N N 47  
ASN CB  HB2  sing N N 48  
ASN CB  HB3  sing N N 49  
ASN CG  OD1  doub N N 50  
ASN CG  ND2  sing N N 51  
ASN ND2 HD21 sing N N 52  
ASN ND2 HD22 sing N N 53  
ASN OXT HXT  sing N N 54  
ASP N   CA   sing N N 55  
ASP N   H    sing N N 56  
ASP N   H2   sing N N 57  
ASP CA  C    sing N N 58  
ASP CA  CB   sing N N 59  
ASP CA  HA   sing N N 60  
ASP C   O    doub N N 61  
ASP C   OXT  sing N N 62  
ASP CB  CG   sing N N 63  
ASP CB  HB2  sing N N 64  
ASP CB  HB3  sing N N 65  
ASP CG  OD1  doub N N 66  
ASP CG  OD2  sing N N 67  
ASP OD2 HD2  sing N N 68  
ASP OXT HXT  sing N N 69  
CUP O3  C8   doub N N 70  
CUP C8  C9   sing N N 71  
CUP C8  O2   sing N N 72  
CUP O2  CU1  sing N N 73  
CUP C9  C10  sing N N 74  
CUP C9  H9   sing N N 75  
CUP C9  N1   sing N N 76  
CUP C10 C11  sing N N 77  
CUP C10 H101 sing N N 78  
CUP C10 H102 sing N N 79  
CUP C11 C12  sing Y N 80  
CUP C11 C16  doub Y N 81  
CUP C16 H16  sing N N 82  
CUP C16 C15  sing Y N 83  
CUP C15 C14  doub Y N 84  
CUP C15 H15  sing N N 85  
CUP C14 H14  sing N N 86  
CUP C14 C13  sing Y N 87  
CUP C13 H13  sing N N 88  
CUP C13 C12  doub Y N 89  
CUP C12 H12  sing N N 90  
CUP N1  C1   doub N N 91  
CUP N1  CU1  sing N N 92  
CUP CU1 O1   sing N N 93  
CUP C1  C2   sing N N 94  
CUP C1  H1   sing N N 95  
CUP C2  C3   doub Y N 96  
CUP C2  C7   sing Y N 97  
CUP C7  O1   sing N N 98  
CUP C7  C6   doub Y N 99  
CUP C6  H6   sing N N 100 
CUP C6  C5   sing Y N 101 
CUP C5  H5   sing N N 102 
CUP C5  C4   doub Y N 103 
CUP C4  H4   sing N N 104 
CUP C4  C3   sing Y N 105 
CUP C3  H3   sing N N 106 
GLN N   CA   sing N N 107 
GLN N   H    sing N N 108 
GLN N   H2   sing N N 109 
GLN CA  C    sing N N 110 
GLN CA  CB   sing N N 111 
GLN CA  HA   sing N N 112 
GLN C   O    doub N N 113 
GLN C   OXT  sing N N 114 
GLN CB  CG   sing N N 115 
GLN CB  HB2  sing N N 116 
GLN CB  HB3  sing N N 117 
GLN CG  CD   sing N N 118 
GLN CG  HG2  sing N N 119 
GLN CG  HG3  sing N N 120 
GLN CD  OE1  doub N N 121 
GLN CD  NE2  sing N N 122 
GLN NE2 HE21 sing N N 123 
GLN NE2 HE22 sing N N 124 
GLN OXT HXT  sing N N 125 
GLU N   CA   sing N N 126 
GLU N   H    sing N N 127 
GLU N   H2   sing N N 128 
GLU CA  C    sing N N 129 
GLU CA  CB   sing N N 130 
GLU CA  HA   sing N N 131 
GLU C   O    doub N N 132 
GLU C   OXT  sing N N 133 
GLU CB  CG   sing N N 134 
GLU CB  HB2  sing N N 135 
GLU CB  HB3  sing N N 136 
GLU CG  CD   sing N N 137 
GLU CG  HG2  sing N N 138 
GLU CG  HG3  sing N N 139 
GLU CD  OE1  doub N N 140 
GLU CD  OE2  sing N N 141 
GLU OE2 HE2  sing N N 142 
GLU OXT HXT  sing N N 143 
GLY N   CA   sing N N 144 
GLY N   H    sing N N 145 
GLY N   H2   sing N N 146 
GLY CA  C    sing N N 147 
GLY CA  HA2  sing N N 148 
GLY CA  HA3  sing N N 149 
GLY C   O    doub N N 150 
GLY C   OXT  sing N N 151 
GLY OXT HXT  sing N N 152 
HIS N   CA   sing N N 153 
HIS N   H    sing N N 154 
HIS N   H2   sing N N 155 
HIS CA  C    sing N N 156 
HIS CA  CB   sing N N 157 
HIS CA  HA   sing N N 158 
HIS C   O    doub N N 159 
HIS C   OXT  sing N N 160 
HIS CB  CG   sing N N 161 
HIS CB  HB2  sing N N 162 
HIS CB  HB3  sing N N 163 
HIS CG  ND1  sing Y N 164 
HIS CG  CD2  doub Y N 165 
HIS ND1 CE1  doub Y N 166 
HIS ND1 HD1  sing N N 167 
HIS CD2 NE2  sing Y N 168 
HIS CD2 HD2  sing N N 169 
HIS CE1 NE2  sing Y N 170 
HIS CE1 HE1  sing N N 171 
HIS NE2 HE2  sing N N 172 
HIS OXT HXT  sing N N 173 
HOH O   H1   sing N N 174 
HOH O   H2   sing N N 175 
ILE N   CA   sing N N 176 
ILE N   H    sing N N 177 
ILE N   H2   sing N N 178 
ILE CA  C    sing N N 179 
ILE CA  CB   sing N N 180 
ILE CA  HA   sing N N 181 
ILE C   O    doub N N 182 
ILE C   OXT  sing N N 183 
ILE CB  CG1  sing N N 184 
ILE CB  CG2  sing N N 185 
ILE CB  HB   sing N N 186 
ILE CG1 CD1  sing N N 187 
ILE CG1 HG12 sing N N 188 
ILE CG1 HG13 sing N N 189 
ILE CG2 HG21 sing N N 190 
ILE CG2 HG22 sing N N 191 
ILE CG2 HG23 sing N N 192 
ILE CD1 HD11 sing N N 193 
ILE CD1 HD12 sing N N 194 
ILE CD1 HD13 sing N N 195 
ILE OXT HXT  sing N N 196 
LEU N   CA   sing N N 197 
LEU N   H    sing N N 198 
LEU N   H2   sing N N 199 
LEU CA  C    sing N N 200 
LEU CA  CB   sing N N 201 
LEU CA  HA   sing N N 202 
LEU C   O    doub N N 203 
LEU C   OXT  sing N N 204 
LEU CB  CG   sing N N 205 
LEU CB  HB2  sing N N 206 
LEU CB  HB3  sing N N 207 
LEU CG  CD1  sing N N 208 
LEU CG  CD2  sing N N 209 
LEU CG  HG   sing N N 210 
LEU CD1 HD11 sing N N 211 
LEU CD1 HD12 sing N N 212 
LEU CD1 HD13 sing N N 213 
LEU CD2 HD21 sing N N 214 
LEU CD2 HD22 sing N N 215 
LEU CD2 HD23 sing N N 216 
LEU OXT HXT  sing N N 217 
LYS N   CA   sing N N 218 
LYS N   H    sing N N 219 
LYS N   H2   sing N N 220 
LYS CA  C    sing N N 221 
LYS CA  CB   sing N N 222 
LYS CA  HA   sing N N 223 
LYS C   O    doub N N 224 
LYS C   OXT  sing N N 225 
LYS CB  CG   sing N N 226 
LYS CB  HB2  sing N N 227 
LYS CB  HB3  sing N N 228 
LYS CG  CD   sing N N 229 
LYS CG  HG2  sing N N 230 
LYS CG  HG3  sing N N 231 
LYS CD  CE   sing N N 232 
LYS CD  HD2  sing N N 233 
LYS CD  HD3  sing N N 234 
LYS CE  NZ   sing N N 235 
LYS CE  HE2  sing N N 236 
LYS CE  HE3  sing N N 237 
LYS NZ  HZ1  sing N N 238 
LYS NZ  HZ2  sing N N 239 
LYS NZ  HZ3  sing N N 240 
LYS OXT HXT  sing N N 241 
MET N   CA   sing N N 242 
MET N   H    sing N N 243 
MET N   H2   sing N N 244 
MET CA  C    sing N N 245 
MET CA  CB   sing N N 246 
MET CA  HA   sing N N 247 
MET C   O    doub N N 248 
MET C   OXT  sing N N 249 
MET CB  CG   sing N N 250 
MET CB  HB2  sing N N 251 
MET CB  HB3  sing N N 252 
MET CG  SD   sing N N 253 
MET CG  HG2  sing N N 254 
MET CG  HG3  sing N N 255 
MET SD  CE   sing N N 256 
MET CE  HE1  sing N N 257 
MET CE  HE2  sing N N 258 
MET CE  HE3  sing N N 259 
MET OXT HXT  sing N N 260 
PHE N   CA   sing N N 261 
PHE N   H    sing N N 262 
PHE N   H2   sing N N 263 
PHE CA  C    sing N N 264 
PHE CA  CB   sing N N 265 
PHE CA  HA   sing N N 266 
PHE C   O    doub N N 267 
PHE C   OXT  sing N N 268 
PHE CB  CG   sing N N 269 
PHE CB  HB2  sing N N 270 
PHE CB  HB3  sing N N 271 
PHE CG  CD1  doub Y N 272 
PHE CG  CD2  sing Y N 273 
PHE CD1 CE1  sing Y N 274 
PHE CD1 HD1  sing N N 275 
PHE CD2 CE2  doub Y N 276 
PHE CD2 HD2  sing N N 277 
PHE CE1 CZ   doub Y N 278 
PHE CE1 HE1  sing N N 279 
PHE CE2 CZ   sing Y N 280 
PHE CE2 HE2  sing N N 281 
PHE CZ  HZ   sing N N 282 
PHE OXT HXT  sing N N 283 
PO4 P   O1   doub N N 284 
PO4 P   O2   sing N N 285 
PO4 P   O3   sing N N 286 
PO4 P   O4   sing N N 287 
PRO N   CA   sing N N 288 
PRO N   CD   sing N N 289 
PRO N   H    sing N N 290 
PRO CA  C    sing N N 291 
PRO CA  CB   sing N N 292 
PRO CA  HA   sing N N 293 
PRO C   O    doub N N 294 
PRO C   OXT  sing N N 295 
PRO CB  CG   sing N N 296 
PRO CB  HB2  sing N N 297 
PRO CB  HB3  sing N N 298 
PRO CG  CD   sing N N 299 
PRO CG  HG2  sing N N 300 
PRO CG  HG3  sing N N 301 
PRO CD  HD2  sing N N 302 
PRO CD  HD3  sing N N 303 
PRO OXT HXT  sing N N 304 
SER N   CA   sing N N 305 
SER N   H    sing N N 306 
SER N   H2   sing N N 307 
SER CA  C    sing N N 308 
SER CA  CB   sing N N 309 
SER CA  HA   sing N N 310 
SER C   O    doub N N 311 
SER C   OXT  sing N N 312 
SER CB  OG   sing N N 313 
SER CB  HB2  sing N N 314 
SER CB  HB3  sing N N 315 
SER OG  HG   sing N N 316 
SER OXT HXT  sing N N 317 
THR N   CA   sing N N 318 
THR N   H    sing N N 319 
THR N   H2   sing N N 320 
THR CA  C    sing N N 321 
THR CA  CB   sing N N 322 
THR CA  HA   sing N N 323 
THR C   O    doub N N 324 
THR C   OXT  sing N N 325 
THR CB  OG1  sing N N 326 
THR CB  CG2  sing N N 327 
THR CB  HB   sing N N 328 
THR OG1 HG1  sing N N 329 
THR CG2 HG21 sing N N 330 
THR CG2 HG22 sing N N 331 
THR CG2 HG23 sing N N 332 
THR OXT HXT  sing N N 333 
TRP N   CA   sing N N 334 
TRP N   H    sing N N 335 
TRP N   H2   sing N N 336 
TRP CA  C    sing N N 337 
TRP CA  CB   sing N N 338 
TRP CA  HA   sing N N 339 
TRP C   O    doub N N 340 
TRP C   OXT  sing N N 341 
TRP CB  CG   sing N N 342 
TRP CB  HB2  sing N N 343 
TRP CB  HB3  sing N N 344 
TRP CG  CD1  doub Y N 345 
TRP CG  CD2  sing Y N 346 
TRP CD1 NE1  sing Y N 347 
TRP CD1 HD1  sing N N 348 
TRP CD2 CE2  doub Y N 349 
TRP CD2 CE3  sing Y N 350 
TRP NE1 CE2  sing Y N 351 
TRP NE1 HE1  sing N N 352 
TRP CE2 CZ2  sing Y N 353 
TRP CE3 CZ3  doub Y N 354 
TRP CE3 HE3  sing N N 355 
TRP CZ2 CH2  doub Y N 356 
TRP CZ2 HZ2  sing N N 357 
TRP CZ3 CH2  sing Y N 358 
TRP CZ3 HZ3  sing N N 359 
TRP CH2 HH2  sing N N 360 
TRP OXT HXT  sing N N 361 
TYR N   CA   sing N N 362 
TYR N   H    sing N N 363 
TYR N   H2   sing N N 364 
TYR CA  C    sing N N 365 
TYR CA  CB   sing N N 366 
TYR CA  HA   sing N N 367 
TYR C   O    doub N N 368 
TYR C   OXT  sing N N 369 
TYR CB  CG   sing N N 370 
TYR CB  HB2  sing N N 371 
TYR CB  HB3  sing N N 372 
TYR CG  CD1  doub Y N 373 
TYR CG  CD2  sing Y N 374 
TYR CD1 CE1  sing Y N 375 
TYR CD1 HD1  sing N N 376 
TYR CD2 CE2  doub Y N 377 
TYR CD2 HD2  sing N N 378 
TYR CE1 CZ   doub Y N 379 
TYR CE1 HE1  sing N N 380 
TYR CE2 CZ   sing Y N 381 
TYR CE2 HE2  sing N N 382 
TYR CZ  OH   sing N N 383 
TYR OH  HH   sing N N 384 
TYR OXT HXT  sing N N 385 
VAL N   CA   sing N N 386 
VAL N   H    sing N N 387 
VAL N   H2   sing N N 388 
VAL CA  C    sing N N 389 
VAL CA  CB   sing N N 390 
VAL CA  HA   sing N N 391 
VAL C   O    doub N N 392 
VAL C   OXT  sing N N 393 
VAL CB  CG1  sing N N 394 
VAL CB  CG2  sing N N 395 
VAL CB  HB   sing N N 396 
VAL CG1 HG11 sing N N 397 
VAL CG1 HG12 sing N N 398 
VAL CG1 HG13 sing N N 399 
VAL CG2 HG21 sing N N 400 
VAL CG2 HG22 sing N N 401 
VAL CG2 HG23 sing N N 402 
VAL OXT HXT  sing N N 403 
# 
loop_
_pdbx_entity_nonpoly.entity_id 
_pdbx_entity_nonpoly.name 
_pdbx_entity_nonpoly.comp_id 
2 'PHOSPHATE ION'                              PO4 
3 '(N-SALICYLIDEN-L-PHENYLALANATO)-COPPER(II)' CUP 
4 water                                        HOH 
# 
_pdbx_initial_refinement_model.id               1 
_pdbx_initial_refinement_model.entity_id_list   ? 
_pdbx_initial_refinement_model.type             'experimental model' 
_pdbx_initial_refinement_model.source_name      PDB 
_pdbx_initial_refinement_model.accession_code   1V9Q 
_pdbx_initial_refinement_model.details          ? 
# 
